data_3KTS
#
_entry.id   3KTS
#
_cell.length_a   137.603
_cell.length_b   110.599
_cell.length_c   130.971
_cell.angle_alpha   90.00
_cell.angle_beta   116.44
_cell.angle_gamma   90.00
#
_symmetry.space_group_name_H-M   'C 1 2 1'
#
loop_
_entity.id
_entity.type
_entity.pdbx_description
1 polymer 'Glycerol uptake operon antiterminator regulatory protein'
2 non-polymer 'UNKNOWN LIGAND'
3 water water
#
_entity_poly.entity_id   1
_entity_poly.type   'polypeptide(L)'
_entity_poly.pdbx_seq_one_letter_code
;MSLELPFSNQSIIPAAHNQKDMEKILELDLTYMVMLETHVAQLKALVKYAQAGGKKVLLHADLVNGLKNDDYAIDFLCTE
ICPDGIISTRGNAIMKAKQHKMLAIQRLFMIDSSAYNKGVALIQKVQPDCIELLPGIIPEQVQKMTQKLHIPVIAGGLIE
TSEQVNQVIASGAIAVTTSNKHLWEGHHHHHH
;
_entity_poly.pdbx_strand_id   A,B,C,D,E,F,G,H
#
# COMPACT_ATOMS: atom_id res chain seq x y z
N LEU A 3 16.80 -24.87 -32.87
CA LEU A 3 17.81 -24.36 -31.90
C LEU A 3 17.25 -23.19 -31.09
N GLU A 4 16.65 -23.50 -29.94
CA GLU A 4 16.13 -22.48 -29.03
C GLU A 4 17.27 -21.72 -28.33
N LEU A 5 16.96 -20.54 -27.81
CA LEU A 5 17.96 -19.68 -27.17
C LEU A 5 18.48 -20.25 -25.85
N PRO A 6 19.82 -20.14 -25.63
CA PRO A 6 20.57 -20.77 -24.52
C PRO A 6 20.05 -20.55 -23.10
N PHE A 7 19.21 -19.54 -22.89
CA PHE A 7 18.51 -19.38 -21.61
C PHE A 7 17.11 -20.00 -21.68
N SER A 8 17.09 -21.31 -21.87
CA SER A 8 15.88 -22.12 -21.70
C SER A 8 15.84 -22.52 -20.23
N ASN A 9 14.64 -22.52 -19.65
CA ASN A 9 14.41 -22.76 -18.21
C ASN A 9 15.15 -21.82 -17.25
N GLN A 10 15.47 -20.63 -17.75
CA GLN A 10 15.93 -19.55 -16.90
C GLN A 10 15.01 -18.36 -17.11
N SER A 11 14.20 -18.07 -16.10
CA SER A 11 13.13 -17.08 -16.20
C SER A 11 13.59 -15.67 -15.84
N ILE A 12 14.40 -15.57 -14.79
CA ILE A 12 14.98 -14.29 -14.40
C ILE A 12 16.41 -14.23 -14.89
N ILE A 13 16.71 -13.17 -15.63
CA ILE A 13 18.06 -12.84 -16.01
C ILE A 13 18.39 -11.56 -15.27
N PRO A 14 19.14 -11.66 -14.15
CA PRO A 14 19.48 -10.50 -13.35
C PRO A 14 20.26 -9.44 -14.11
N ALA A 15 19.99 -8.18 -13.81
CA ALA A 15 20.59 -7.06 -14.51
C ALA A 15 21.42 -6.21 -13.55
N ALA A 16 22.72 -6.19 -13.76
CA ALA A 16 23.65 -5.48 -12.89
C ALA A 16 23.87 -4.04 -13.34
N HIS A 17 23.66 -3.09 -12.43
CA HIS A 17 24.00 -1.68 -12.64
C HIS A 17 25.41 -1.40 -12.13
N ASN A 18 25.83 -2.17 -11.13
CA ASN A 18 27.06 -1.94 -10.38
C ASN A 18 28.10 -3.01 -10.60
N GLN A 19 29.30 -2.76 -10.07
CA GLN A 19 30.30 -3.79 -9.89
C GLN A 19 29.87 -4.64 -8.69
N LYS A 20 29.29 -3.99 -7.68
CA LYS A 20 28.77 -4.64 -6.48
C LYS A 20 27.52 -5.48 -6.73
N ASP A 21 26.76 -5.12 -7.76
CA ASP A 21 25.57 -5.89 -8.15
C ASP A 21 25.93 -7.22 -8.78
N MET A 22 27.09 -7.29 -9.43
CA MET A 22 27.55 -8.53 -10.03
C MET A 22 28.11 -9.50 -8.98
N GLU A 23 28.58 -8.95 -7.86
CA GLU A 23 29.01 -9.75 -6.71
C GLU A 23 27.81 -10.43 -6.08
N LYS A 24 26.72 -9.68 -5.96
CA LYS A 24 25.44 -10.18 -5.46
C LYS A 24 24.95 -11.36 -6.29
N ILE A 25 25.03 -11.24 -7.61
CA ILE A 25 24.51 -12.27 -8.51
C ILE A 25 25.49 -13.41 -8.79
N LEU A 26 26.72 -13.28 -8.30
CA LEU A 26 27.72 -14.32 -8.49
C LEU A 26 27.46 -15.49 -7.52
N GLU A 27 26.63 -15.22 -6.51
CA GLU A 27 26.24 -16.22 -5.52
C GLU A 27 24.87 -16.83 -5.83
N LEU A 28 24.50 -16.85 -7.12
CA LEU A 28 23.17 -17.30 -7.52
C LEU A 28 23.19 -18.44 -8.53
N ASP A 29 22.12 -19.23 -8.53
CA ASP A 29 22.02 -20.44 -9.35
C ASP A 29 21.77 -20.14 -10.82
N LEU A 30 21.31 -18.92 -11.10
CA LEU A 30 21.01 -18.46 -12.46
C LEU A 30 22.28 -18.28 -13.28
N THR A 31 22.29 -18.85 -14.49
CA THR A 31 23.51 -18.88 -15.31
C THR A 31 23.78 -17.60 -16.14
N TYR A 32 22.75 -17.06 -16.81
CA TYR A 32 22.90 -15.82 -17.60
C TYR A 32 22.65 -14.53 -16.80
N MET A 33 23.53 -13.55 -17.00
CA MET A 33 23.40 -12.24 -16.37
C MET A 33 23.43 -11.11 -17.40
N VAL A 34 22.96 -9.93 -16.99
CA VAL A 34 22.98 -8.76 -17.85
C VAL A 34 23.78 -7.63 -17.22
N MET A 35 24.67 -7.04 -18.01
CA MET A 35 25.52 -5.95 -17.52
C MET A 35 25.14 -4.62 -18.17
N LEU A 36 24.67 -3.68 -17.36
CA LEU A 36 23.88 -2.56 -17.86
C LEU A 36 24.77 -1.36 -18.17
N GLU A 37 25.27 -0.71 -17.12
CA GLU A 37 26.25 0.35 -17.28
C GLU A 37 27.65 -0.13 -16.94
N THR A 38 28.61 0.23 -17.78
CA THR A 38 29.98 -0.25 -17.62
C THR A 38 30.99 0.83 -17.97
N HIS A 39 32.27 0.56 -17.72
CA HIS A 39 33.33 1.47 -18.08
C HIS A 39 34.30 0.72 -18.95
N VAL A 40 34.64 1.30 -20.10
CA VAL A 40 35.53 0.67 -21.09
C VAL A 40 36.92 0.29 -20.52
N ALA A 41 37.35 1.01 -19.49
CA ALA A 41 38.62 0.78 -18.81
C ALA A 41 38.61 -0.54 -18.04
N GLN A 42 37.54 -0.77 -17.30
CA GLN A 42 37.43 -1.96 -16.46
C GLN A 42 36.74 -3.13 -17.16
N LEU A 43 36.38 -2.94 -18.43
CA LEU A 43 35.46 -3.84 -19.13
C LEU A 43 35.90 -5.31 -19.29
N LYS A 44 37.10 -5.52 -19.86
CA LYS A 44 37.62 -6.86 -20.15
C LYS A 44 37.73 -7.72 -18.88
N ALA A 45 38.18 -7.09 -17.79
CA ALA A 45 38.30 -7.75 -16.49
C ALA A 45 36.95 -8.20 -15.95
N LEU A 46 35.98 -7.29 -15.97
CA LEU A 46 34.61 -7.55 -15.46
C LEU A 46 33.88 -8.66 -16.19
N VAL A 47 34.15 -8.82 -17.49
CA VAL A 47 33.56 -9.90 -18.27
C VAL A 47 34.25 -11.23 -17.93
N LYS A 48 35.58 -11.22 -17.88
CA LYS A 48 36.35 -12.43 -17.58
C LYS A 48 36.16 -12.89 -16.14
N TYR A 49 35.96 -11.94 -15.22
CA TYR A 49 35.69 -12.26 -13.81
C TYR A 49 34.29 -12.84 -13.61
N ALA A 50 33.35 -12.43 -14.44
CA ALA A 50 31.99 -12.96 -14.39
C ALA A 50 31.93 -14.33 -15.04
N GLN A 51 32.71 -14.51 -16.10
CA GLN A 51 32.80 -15.80 -16.78
C GLN A 51 33.62 -16.83 -15.99
N ALA A 52 34.49 -16.33 -15.10
CA ALA A 52 35.25 -17.19 -14.19
C ALA A 52 34.35 -17.80 -13.11
N GLY A 53 33.24 -17.13 -12.80
CA GLY A 53 32.28 -17.63 -11.82
C GLY A 53 31.13 -18.42 -12.43
N GLY A 54 31.36 -18.95 -13.65
CA GLY A 54 30.39 -19.76 -14.36
C GLY A 54 29.16 -19.02 -14.87
N LYS A 55 29.25 -17.70 -14.94
CA LYS A 55 28.14 -16.86 -15.38
C LYS A 55 28.36 -16.38 -16.80
N LYS A 56 27.35 -16.56 -17.64
CA LYS A 56 27.40 -16.07 -19.02
C LYS A 56 26.86 -14.64 -19.12
N VAL A 57 27.57 -13.79 -19.85
CA VAL A 57 27.29 -12.34 -19.85
C VAL A 57 26.60 -11.81 -21.11
N LEU A 58 25.48 -11.12 -20.89
CA LEU A 58 24.83 -10.32 -21.91
C LEU A 58 25.19 -8.86 -21.65
N LEU A 59 25.95 -8.26 -22.57
CA LEU A 59 26.48 -6.91 -22.38
C LEU A 59 25.77 -5.83 -23.19
N HIS A 60 25.32 -4.78 -22.50
CA HIS A 60 24.77 -3.62 -23.17
C HIS A 60 25.83 -2.81 -23.89
N ALA A 61 25.86 -2.97 -25.22
CA ALA A 61 26.81 -2.30 -26.09
C ALA A 61 26.64 -0.78 -26.08
N ASP A 62 25.41 -0.33 -25.84
CA ASP A 62 25.10 1.09 -25.85
C ASP A 62 25.46 1.80 -24.55
N LEU A 63 25.63 1.03 -23.47
CA LEU A 63 25.87 1.56 -22.13
C LEU A 63 27.32 1.45 -21.63
N VAL A 64 28.27 1.28 -22.56
CA VAL A 64 29.68 1.22 -22.21
C VAL A 64 30.31 2.60 -22.29
N ASN A 65 30.41 3.25 -21.13
CA ASN A 65 31.05 4.57 -21.03
C ASN A 65 32.47 4.64 -21.58
N GLY A 66 32.68 5.60 -22.48
CA GLY A 66 33.97 5.79 -23.15
C GLY A 66 34.05 5.14 -24.51
N LEU A 67 33.06 4.28 -24.81
CA LEU A 67 33.01 3.52 -26.07
C LEU A 67 31.72 3.80 -26.84
N LYS A 68 31.86 4.07 -28.14
CA LYS A 68 30.72 4.26 -29.03
C LYS A 68 30.00 2.92 -29.27
N ASN A 69 28.97 2.94 -30.11
CA ASN A 69 28.37 1.69 -30.59
C ASN A 69 28.56 1.51 -32.11
N ASP A 70 29.64 2.13 -32.60
CA ASP A 70 30.24 1.93 -33.93
C ASP A 70 30.46 0.47 -34.29
N ASP A 71 30.63 0.20 -35.57
CA ASP A 71 31.11 -1.10 -36.03
C ASP A 71 32.44 -1.46 -35.38
N TYR A 72 33.36 -0.49 -35.31
CA TYR A 72 34.67 -0.69 -34.68
C TYR A 72 34.54 -1.03 -33.21
N ALA A 73 33.56 -0.42 -32.55
CA ALA A 73 33.29 -0.66 -31.14
C ALA A 73 32.70 -2.04 -30.91
N ILE A 74 31.90 -2.51 -31.87
CA ILE A 74 31.28 -3.84 -31.78
C ILE A 74 32.33 -4.90 -32.06
N ASP A 75 33.18 -4.63 -33.05
CA ASP A 75 34.39 -5.43 -33.34
C ASP A 75 35.22 -5.67 -32.07
N PHE A 76 35.46 -4.60 -31.31
CA PHE A 76 36.18 -4.63 -30.03
C PHE A 76 35.50 -5.53 -29.00
N LEU A 77 34.18 -5.46 -28.93
CA LEU A 77 33.41 -6.26 -27.98
C LEU A 77 33.45 -7.73 -28.33
N CYS A 78 33.49 -8.03 -29.62
CA CYS A 78 33.44 -9.41 -30.11
C CYS A 78 34.80 -10.10 -30.15
N THR A 79 35.84 -9.34 -30.50
CA THR A 79 37.19 -9.88 -30.63
C THR A 79 38.03 -9.76 -29.36
N GLU A 80 37.84 -8.69 -28.60
CA GLU A 80 38.70 -8.43 -27.43
C GLU A 80 38.04 -8.44 -26.05
N ILE A 81 36.73 -8.29 -25.98
CA ILE A 81 36.05 -8.35 -24.67
C ILE A 81 35.35 -9.70 -24.49
N CYS A 82 34.61 -10.11 -25.53
CA CYS A 82 33.92 -11.41 -25.61
C CYS A 82 32.94 -11.72 -24.48
N PRO A 83 31.79 -11.00 -24.43
CA PRO A 83 30.72 -11.54 -23.60
C PRO A 83 30.07 -12.70 -24.32
N ASP A 84 29.03 -13.28 -23.73
CA ASP A 84 28.34 -14.39 -24.37
C ASP A 84 27.24 -13.92 -25.31
N GLY A 85 26.88 -12.65 -25.17
CA GLY A 85 25.92 -11.98 -26.05
C GLY A 85 26.00 -10.48 -25.91
N ILE A 86 25.52 -9.75 -26.92
CA ILE A 86 25.44 -8.29 -26.82
C ILE A 86 24.01 -7.75 -27.02
N ILE A 87 23.74 -6.63 -26.36
CA ILE A 87 22.44 -5.99 -26.48
C ILE A 87 22.68 -4.58 -26.99
N SER A 88 22.02 -4.26 -28.10
CA SER A 88 22.05 -2.92 -28.63
C SER A 88 20.68 -2.49 -29.16
N THR A 89 20.50 -1.19 -29.26
CA THR A 89 19.27 -0.61 -29.75
C THR A 89 19.50 -0.22 -31.21
N ARG A 90 20.78 -0.13 -31.56
CA ARG A 90 21.24 0.22 -32.89
C ARG A 90 21.18 -1.01 -33.78
N GLY A 91 20.69 -0.82 -35.01
CA GLY A 91 20.57 -1.93 -35.96
C GLY A 91 21.89 -2.41 -36.52
N ASN A 92 22.78 -1.46 -36.78
CA ASN A 92 24.12 -1.74 -37.30
C ASN A 92 24.96 -2.61 -36.38
N ALA A 93 24.71 -2.48 -35.07
CA ALA A 93 25.39 -3.28 -34.08
C ALA A 93 24.88 -4.73 -34.06
N ILE A 94 23.60 -4.91 -34.32
CA ILE A 94 23.00 -6.23 -34.41
C ILE A 94 23.52 -6.97 -35.65
N MET A 95 23.66 -6.22 -36.75
CA MET A 95 24.22 -6.75 -38.00
C MET A 95 25.67 -7.18 -37.81
N LYS A 96 26.45 -6.33 -37.15
CA LYS A 96 27.87 -6.60 -36.92
C LYS A 96 28.09 -7.79 -35.99
N ALA A 97 27.30 -7.88 -34.92
CA ALA A 97 27.43 -8.96 -33.95
C ALA A 97 27.14 -10.31 -34.59
N LYS A 98 26.18 -10.31 -35.51
CA LYS A 98 25.83 -11.51 -36.27
C LYS A 98 26.94 -11.98 -37.19
N GLN A 99 27.80 -11.07 -37.65
CA GLN A 99 28.95 -11.44 -38.46
C GLN A 99 29.98 -12.19 -37.63
N HIS A 100 30.10 -11.81 -36.35
CA HIS A 100 31.03 -12.43 -35.43
C HIS A 100 30.42 -13.62 -34.71
N LYS A 101 29.26 -14.06 -35.19
CA LYS A 101 28.49 -15.18 -34.62
C LYS A 101 28.22 -14.97 -33.13
N MET A 102 27.83 -13.73 -32.78
CA MET A 102 27.45 -13.36 -31.42
C MET A 102 25.95 -13.37 -31.26
N LEU A 103 25.51 -13.64 -30.03
CA LEU A 103 24.11 -13.59 -29.68
C LEU A 103 23.72 -12.12 -29.67
N ALA A 104 23.06 -11.70 -30.74
CA ALA A 104 22.62 -10.31 -30.87
C ALA A 104 21.16 -10.15 -30.48
N ILE A 105 20.92 -9.52 -29.33
CA ILE A 105 19.56 -9.19 -28.91
C ILE A 105 19.26 -7.69 -29.09
N GLN A 106 18.14 -7.38 -29.75
CA GLN A 106 17.79 -5.99 -30.08
C GLN A 106 16.81 -5.38 -29.09
N ARG A 107 17.18 -4.22 -28.57
CA ARG A 107 16.39 -3.55 -27.54
C ARG A 107 15.34 -2.65 -28.17
N LEU A 108 14.10 -2.81 -27.71
CA LEU A 108 13.00 -2.01 -28.21
C LEU A 108 12.30 -1.35 -27.05
N PHE A 109 11.95 -0.08 -27.21
CA PHE A 109 11.22 0.68 -26.19
C PHE A 109 9.78 0.88 -26.62
N MET A 110 8.85 0.18 -25.98
CA MET A 110 7.41 0.38 -26.21
C MET A 110 6.94 1.76 -25.72
N ILE A 111 7.20 2.77 -26.53
CA ILE A 111 6.90 4.16 -26.15
C ILE A 111 5.57 4.57 -26.77
N ASP A 112 5.49 4.53 -28.10
CA ASP A 112 4.29 4.89 -28.84
C ASP A 112 4.11 4.01 -30.08
N SER A 113 3.11 4.31 -30.88
CA SER A 113 2.84 3.59 -32.13
C SER A 113 3.95 3.78 -33.16
N SER A 114 4.61 4.94 -33.11
CA SER A 114 5.69 5.25 -34.04
C SER A 114 6.92 4.41 -33.71
N ALA A 115 7.19 4.26 -32.42
CA ALA A 115 8.28 3.44 -31.91
C ALA A 115 8.08 1.96 -32.25
N TYR A 116 6.83 1.49 -32.15
CA TYR A 116 6.46 0.16 -32.59
C TYR A 116 6.77 -0.03 -34.08
N ASN A 117 6.16 0.82 -34.92
CA ASN A 117 6.24 0.72 -36.39
C ASN A 117 7.65 0.78 -36.95
N LYS A 118 8.44 1.70 -36.43
CA LYS A 118 9.84 1.85 -36.87
C LYS A 118 10.67 0.70 -36.33
N GLY A 119 10.33 0.24 -35.13
CA GLY A 119 11.04 -0.83 -34.44
C GLY A 119 10.81 -2.19 -35.06
N VAL A 120 9.56 -2.48 -35.44
CA VAL A 120 9.26 -3.75 -36.12
C VAL A 120 9.89 -3.78 -37.51
N ALA A 121 9.98 -2.61 -38.14
CA ALA A 121 10.64 -2.48 -39.44
C ALA A 121 12.15 -2.73 -39.31
N LEU A 122 12.72 -2.29 -38.18
CA LEU A 122 14.16 -2.50 -37.92
C LEU A 122 14.47 -3.95 -37.61
N ILE A 123 13.61 -4.58 -36.81
CA ILE A 123 13.67 -6.01 -36.50
C ILE A 123 13.60 -6.84 -37.78
N GLN A 124 12.70 -6.43 -38.68
CA GLN A 124 12.53 -7.09 -39.97
C GLN A 124 13.81 -7.02 -40.80
N LYS A 125 14.46 -5.87 -40.77
CA LYS A 125 15.68 -5.62 -41.54
C LYS A 125 16.89 -6.40 -40.99
N VAL A 126 17.18 -6.26 -39.70
CA VAL A 126 18.45 -6.75 -39.17
C VAL A 126 18.40 -8.20 -38.67
N GLN A 127 17.19 -8.72 -38.51
CA GLN A 127 16.93 -10.09 -38.07
C GLN A 127 17.71 -10.47 -36.82
N PRO A 128 17.33 -9.89 -35.66
CA PRO A 128 18.11 -10.16 -34.48
C PRO A 128 17.87 -11.57 -33.98
N ASP A 129 18.81 -12.10 -33.22
CA ASP A 129 18.68 -13.42 -32.62
C ASP A 129 17.59 -13.41 -31.57
N CYS A 130 17.36 -12.24 -30.98
CA CYS A 130 16.41 -12.08 -29.88
C CYS A 130 15.98 -10.61 -29.80
N ILE A 131 14.87 -10.34 -29.10
CA ILE A 131 14.49 -8.93 -28.82
C ILE A 131 14.11 -8.69 -27.36
N GLU A 132 14.72 -7.68 -26.76
CA GLU A 132 14.31 -7.26 -25.41
C GLU A 132 13.27 -6.13 -25.54
N LEU A 133 12.09 -6.34 -24.96
CA LEU A 133 11.05 -5.31 -24.93
C LEU A 133 10.98 -4.64 -23.56
N LEU A 134 10.89 -3.30 -23.58
CA LEU A 134 10.74 -2.50 -22.36
C LEU A 134 9.58 -1.53 -22.52
N PRO A 135 8.77 -1.33 -21.47
CA PRO A 135 8.81 -1.99 -20.17
C PRO A 135 8.24 -3.40 -20.23
N GLY A 136 8.53 -4.18 -19.19
CA GLY A 136 8.09 -5.56 -19.12
C GLY A 136 6.76 -5.74 -18.39
N ILE A 137 6.06 -4.63 -18.18
CA ILE A 137 4.76 -4.68 -17.52
C ILE A 137 3.57 -4.41 -18.44
N ILE A 138 3.79 -4.55 -19.76
CA ILE A 138 2.67 -4.54 -20.71
C ILE A 138 2.59 -5.89 -21.41
N PRO A 139 1.88 -6.85 -20.79
CA PRO A 139 1.84 -8.22 -21.28
C PRO A 139 1.15 -8.36 -22.63
N GLU A 140 0.17 -7.51 -22.92
CA GLU A 140 -0.54 -7.58 -24.18
C GLU A 140 0.27 -7.09 -25.38
N GLN A 141 1.23 -6.19 -25.13
CA GLN A 141 2.14 -5.74 -26.19
C GLN A 141 3.20 -6.78 -26.50
N VAL A 142 3.59 -7.55 -25.49
CA VAL A 142 4.53 -8.66 -25.64
C VAL A 142 3.85 -9.79 -26.41
N GLN A 143 2.56 -9.97 -26.15
CA GLN A 143 1.72 -10.92 -26.87
C GLN A 143 1.60 -10.57 -28.36
N LYS A 144 1.22 -9.32 -28.65
CA LYS A 144 1.11 -8.80 -30.02
C LYS A 144 2.40 -8.97 -30.80
N MET A 145 3.54 -8.71 -30.14
CA MET A 145 4.83 -8.72 -30.80
C MET A 145 5.26 -10.13 -31.16
N THR A 146 5.05 -11.07 -30.24
CA THR A 146 5.49 -12.44 -30.42
C THR A 146 4.74 -13.11 -31.57
N GLN A 147 3.48 -12.73 -31.75
CA GLN A 147 2.63 -13.36 -32.76
C GLN A 147 2.85 -12.72 -34.13
N LYS A 148 3.92 -11.93 -34.26
CA LYS A 148 4.17 -11.17 -35.46
C LYS A 148 5.16 -11.89 -36.38
N LEU A 149 6.35 -12.18 -35.85
CA LEU A 149 7.40 -12.79 -36.63
C LEU A 149 7.72 -14.20 -36.12
N HIS A 150 7.62 -14.37 -34.81
CA HIS A 150 8.46 -15.33 -34.10
C HIS A 150 9.94 -15.10 -34.39
N ILE A 151 10.49 -14.04 -33.82
CA ILE A 151 11.69 -14.15 -32.98
C ILE A 151 11.33 -14.16 -31.51
N PRO A 152 12.12 -14.86 -30.71
CA PRO A 152 11.94 -14.88 -29.26
C PRO A 152 12.13 -13.49 -28.64
N VAL A 153 11.28 -13.15 -27.68
CA VAL A 153 11.39 -11.86 -26.98
C VAL A 153 11.63 -12.02 -25.47
N ILE A 154 12.59 -11.24 -24.96
CA ILE A 154 12.77 -11.06 -23.52
C ILE A 154 11.96 -9.81 -23.19
N ALA A 155 11.39 -9.75 -21.98
CA ALA A 155 10.81 -8.51 -21.49
C ALA A 155 11.59 -8.03 -20.28
N GLY A 156 11.70 -6.71 -20.15
CA GLY A 156 12.46 -6.11 -19.08
C GLY A 156 11.93 -4.73 -18.76
N GLY A 157 12.25 -4.24 -17.57
CA GLY A 157 11.84 -2.91 -17.15
C GLY A 157 10.60 -2.91 -16.30
N LEU A 158 10.75 -2.35 -15.10
CA LEU A 158 9.64 -2.09 -14.16
C LEU A 158 8.95 -3.32 -13.56
N ILE A 159 9.57 -4.49 -13.69
CA ILE A 159 8.99 -5.71 -13.07
C ILE A 159 9.31 -5.76 -11.58
N GLU A 160 8.28 -5.53 -10.76
CA GLU A 160 8.39 -5.55 -9.31
C GLU A 160 8.01 -6.91 -8.69
N THR A 161 6.99 -7.56 -9.26
CA THR A 161 6.39 -8.74 -8.63
C THR A 161 6.55 -10.01 -9.45
N SER A 162 6.31 -11.15 -8.81
CA SER A 162 6.30 -12.45 -9.47
C SER A 162 5.06 -12.63 -10.34
N GLU A 163 3.99 -11.92 -9.99
CA GLU A 163 2.77 -11.87 -10.78
C GLU A 163 3.10 -11.34 -12.18
N GLN A 164 3.84 -10.24 -12.22
CA GLN A 164 4.24 -9.56 -13.43
C GLN A 164 5.18 -10.42 -14.29
N VAL A 165 6.10 -11.13 -13.66
CA VAL A 165 7.00 -12.06 -14.35
C VAL A 165 6.17 -13.14 -15.05
N ASN A 166 5.27 -13.75 -14.30
CA ASN A 166 4.39 -14.79 -14.80
C ASN A 166 3.49 -14.35 -15.95
N GLN A 167 2.86 -13.18 -15.79
CA GLN A 167 1.94 -12.60 -16.78
C GLN A 167 2.62 -12.37 -18.13
N VAL A 168 3.84 -11.84 -18.09
CA VAL A 168 4.56 -11.50 -19.30
C VAL A 168 5.17 -12.73 -19.99
N ILE A 169 5.58 -13.72 -19.18
CA ILE A 169 6.14 -14.98 -19.69
C ILE A 169 5.03 -15.82 -20.30
N ALA A 170 3.82 -15.74 -19.73
CA ALA A 170 2.66 -16.43 -20.29
C ALA A 170 2.12 -15.76 -21.55
N SER A 171 2.56 -14.52 -21.80
CA SER A 171 2.15 -13.78 -22.98
C SER A 171 3.01 -14.11 -24.21
N GLY A 172 4.18 -14.70 -23.96
CA GLY A 172 5.08 -15.07 -25.05
C GLY A 172 6.55 -14.82 -24.79
N ALA A 173 6.86 -14.16 -23.67
CA ALA A 173 8.25 -13.89 -23.31
C ALA A 173 8.98 -15.16 -22.92
N ILE A 174 10.21 -15.27 -23.42
CA ILE A 174 11.07 -16.43 -23.20
C ILE A 174 11.74 -16.32 -21.83
N ALA A 175 11.98 -15.09 -21.38
CA ALA A 175 12.57 -14.78 -20.07
C ALA A 175 12.34 -13.31 -19.71
N VAL A 176 12.75 -12.95 -18.49
CA VAL A 176 12.61 -11.59 -17.98
C VAL A 176 13.99 -11.07 -17.59
N THR A 177 14.28 -9.82 -17.92
CA THR A 177 15.44 -9.13 -17.34
C THR A 177 14.97 -8.11 -16.33
N THR A 178 15.71 -8.00 -15.24
CA THR A 178 15.33 -7.13 -14.13
C THR A 178 16.48 -6.87 -13.15
N SER A 179 16.49 -5.67 -12.58
CA SER A 179 17.43 -5.34 -11.53
C SER A 179 16.72 -5.23 -10.19
N ASN A 180 15.48 -5.73 -10.13
CA ASN A 180 14.74 -5.84 -8.87
C ASN A 180 15.33 -6.97 -8.04
N LYS A 181 16.05 -6.59 -6.99
CA LYS A 181 16.87 -7.49 -6.18
C LYS A 181 16.07 -8.58 -5.45
N HIS A 182 14.80 -8.28 -5.15
CA HIS A 182 13.91 -9.18 -4.41
C HIS A 182 13.63 -10.49 -5.14
N LEU A 183 13.28 -10.39 -6.41
CA LEU A 183 12.92 -11.58 -7.19
C LEU A 183 14.10 -12.28 -7.88
N TRP A 184 15.31 -11.95 -7.44
CA TRP A 184 16.51 -12.64 -7.89
C TRP A 184 16.63 -14.01 -7.25
N GLU A 185 16.12 -14.13 -6.03
CA GLU A 185 16.11 -15.39 -5.29
C GLU A 185 14.69 -15.88 -5.07
N GLY A 186 13.73 -15.25 -5.76
CA GLY A 186 12.31 -15.47 -5.54
C GLY A 186 11.69 -16.64 -6.29
N HIS A 187 11.98 -16.75 -7.58
CA HIS A 187 11.35 -17.78 -8.44
C HIS A 187 11.89 -19.19 -8.19
N LEU B 3 -3.59 28.63 -11.96
CA LEU B 3 -4.45 28.24 -13.11
C LEU B 3 -4.22 26.78 -13.49
N GLU B 4 -5.31 26.06 -13.77
CA GLU B 4 -5.22 24.78 -14.46
C GLU B 4 -4.92 25.10 -15.93
N LEU B 5 -3.74 24.65 -16.39
CA LEU B 5 -3.21 25.03 -17.70
C LEU B 5 -4.10 24.56 -18.86
N PRO B 6 -4.65 25.51 -19.63
CA PRO B 6 -5.88 25.53 -20.44
C PRO B 6 -6.62 24.20 -20.76
N PHE B 7 -5.90 23.15 -21.12
CA PHE B 7 -6.52 21.86 -21.48
C PHE B 7 -7.03 21.03 -20.28
N SER B 8 -8.04 21.55 -19.59
CA SER B 8 -8.69 20.78 -18.52
C SER B 8 -9.80 19.92 -19.10
N ASN B 9 -10.64 20.53 -19.92
CA ASN B 9 -11.82 19.87 -20.49
C ASN B 9 -11.57 19.32 -21.90
N GLN B 10 -10.35 18.84 -22.12
CA GLN B 10 -9.99 18.15 -23.34
C GLN B 10 -9.37 16.83 -22.92
N SER B 11 -10.08 15.74 -23.21
CA SER B 11 -9.63 14.40 -22.83
C SER B 11 -8.51 13.92 -23.73
N ILE B 12 -8.69 14.12 -25.03
CA ILE B 12 -7.72 13.72 -26.04
C ILE B 12 -7.03 14.95 -26.62
N ILE B 13 -5.70 14.94 -26.60
CA ILE B 13 -4.89 15.91 -27.33
C ILE B 13 -4.31 15.21 -28.56
N PRO B 14 -4.84 15.53 -29.76
CA PRO B 14 -4.36 14.97 -31.03
C PRO B 14 -2.88 15.27 -31.31
N ALA B 15 -2.14 14.24 -31.71
CA ALA B 15 -0.72 14.37 -32.00
C ALA B 15 -0.48 14.13 -33.49
N ALA B 16 0.22 15.06 -34.13
CA ALA B 16 0.45 14.98 -35.58
C ALA B 16 1.90 14.63 -35.94
N HIS B 17 2.06 13.62 -36.78
CA HIS B 17 3.37 13.23 -37.32
C HIS B 17 3.66 13.97 -38.62
N ASN B 18 2.66 14.03 -39.50
CA ASN B 18 2.76 14.73 -40.78
C ASN B 18 2.10 16.10 -40.74
N GLN B 19 2.39 16.89 -41.76
CA GLN B 19 1.65 18.10 -42.06
C GLN B 19 0.22 17.74 -42.43
N LYS B 20 0.06 16.66 -43.21
CA LYS B 20 -1.26 16.14 -43.59
C LYS B 20 -2.08 15.70 -42.37
N ASP B 21 -1.40 15.27 -41.31
CA ASP B 21 -2.07 14.95 -40.06
C ASP B 21 -2.63 16.20 -39.40
N MET B 22 -1.94 17.33 -39.55
CA MET B 22 -2.45 18.61 -39.03
C MET B 22 -3.65 19.11 -39.85
N GLU B 23 -3.69 18.72 -41.13
CA GLU B 23 -4.80 19.03 -42.03
C GLU B 23 -6.06 18.34 -41.53
N LYS B 24 -5.92 17.07 -41.15
CA LYS B 24 -7.01 16.28 -40.60
C LYS B 24 -7.46 16.77 -39.22
N ILE B 25 -6.52 17.27 -38.41
CA ILE B 25 -6.86 17.72 -37.05
C ILE B 25 -7.15 19.21 -36.95
N LEU B 26 -7.15 19.89 -38.08
CA LEU B 26 -7.56 21.29 -38.13
C LEU B 26 -9.08 21.39 -38.29
N GLU B 27 -9.67 20.31 -38.79
CA GLU B 27 -11.12 20.18 -38.95
C GLU B 27 -11.77 19.45 -37.77
N LEU B 28 -11.26 19.72 -36.57
CA LEU B 28 -11.73 19.06 -35.36
C LEU B 28 -12.13 20.08 -34.29
N ASP B 29 -13.09 19.72 -33.45
CA ASP B 29 -13.59 20.62 -32.41
C ASP B 29 -12.68 20.64 -31.18
N LEU B 30 -11.56 19.93 -31.26
CA LEU B 30 -10.57 19.91 -30.18
C LEU B 30 -9.61 21.08 -30.35
N THR B 31 -9.54 21.93 -29.33
CA THR B 31 -8.75 23.16 -29.39
C THR B 31 -7.22 22.98 -29.29
N TYR B 32 -6.76 22.04 -28.46
CA TYR B 32 -5.32 21.79 -28.30
C TYR B 32 -4.79 20.64 -29.16
N MET B 33 -3.52 20.75 -29.55
CA MET B 33 -2.85 19.74 -30.41
C MET B 33 -1.35 19.61 -30.14
N VAL B 34 -0.76 18.53 -30.66
CA VAL B 34 0.66 18.24 -30.48
C VAL B 34 1.34 18.04 -31.83
N MET B 35 2.43 18.77 -32.05
CA MET B 35 3.22 18.62 -33.27
C MET B 35 4.51 17.86 -32.99
N LEU B 36 4.68 16.72 -33.66
CA LEU B 36 5.69 15.75 -33.28
C LEU B 36 6.98 15.94 -34.07
N GLU B 37 6.99 15.43 -35.30
CA GLU B 37 8.15 15.56 -36.18
C GLU B 37 7.98 16.74 -37.12
N THR B 38 8.94 17.66 -37.07
CA THR B 38 8.90 18.85 -37.93
C THR B 38 10.25 19.09 -38.57
N HIS B 39 10.24 19.85 -39.66
CA HIS B 39 11.47 20.28 -40.32
C HIS B 39 11.67 21.76 -40.05
N VAL B 40 12.88 22.14 -39.61
CA VAL B 40 13.16 23.51 -39.18
C VAL B 40 12.81 24.59 -40.23
N ALA B 41 13.04 24.27 -41.51
CA ALA B 41 12.70 25.13 -42.65
C ALA B 41 11.21 25.42 -42.77
N GLN B 42 10.38 24.46 -42.35
CA GLN B 42 8.92 24.61 -42.43
C GLN B 42 8.25 24.98 -41.10
N LEU B 43 9.05 25.00 -40.03
CA LEU B 43 8.53 25.05 -38.66
C LEU B 43 7.64 26.25 -38.36
N LYS B 44 8.16 27.47 -38.60
CA LYS B 44 7.39 28.70 -38.38
C LYS B 44 6.06 28.66 -39.14
N ALA B 45 6.13 28.29 -40.41
CA ALA B 45 4.96 28.19 -41.29
C ALA B 45 3.89 27.24 -40.74
N LEU B 46 4.31 26.11 -40.17
CA LEU B 46 3.39 25.12 -39.64
C LEU B 46 2.73 25.57 -38.33
N VAL B 47 3.52 26.20 -37.46
CA VAL B 47 3.05 26.68 -36.16
C VAL B 47 2.05 27.84 -36.31
N LYS B 48 2.45 28.84 -37.09
CA LYS B 48 1.65 30.03 -37.30
C LYS B 48 0.33 29.71 -38.01
N TYR B 49 0.37 28.79 -38.96
CA TYR B 49 -0.82 28.40 -39.70
C TYR B 49 -1.82 27.66 -38.84
N ALA B 50 -1.31 26.81 -37.93
CA ALA B 50 -2.15 26.03 -37.04
C ALA B 50 -2.78 26.93 -35.97
N GLN B 51 -2.07 28.00 -35.62
CA GLN B 51 -2.60 29.01 -34.70
C GLN B 51 -3.64 29.89 -35.40
N ALA B 52 -3.46 30.12 -36.69
CA ALA B 52 -4.42 30.85 -37.51
C ALA B 52 -5.68 30.02 -37.78
N GLY B 53 -5.54 28.70 -37.80
CA GLY B 53 -6.67 27.79 -37.92
C GLY B 53 -7.45 27.67 -36.62
N GLY B 54 -7.02 28.40 -35.59
CA GLY B 54 -7.66 28.39 -34.28
C GLY B 54 -7.35 27.15 -33.47
N LYS B 55 -6.08 26.74 -33.49
CA LYS B 55 -5.58 25.61 -32.68
C LYS B 55 -4.31 26.00 -31.93
N LYS B 56 -4.22 25.57 -30.68
CA LYS B 56 -3.08 25.86 -29.84
C LYS B 56 -2.08 24.70 -29.90
N VAL B 57 -0.79 25.04 -30.07
CA VAL B 57 0.23 24.06 -30.46
C VAL B 57 1.21 23.70 -29.34
N LEU B 58 1.29 22.41 -29.05
CA LEU B 58 2.31 21.87 -28.16
C LEU B 58 3.39 21.23 -29.03
N LEU B 59 4.54 21.90 -29.11
CA LEU B 59 5.55 21.55 -30.09
C LEU B 59 6.66 20.74 -29.48
N HIS B 60 7.02 19.65 -30.16
CA HIS B 60 8.04 18.77 -29.64
C HIS B 60 9.45 19.28 -29.96
N ALA B 61 10.11 19.83 -28.94
CA ALA B 61 11.40 20.50 -29.08
C ALA B 61 12.56 19.58 -29.48
N ASP B 62 12.41 18.28 -29.23
CA ASP B 62 13.47 17.29 -29.49
C ASP B 62 13.46 16.78 -30.92
N LEU B 63 12.36 17.02 -31.63
CA LEU B 63 12.09 16.39 -32.93
C LEU B 63 12.02 17.38 -34.09
N VAL B 64 12.76 18.48 -33.99
CA VAL B 64 12.81 19.45 -35.08
C VAL B 64 14.09 19.21 -35.87
N ASN B 65 13.94 18.57 -37.03
CA ASN B 65 15.07 18.20 -37.88
C ASN B 65 15.84 19.41 -38.37
N GLY B 66 17.14 19.41 -38.07
CA GLY B 66 18.03 20.51 -38.46
C GLY B 66 18.33 21.37 -37.26
N LEU B 67 17.48 21.26 -36.24
CA LEU B 67 17.59 22.11 -35.07
C LEU B 67 18.00 21.28 -33.88
N LYS B 68 19.00 21.76 -33.14
CA LYS B 68 19.40 21.15 -31.88
C LYS B 68 18.31 21.40 -30.83
N ASN B 69 18.54 20.95 -29.59
CA ASN B 69 17.70 21.37 -28.47
C ASN B 69 18.52 22.05 -27.38
N ASP B 70 19.61 22.66 -27.83
CA ASP B 70 20.38 23.67 -27.10
C ASP B 70 19.48 24.74 -26.47
N ASP B 71 20.03 25.50 -25.52
CA ASP B 71 19.36 26.68 -25.00
C ASP B 71 19.10 27.68 -26.12
N TYR B 72 20.06 27.81 -27.03
CA TYR B 72 19.98 28.68 -28.21
C TYR B 72 18.77 28.36 -29.10
N ALA B 73 18.53 27.06 -29.31
CA ALA B 73 17.42 26.60 -30.12
C ALA B 73 16.10 26.74 -29.38
N ILE B 74 16.15 26.60 -28.06
CA ILE B 74 14.96 26.82 -27.24
C ILE B 74 14.58 28.31 -27.24
N ASP B 75 15.58 29.19 -27.22
CA ASP B 75 15.35 30.64 -27.43
C ASP B 75 14.61 30.88 -28.75
N PHE B 76 15.08 30.23 -29.81
CA PHE B 76 14.49 30.31 -31.16
C PHE B 76 13.04 29.83 -31.22
N LEU B 77 12.72 28.75 -30.50
CA LEU B 77 11.35 28.25 -30.45
C LEU B 77 10.43 29.22 -29.70
N CYS B 78 10.96 29.83 -28.65
CA CYS B 78 10.22 30.73 -27.80
C CYS B 78 10.06 32.15 -28.37
N THR B 79 11.13 32.71 -28.93
CA THR B 79 11.12 34.08 -29.44
C THR B 79 10.71 34.19 -30.93
N GLU B 80 11.11 33.22 -31.74
CA GLU B 80 10.86 33.31 -33.19
C GLU B 80 9.78 32.37 -33.73
N ILE B 81 9.51 31.26 -33.04
CA ILE B 81 8.49 30.31 -33.53
C ILE B 81 7.17 30.42 -32.75
N CYS B 82 7.28 30.53 -31.43
CA CYS B 82 6.15 30.70 -30.50
C CYS B 82 4.99 29.69 -30.61
N PRO B 83 5.22 28.42 -30.21
CA PRO B 83 4.05 27.57 -30.04
C PRO B 83 3.42 27.86 -28.67
N ASP B 84 2.27 27.27 -28.39
CA ASP B 84 1.57 27.55 -27.14
C ASP B 84 2.18 26.79 -25.96
N GLY B 85 3.12 25.91 -26.29
CA GLY B 85 3.85 25.10 -25.32
C GLY B 85 4.87 24.24 -26.03
N ILE B 86 5.87 23.77 -25.28
CA ILE B 86 6.83 22.82 -25.82
C ILE B 86 6.88 21.54 -24.99
N ILE B 87 7.20 20.44 -25.67
CA ILE B 87 7.37 19.15 -25.04
C ILE B 87 8.83 18.80 -25.21
N SER B 88 9.52 18.55 -24.10
CA SER B 88 10.89 18.09 -24.19
C SER B 88 11.27 17.05 -23.16
N THR B 89 12.32 16.31 -23.49
CA THR B 89 12.82 15.25 -22.66
C THR B 89 13.95 15.79 -21.79
N ARG B 90 14.55 16.90 -22.23
CA ARG B 90 15.78 17.43 -21.65
C ARG B 90 15.53 18.54 -20.66
N GLY B 91 16.10 18.39 -19.47
CA GLY B 91 15.91 19.33 -18.35
C GLY B 91 16.28 20.76 -18.69
N ASN B 92 17.38 20.94 -19.40
CA ASN B 92 17.86 22.26 -19.82
C ASN B 92 16.87 22.99 -20.72
N ALA B 93 16.18 22.23 -21.56
CA ALA B 93 15.15 22.77 -22.44
C ALA B 93 13.94 23.24 -21.65
N ILE B 94 13.61 22.48 -20.59
CA ILE B 94 12.46 22.78 -19.73
C ILE B 94 12.68 24.08 -18.95
N MET B 95 13.86 24.21 -18.34
CA MET B 95 14.27 25.39 -17.58
C MET B 95 14.25 26.65 -18.45
N LYS B 96 14.84 26.55 -19.64
CA LYS B 96 14.94 27.67 -20.55
C LYS B 96 13.57 28.12 -21.07
N ALA B 97 12.67 27.16 -21.25
CA ALA B 97 11.29 27.43 -21.70
C ALA B 97 10.51 28.29 -20.71
N LYS B 98 10.68 28.00 -19.42
CA LYS B 98 9.98 28.71 -18.35
C LYS B 98 10.40 30.16 -18.22
N GLN B 99 11.66 30.46 -18.57
CA GLN B 99 12.19 31.82 -18.61
C GLN B 99 11.43 32.68 -19.61
N HIS B 100 11.03 32.07 -20.73
CA HIS B 100 10.24 32.74 -21.75
C HIS B 100 8.74 32.56 -21.51
N LYS B 101 8.38 32.11 -20.31
CA LYS B 101 7.00 31.79 -19.91
C LYS B 101 6.30 30.84 -20.88
N MET B 102 6.98 29.74 -21.24
CA MET B 102 6.39 28.68 -22.06
C MET B 102 5.82 27.57 -21.21
N LEU B 103 4.72 26.99 -21.69
CA LEU B 103 4.15 25.79 -21.11
C LEU B 103 5.17 24.68 -21.34
N ALA B 104 5.93 24.36 -20.29
CA ALA B 104 6.99 23.38 -20.39
C ALA B 104 6.51 22.01 -19.94
N ILE B 105 6.21 21.16 -20.92
CA ILE B 105 5.81 19.79 -20.66
C ILE B 105 7.03 18.88 -20.72
N GLN B 106 7.33 18.20 -19.62
CA GLN B 106 8.47 17.30 -19.58
C GLN B 106 8.07 15.88 -19.97
N ARG B 107 8.75 15.35 -20.99
CA ARG B 107 8.49 14.01 -21.44
C ARG B 107 9.32 13.01 -20.64
N LEU B 108 8.67 11.93 -20.21
CA LEU B 108 9.33 10.82 -19.52
C LEU B 108 8.90 9.48 -20.10
N PHE B 109 9.90 8.66 -20.45
CA PHE B 109 9.64 7.30 -20.93
C PHE B 109 9.68 6.33 -19.76
N MET B 110 8.61 5.55 -19.62
CA MET B 110 8.50 4.54 -18.57
C MET B 110 9.14 3.24 -19.02
N ILE B 111 10.44 3.31 -19.26
CA ILE B 111 11.20 2.17 -19.76
C ILE B 111 11.57 1.18 -18.63
N ASP B 112 12.26 1.67 -17.61
CA ASP B 112 12.72 0.84 -16.49
C ASP B 112 12.90 1.65 -15.21
N SER B 113 13.47 1.03 -14.17
CA SER B 113 13.64 1.68 -12.87
C SER B 113 14.70 2.78 -12.90
N SER B 114 15.71 2.61 -13.73
CA SER B 114 16.74 3.65 -13.89
C SER B 114 16.19 4.92 -14.54
N ALA B 115 15.32 4.74 -15.53
CA ALA B 115 14.68 5.86 -16.20
C ALA B 115 13.58 6.48 -15.34
N TYR B 116 13.01 5.67 -14.44
CA TYR B 116 12.02 6.16 -13.50
C TYR B 116 12.69 7.04 -12.45
N ASN B 117 13.83 6.55 -11.94
CA ASN B 117 14.55 7.23 -10.87
C ASN B 117 15.21 8.51 -11.34
N LYS B 118 15.93 8.44 -12.46
CA LYS B 118 16.52 9.62 -13.08
C LYS B 118 15.42 10.59 -13.52
N GLY B 119 14.29 10.02 -13.93
CA GLY B 119 13.10 10.79 -14.33
C GLY B 119 12.57 11.67 -13.23
N VAL B 120 12.09 11.06 -12.14
CA VAL B 120 11.55 11.80 -11.00
C VAL B 120 12.53 12.83 -10.41
N ALA B 121 13.81 12.48 -10.37
CA ALA B 121 14.87 13.38 -9.91
C ALA B 121 15.01 14.61 -10.81
N LEU B 122 14.91 14.40 -12.13
CA LEU B 122 14.98 15.50 -13.09
C LEU B 122 13.73 16.37 -13.02
N ILE B 123 12.55 15.73 -12.94
CA ILE B 123 11.27 16.44 -12.78
C ILE B 123 11.28 17.30 -11.51
N GLN B 124 11.85 16.75 -10.44
CA GLN B 124 12.05 17.47 -9.18
C GLN B 124 12.92 18.71 -9.37
N LYS B 125 14.06 18.54 -10.05
CA LYS B 125 15.04 19.60 -10.23
C LYS B 125 14.51 20.77 -11.06
N VAL B 126 13.83 20.48 -12.17
CA VAL B 126 13.45 21.55 -13.12
C VAL B 126 12.01 22.05 -12.98
N GLN B 127 11.17 21.26 -12.30
CA GLN B 127 9.76 21.58 -12.02
C GLN B 127 8.95 22.05 -13.24
N PRO B 128 8.58 21.12 -14.12
CA PRO B 128 7.85 21.49 -15.33
C PRO B 128 6.39 21.81 -15.05
N ASP B 129 5.74 22.47 -16.00
CA ASP B 129 4.33 22.83 -15.87
C ASP B 129 3.45 21.60 -15.96
N CYS B 130 3.95 20.61 -16.69
CA CYS B 130 3.22 19.38 -16.93
C CYS B 130 4.21 18.27 -17.24
N ILE B 131 3.76 17.02 -17.15
CA ILE B 131 4.57 15.87 -17.56
C ILE B 131 3.83 14.93 -18.50
N GLU B 132 4.48 14.60 -19.62
CA GLU B 132 3.97 13.60 -20.53
C GLU B 132 4.61 12.25 -20.23
N LEU B 133 3.84 11.34 -19.65
CA LEU B 133 4.27 9.97 -19.44
C LEU B 133 3.97 9.12 -20.66
N LEU B 134 4.93 8.27 -21.03
CA LEU B 134 4.77 7.30 -22.12
C LEU B 134 5.36 5.98 -21.71
N PRO B 135 4.72 4.85 -22.08
CA PRO B 135 3.45 4.68 -22.78
C PRO B 135 2.23 5.06 -21.94
N GLY B 136 1.09 5.23 -22.60
CA GLY B 136 -0.12 5.63 -21.90
C GLY B 136 -0.85 4.46 -21.28
N ILE B 137 -0.60 3.26 -21.80
CA ILE B 137 -1.38 2.09 -21.43
C ILE B 137 -0.94 1.33 -20.17
N ILE B 138 -0.23 2.01 -19.29
CA ILE B 138 -0.04 1.51 -17.93
C ILE B 138 -0.70 2.49 -16.97
N PRO B 139 -2.00 2.28 -16.68
CA PRO B 139 -2.76 3.19 -15.83
C PRO B 139 -2.24 3.24 -14.38
N GLU B 140 -1.73 2.11 -13.88
CA GLU B 140 -1.21 2.01 -12.52
C GLU B 140 0.01 2.91 -12.27
N GLN B 141 0.91 3.00 -13.27
CA GLN B 141 2.14 3.77 -13.15
C GLN B 141 1.94 5.28 -13.12
N VAL B 142 0.83 5.72 -13.72
CA VAL B 142 0.40 7.12 -13.66
C VAL B 142 0.00 7.49 -12.24
N GLN B 143 -0.71 6.56 -11.58
CA GLN B 143 -1.21 6.75 -10.21
C GLN B 143 -0.09 6.93 -9.19
N LYS B 144 1.03 6.24 -9.39
CA LYS B 144 2.26 6.49 -8.66
C LYS B 144 2.74 7.92 -8.85
N MET B 145 2.77 8.37 -10.10
CA MET B 145 3.32 9.68 -10.45
C MET B 145 2.46 10.89 -10.05
N THR B 146 1.13 10.72 -10.11
CA THR B 146 0.20 11.76 -9.69
C THR B 146 0.31 12.07 -8.19
N GLN B 147 0.65 11.05 -7.41
CA GLN B 147 0.81 11.19 -5.96
C GLN B 147 2.26 10.94 -5.54
N LYS B 148 3.16 11.78 -6.06
CA LYS B 148 4.56 11.83 -5.67
C LYS B 148 5.04 13.27 -5.74
N LEU B 149 4.50 14.02 -6.70
CA LEU B 149 4.86 15.42 -6.91
C LEU B 149 3.64 16.31 -7.15
N HIS B 150 2.53 15.68 -7.56
CA HIS B 150 1.26 16.34 -7.94
C HIS B 150 1.40 17.47 -8.99
N ILE B 151 2.30 17.25 -9.93
CA ILE B 151 2.37 18.02 -11.17
C ILE B 151 1.48 17.26 -12.15
N PRO B 152 0.56 17.97 -12.86
CA PRO B 152 -0.41 17.31 -13.75
C PRO B 152 0.25 16.40 -14.80
N VAL B 153 -0.37 15.26 -15.09
CA VAL B 153 0.21 14.33 -16.05
C VAL B 153 -0.60 14.23 -17.34
N ILE B 154 0.10 14.10 -18.46
CA ILE B 154 -0.50 13.69 -19.71
C ILE B 154 0.04 12.29 -19.98
N ALA B 155 -0.80 11.42 -20.52
CA ALA B 155 -0.39 10.07 -20.87
C ALA B 155 -0.46 9.90 -22.38
N GLY B 156 0.60 9.37 -22.96
CA GLY B 156 0.69 9.23 -24.40
C GLY B 156 1.29 7.92 -24.86
N GLY B 157 0.92 7.50 -26.06
CA GLY B 157 1.51 6.31 -26.66
C GLY B 157 0.74 5.05 -26.38
N LEU B 158 0.40 4.36 -27.47
CA LEU B 158 -0.20 3.01 -27.48
C LEU B 158 -1.67 2.91 -27.13
N ILE B 159 -2.30 4.05 -26.84
CA ILE B 159 -3.73 4.10 -26.53
C ILE B 159 -4.53 3.70 -27.77
N GLU B 160 -5.41 2.72 -27.61
CA GLU B 160 -6.18 2.19 -28.74
C GLU B 160 -7.70 2.35 -28.59
N THR B 161 -8.19 2.29 -27.35
CA THR B 161 -9.64 2.27 -27.10
C THR B 161 -10.13 3.41 -26.19
N SER B 162 -11.45 3.54 -26.10
CA SER B 162 -12.09 4.51 -25.21
C SER B 162 -11.83 4.21 -23.74
N GLU B 163 -11.83 2.91 -23.40
CA GLU B 163 -11.56 2.44 -22.03
C GLU B 163 -10.18 2.90 -21.55
N GLN B 164 -9.17 2.72 -22.38
CA GLN B 164 -7.79 3.06 -22.05
C GLN B 164 -7.61 4.55 -21.75
N VAL B 165 -8.31 5.38 -22.51
CA VAL B 165 -8.37 6.83 -22.28
C VAL B 165 -9.00 7.09 -20.91
N ASN B 166 -10.18 6.49 -20.70
CA ASN B 166 -10.93 6.64 -19.45
C ASN B 166 -10.17 6.13 -18.23
N GLN B 167 -9.58 4.95 -18.35
CA GLN B 167 -8.85 4.28 -17.25
C GLN B 167 -7.65 5.06 -16.76
N VAL B 168 -6.94 5.70 -17.69
CA VAL B 168 -5.74 6.43 -17.34
C VAL B 168 -6.09 7.83 -16.81
N ILE B 169 -7.23 8.37 -17.26
CA ILE B 169 -7.77 9.62 -16.71
C ILE B 169 -8.26 9.39 -15.28
N ALA B 170 -8.90 8.24 -15.08
CA ALA B 170 -9.31 7.76 -13.74
C ALA B 170 -8.13 7.62 -12.77
N SER B 171 -6.95 7.37 -13.32
CA SER B 171 -5.72 7.27 -12.55
C SER B 171 -5.07 8.64 -12.28
N GLY B 172 -5.69 9.71 -12.77
CA GLY B 172 -5.20 11.07 -12.52
C GLY B 172 -4.57 11.79 -13.70
N ALA B 173 -4.76 11.26 -14.92
CA ALA B 173 -4.35 12.00 -16.10
C ALA B 173 -5.39 13.05 -16.44
N ILE B 174 -4.94 14.28 -16.63
CA ILE B 174 -5.83 15.38 -17.00
C ILE B 174 -6.15 15.35 -18.49
N ALA B 175 -5.26 14.75 -19.28
CA ALA B 175 -5.43 14.59 -20.71
C ALA B 175 -4.59 13.45 -21.29
N VAL B 176 -4.92 13.05 -22.52
CA VAL B 176 -4.27 11.93 -23.20
C VAL B 176 -3.75 12.40 -24.57
N THR B 177 -2.45 12.29 -24.80
CA THR B 177 -1.93 12.54 -26.15
C THR B 177 -2.01 11.27 -26.96
N THR B 178 -2.47 11.39 -28.19
CA THR B 178 -2.54 10.24 -29.09
C THR B 178 -2.55 10.64 -30.56
N SER B 179 -1.92 9.82 -31.40
CA SER B 179 -1.96 10.01 -32.85
C SER B 179 -2.89 8.98 -33.48
N ASN B 180 -3.61 8.26 -32.63
CA ASN B 180 -4.56 7.25 -33.10
C ASN B 180 -5.80 7.92 -33.70
N LYS B 181 -5.96 7.71 -34.99
CA LYS B 181 -6.96 8.40 -35.82
C LYS B 181 -8.39 8.02 -35.46
N HIS B 182 -8.59 6.77 -35.06
CA HIS B 182 -9.90 6.20 -34.74
C HIS B 182 -10.62 6.97 -33.64
N LEU B 183 -9.89 7.34 -32.58
CA LEU B 183 -10.49 8.07 -31.47
C LEU B 183 -10.12 9.55 -31.44
N TRP B 184 -10.02 10.15 -32.62
CA TRP B 184 -9.97 11.62 -32.72
C TRP B 184 -11.38 12.17 -32.75
N GLU B 185 -12.29 11.40 -33.35
CA GLU B 185 -13.72 11.65 -33.27
C GLU B 185 -14.37 10.72 -32.25
N GLY B 186 -13.55 10.12 -31.39
CA GLY B 186 -14.01 9.19 -30.35
C GLY B 186 -14.79 9.88 -29.24
N HIS B 187 -14.08 10.63 -28.39
CA HIS B 187 -14.72 11.37 -27.29
C HIS B 187 -15.21 12.74 -27.75
N GLU C 4 -17.45 24.19 12.62
CA GLU C 4 -18.00 23.22 13.62
C GLU C 4 -18.90 22.17 12.97
N LEU C 5 -18.90 20.97 13.52
CA LEU C 5 -19.86 19.94 13.17
C LEU C 5 -21.20 20.19 13.85
N PRO C 6 -22.27 19.62 13.30
CA PRO C 6 -23.59 20.26 13.29
C PRO C 6 -24.42 19.85 14.49
N PHE C 7 -24.00 18.79 15.18
CA PHE C 7 -24.36 18.60 16.59
C PHE C 7 -24.50 19.93 17.31
N SER C 8 -23.58 20.85 17.04
CA SER C 8 -22.90 21.58 18.10
C SER C 8 -23.90 22.27 19.02
N ASN C 9 -23.70 22.11 20.32
CA ASN C 9 -24.75 22.37 21.30
C ASN C 9 -25.95 21.46 21.11
N GLN C 10 -25.69 20.20 20.77
CA GLN C 10 -26.47 19.09 21.27
C GLN C 10 -25.59 18.11 22.05
N SER C 11 -25.62 18.23 23.38
CA SER C 11 -24.70 17.47 24.23
C SER C 11 -24.91 15.99 24.06
N ILE C 12 -26.17 15.60 23.95
CA ILE C 12 -26.55 14.21 23.93
C ILE C 12 -27.16 13.81 22.57
N ILE C 13 -26.51 12.86 21.91
CA ILE C 13 -27.01 12.28 20.67
C ILE C 13 -27.55 10.88 20.99
N PRO C 14 -28.88 10.71 20.92
CA PRO C 14 -29.49 9.43 21.24
C PRO C 14 -29.17 8.34 20.22
N ALA C 15 -28.99 7.12 20.71
CA ALA C 15 -28.62 5.98 19.87
C ALA C 15 -29.66 4.87 20.00
N ALA C 16 -30.14 4.36 18.87
CA ALA C 16 -31.24 3.38 18.85
C ALA C 16 -30.84 1.97 18.40
N HIS C 17 -31.19 0.97 19.21
CA HIS C 17 -31.02 -0.43 18.80
C HIS C 17 -32.21 -0.91 17.97
N ASN C 18 -33.40 -0.50 18.38
CA ASN C 18 -34.65 -1.01 17.80
C ASN C 18 -35.34 -0.01 16.89
N GLN C 19 -36.32 -0.52 16.16
CA GLN C 19 -37.25 0.31 15.43
C GLN C 19 -38.24 0.93 16.43
N LYS C 20 -38.43 0.26 17.55
CA LYS C 20 -39.36 0.71 18.59
C LYS C 20 -38.81 1.79 19.51
N ASP C 21 -37.50 2.02 19.49
CA ASP C 21 -36.97 3.18 20.23
C ASP C 21 -36.41 4.31 19.36
N MET C 22 -36.40 4.12 18.05
CA MET C 22 -36.26 5.24 17.12
C MET C 22 -37.63 5.92 17.00
N GLU C 23 -38.66 5.22 17.47
CA GLU C 23 -39.98 5.77 17.71
C GLU C 23 -39.90 6.75 18.86
N LYS C 24 -39.21 6.34 19.92
CA LYS C 24 -39.08 7.10 21.16
C LYS C 24 -38.34 8.43 20.96
N ILE C 25 -37.38 8.45 20.06
CA ILE C 25 -36.63 9.69 19.80
C ILE C 25 -37.13 10.46 18.58
N LEU C 26 -38.23 9.96 18.01
CA LEU C 26 -38.95 10.71 17.00
C LEU C 26 -39.85 11.72 17.71
N GLU C 27 -40.11 11.47 18.99
CA GLU C 27 -40.89 12.35 19.85
C GLU C 27 -40.01 13.24 20.72
N LEU C 28 -38.81 13.56 20.24
CA LEU C 28 -37.85 14.25 21.07
C LEU C 28 -37.27 15.52 20.44
N ASP C 29 -36.77 16.40 21.30
CA ASP C 29 -36.36 17.75 20.90
C ASP C 29 -35.03 17.81 20.15
N LEU C 30 -34.18 16.82 20.38
CA LEU C 30 -32.85 16.77 19.77
C LEU C 30 -32.94 16.45 18.28
N THR C 31 -32.06 17.03 17.47
CA THR C 31 -32.08 16.78 16.02
C THR C 31 -31.28 15.52 15.61
N TYR C 32 -29.98 15.50 15.88
CA TYR C 32 -29.11 14.38 15.48
C TYR C 32 -29.32 13.09 16.29
N MET C 33 -29.39 11.95 15.59
CA MET C 33 -29.55 10.64 16.23
C MET C 33 -28.64 9.58 15.61
N VAL C 34 -28.36 8.52 16.37
CA VAL C 34 -27.53 7.42 15.90
C VAL C 34 -28.34 6.15 15.75
N MET C 35 -28.30 5.56 14.56
CA MET C 35 -28.91 4.26 14.32
C MET C 35 -27.89 3.13 14.37
N LEU C 36 -28.18 2.11 15.16
CA LEU C 36 -27.18 1.11 15.51
C LEU C 36 -27.36 -0.16 14.68
N GLU C 37 -28.13 -1.11 15.21
CA GLU C 37 -28.44 -2.34 14.49
C GLU C 37 -29.64 -2.15 13.56
N THR C 38 -29.48 -2.54 12.30
CA THR C 38 -30.55 -2.41 11.32
C THR C 38 -30.64 -3.64 10.43
N HIS C 39 -31.76 -3.78 9.74
CA HIS C 39 -31.90 -4.82 8.72
C HIS C 39 -31.98 -4.08 7.40
N VAL C 40 -31.33 -4.63 6.37
CA VAL C 40 -31.24 -3.98 5.05
C VAL C 40 -32.58 -3.80 4.32
N ALA C 41 -33.54 -4.71 4.56
CA ALA C 41 -34.86 -4.61 3.93
C ALA C 41 -35.69 -3.45 4.47
N GLN C 42 -35.42 -3.03 5.70
CA GLN C 42 -36.13 -1.91 6.32
C GLN C 42 -35.31 -0.63 6.34
N LEU C 43 -34.06 -0.70 5.89
CA LEU C 43 -33.11 0.40 6.08
C LEU C 43 -33.54 1.74 5.44
N LYS C 44 -33.65 1.78 4.12
CA LYS C 44 -34.05 3.00 3.40
C LYS C 44 -35.29 3.63 4.03
N ALA C 45 -36.34 2.84 4.18
CA ALA C 45 -37.60 3.30 4.77
C ALA C 45 -37.43 3.89 6.16
N LEU C 46 -36.64 3.23 7.00
CA LEU C 46 -36.39 3.71 8.36
C LEU C 46 -35.62 5.03 8.41
N VAL C 47 -34.61 5.16 7.54
CA VAL C 47 -33.82 6.40 7.46
C VAL C 47 -34.69 7.56 6.94
N LYS C 48 -35.42 7.32 5.84
CA LYS C 48 -36.30 8.34 5.27
C LYS C 48 -37.40 8.78 6.25
N TYR C 49 -37.95 7.82 7.00
CA TYR C 49 -38.99 8.09 8.00
C TYR C 49 -38.50 8.97 9.17
N ALA C 50 -37.25 8.78 9.57
CA ALA C 50 -36.68 9.55 10.65
C ALA C 50 -36.33 10.95 10.17
N GLN C 51 -35.93 11.05 8.91
CA GLN C 51 -35.64 12.32 8.27
C GLN C 51 -36.93 13.13 8.04
N ALA C 52 -38.01 12.42 7.73
CA ALA C 52 -39.36 13.00 7.62
C ALA C 52 -39.88 13.49 8.97
N GLY C 53 -39.39 12.89 10.05
CA GLY C 53 -39.67 13.36 11.40
C GLY C 53 -38.70 14.46 11.83
N GLY C 54 -37.89 14.94 10.89
CA GLY C 54 -36.97 16.04 11.14
C GLY C 54 -35.77 15.66 11.97
N LYS C 55 -35.40 14.38 11.95
CA LYS C 55 -34.19 13.90 12.62
C LYS C 55 -33.11 13.59 11.60
N LYS C 56 -31.89 14.07 11.87
CA LYS C 56 -30.73 13.77 11.02
C LYS C 56 -30.02 12.52 11.54
N VAL C 57 -29.81 11.56 10.65
CA VAL C 57 -29.42 10.20 11.05
C VAL C 57 -27.95 9.87 10.77
N LEU C 58 -27.26 9.47 11.83
CA LEU C 58 -25.92 8.93 11.70
C LEU C 58 -26.03 7.40 11.79
N LEU C 59 -25.94 6.75 10.65
CA LEU C 59 -26.14 5.30 10.56
C LEU C 59 -24.84 4.51 10.75
N HIS C 60 -24.90 3.47 11.57
CA HIS C 60 -23.81 2.50 11.68
C HIS C 60 -23.68 1.64 10.43
N ALA C 61 -22.63 1.90 9.65
CA ALA C 61 -22.39 1.19 8.40
C ALA C 61 -21.97 -0.28 8.58
N ASP C 62 -21.69 -0.67 9.82
CA ASP C 62 -21.14 -2.00 10.12
C ASP C 62 -22.16 -2.93 10.76
N LEU C 63 -23.35 -2.41 11.04
CA LEU C 63 -24.39 -3.16 11.76
C LEU C 63 -25.64 -3.40 10.93
N VAL C 64 -25.51 -3.30 9.60
CA VAL C 64 -26.63 -3.49 8.71
C VAL C 64 -26.75 -4.97 8.31
N ASN C 65 -27.54 -5.73 9.08
CA ASN C 65 -27.84 -7.14 8.76
C ASN C 65 -28.23 -7.31 7.30
N GLY C 66 -27.51 -8.20 6.61
CA GLY C 66 -27.71 -8.46 5.19
C GLY C 66 -26.70 -7.80 4.28
N LEU C 67 -26.13 -6.69 4.76
CA LEU C 67 -25.23 -5.85 3.97
C LEU C 67 -23.82 -5.92 4.54
N LYS C 68 -22.82 -5.89 3.66
CA LYS C 68 -21.41 -5.82 4.08
C LYS C 68 -21.04 -4.37 4.42
N ASN C 69 -19.75 -4.11 4.65
CA ASN C 69 -19.24 -2.73 4.67
C ASN C 69 -18.15 -2.50 3.62
N ASP C 70 -18.28 -3.26 2.53
CA ASP C 70 -17.59 -3.08 1.26
C ASP C 70 -17.64 -1.65 0.73
N ASP C 71 -16.77 -1.36 -0.25
CA ASP C 71 -16.89 -0.13 -1.02
C ASP C 71 -18.25 -0.08 -1.68
N TYR C 72 -18.64 -1.21 -2.28
CA TYR C 72 -19.96 -1.39 -2.89
C TYR C 72 -21.10 -1.16 -1.90
N ALA C 73 -20.91 -1.61 -0.67
CA ALA C 73 -21.91 -1.46 0.37
C ALA C 73 -22.03 -0.01 0.86
N ILE C 74 -20.93 0.72 0.86
CA ILE C 74 -20.91 2.14 1.23
C ILE C 74 -21.50 3.00 0.11
N ASP C 75 -21.21 2.62 -1.14
CA ASP C 75 -21.82 3.24 -2.34
C ASP C 75 -23.33 3.25 -2.21
N PHE C 76 -23.86 2.09 -1.86
CA PHE C 76 -25.28 1.88 -1.59
C PHE C 76 -25.82 2.79 -0.49
N LEU C 77 -25.03 3.00 0.55
CA LEU C 77 -25.44 3.84 1.68
C LEU C 77 -25.44 5.31 1.33
N CYS C 78 -24.49 5.71 0.50
CA CYS C 78 -24.33 7.10 0.12
C CYS C 78 -25.31 7.55 -0.97
N THR C 79 -25.49 6.69 -1.97
CA THR C 79 -26.28 7.06 -3.17
C THR C 79 -27.76 6.68 -3.07
N GLU C 80 -28.09 5.65 -2.29
CA GLU C 80 -29.47 5.18 -2.20
C GLU C 80 -30.14 5.37 -0.83
N ILE C 81 -29.40 5.13 0.24
CA ILE C 81 -29.99 5.19 1.59
C ILE C 81 -29.95 6.62 2.13
N CYS C 82 -28.81 7.28 1.92
CA CYS C 82 -28.57 8.70 2.27
C CYS C 82 -28.86 9.09 3.72
N PRO C 83 -28.11 8.53 4.69
CA PRO C 83 -28.23 9.13 6.00
C PRO C 83 -27.35 10.37 6.05
N ASP C 84 -27.43 11.13 7.13
CA ASP C 84 -26.73 12.41 7.20
C ASP C 84 -25.25 12.22 7.59
N GLY C 85 -24.90 10.98 7.91
CA GLY C 85 -23.52 10.57 8.12
C GLY C 85 -23.42 9.09 8.39
N ILE C 86 -22.24 8.53 8.18
CA ILE C 86 -21.99 7.13 8.55
C ILE C 86 -20.96 6.99 9.67
N ILE C 87 -21.19 6.01 10.51
CA ILE C 87 -20.20 5.58 11.50
C ILE C 87 -19.66 4.24 11.04
N SER C 88 -18.35 4.11 10.99
CA SER C 88 -17.71 2.82 10.76
C SER C 88 -16.41 2.68 11.54
N THR C 89 -15.98 1.44 11.71
CA THR C 89 -14.75 1.11 12.41
C THR C 89 -13.68 0.82 11.36
N ARG C 90 -14.14 0.62 10.13
CA ARG C 90 -13.32 0.18 8.99
C ARG C 90 -12.72 1.36 8.24
N GLY C 91 -11.42 1.31 7.98
CA GLY C 91 -10.70 2.39 7.30
C GLY C 91 -11.19 2.74 5.90
N ASN C 92 -11.36 1.72 5.05
CA ASN C 92 -11.81 1.88 3.67
C ASN C 92 -13.22 2.45 3.55
N ALA C 93 -14.03 2.27 4.60
CA ALA C 93 -15.40 2.76 4.64
C ALA C 93 -15.40 4.27 4.83
N ILE C 94 -14.44 4.75 5.61
CA ILE C 94 -14.26 6.17 5.85
C ILE C 94 -13.86 6.86 4.54
N MET C 95 -12.89 6.25 3.84
CA MET C 95 -12.37 6.78 2.59
C MET C 95 -13.41 6.85 1.47
N LYS C 96 -14.28 5.85 1.40
CA LYS C 96 -15.34 5.80 0.40
C LYS C 96 -16.43 6.83 0.67
N ALA C 97 -16.74 7.04 1.95
CA ALA C 97 -17.75 8.02 2.36
C ALA C 97 -17.31 9.44 2.05
N LYS C 98 -16.01 9.68 2.19
CA LYS C 98 -15.40 10.98 1.89
C LYS C 98 -15.51 11.34 0.41
N GLN C 99 -15.29 10.37 -0.47
CA GLN C 99 -15.48 10.54 -1.91
C GLN C 99 -16.89 10.98 -2.26
N HIS C 100 -17.87 10.45 -1.54
CA HIS C 100 -19.28 10.81 -1.73
C HIS C 100 -19.70 12.04 -0.94
N LYS C 101 -18.71 12.73 -0.36
CA LYS C 101 -18.90 13.94 0.46
C LYS C 101 -19.88 13.74 1.62
N MET C 102 -19.75 12.59 2.28
CA MET C 102 -20.53 12.24 3.46
C MET C 102 -19.77 12.56 4.73
N LEU C 103 -20.50 12.73 5.83
CA LEU C 103 -19.89 12.89 7.14
C LEU C 103 -19.36 11.52 7.56
N ALA C 104 -18.04 11.41 7.60
CA ALA C 104 -17.40 10.16 7.96
C ALA C 104 -16.87 10.22 9.39
N ILE C 105 -17.61 9.60 10.31
CA ILE C 105 -17.14 9.46 11.69
C ILE C 105 -16.57 8.06 11.96
N GLN C 106 -15.33 8.03 12.44
CA GLN C 106 -14.61 6.76 12.63
C GLN C 106 -14.76 6.25 14.04
N ARG C 107 -15.12 4.97 14.16
CA ARG C 107 -15.33 4.39 15.46
C ARG C 107 -14.05 3.76 16.01
N LEU C 108 -13.75 4.10 17.26
CA LEU C 108 -12.54 3.65 17.90
C LEU C 108 -12.89 3.03 19.25
N PHE C 109 -12.39 1.83 19.48
CA PHE C 109 -12.55 1.17 20.77
C PHE C 109 -11.29 1.41 21.59
N MET C 110 -11.45 2.00 22.77
CA MET C 110 -10.34 2.14 23.71
C MET C 110 -10.13 0.83 24.50
N ILE C 111 -9.80 -0.22 23.76
CA ILE C 111 -9.58 -1.56 24.31
C ILE C 111 -8.26 -1.59 25.06
N ASP C 112 -7.16 -1.39 24.34
CA ASP C 112 -5.81 -1.46 24.89
C ASP C 112 -4.84 -0.59 24.07
N SER C 113 -3.56 -0.62 24.40
CA SER C 113 -2.54 0.20 23.70
C SER C 113 -2.39 -0.19 22.23
N SER C 114 -2.44 -1.50 21.96
CA SER C 114 -2.31 -2.01 20.59
C SER C 114 -3.42 -1.50 19.69
N ALA C 115 -4.66 -1.56 20.19
CA ALA C 115 -5.82 -0.95 19.54
C ALA C 115 -5.69 0.57 19.39
N TYR C 116 -5.17 1.24 20.42
CA TYR C 116 -4.94 2.69 20.39
C TYR C 116 -3.94 3.12 19.31
N ASN C 117 -2.84 2.37 19.18
CA ASN C 117 -1.77 2.69 18.22
C ASN C 117 -2.18 2.44 16.78
N LYS C 118 -2.80 1.28 16.54
CA LYS C 118 -3.36 0.94 15.24
C LYS C 118 -4.53 1.87 14.89
N GLY C 119 -5.18 2.38 15.94
CA GLY C 119 -6.31 3.29 15.78
C GLY C 119 -5.92 4.68 15.33
N VAL C 120 -4.93 5.26 16.00
CA VAL C 120 -4.44 6.61 15.65
C VAL C 120 -3.71 6.62 14.31
N ALA C 121 -3.03 5.52 13.99
CA ALA C 121 -2.36 5.36 12.69
C ALA C 121 -3.40 5.24 11.57
N LEU C 122 -4.55 4.66 11.89
CA LEU C 122 -5.68 4.61 10.97
C LEU C 122 -6.34 5.98 10.79
N ILE C 123 -6.54 6.71 11.88
CA ILE C 123 -7.13 8.06 11.83
C ILE C 123 -6.28 8.99 10.95
N GLN C 124 -4.97 8.91 11.11
CA GLN C 124 -4.03 9.71 10.31
C GLN C 124 -4.01 9.30 8.82
N LYS C 125 -4.29 8.03 8.53
CA LYS C 125 -4.33 7.56 7.15
C LYS C 125 -5.61 8.03 6.44
N VAL C 126 -6.76 7.79 7.05
CA VAL C 126 -8.04 8.02 6.37
C VAL C 126 -8.65 9.40 6.62
N GLN C 127 -8.14 10.11 7.63
CA GLN C 127 -8.59 11.47 8.00
C GLN C 127 -10.12 11.64 8.08
N PRO C 128 -10.74 11.07 9.14
CA PRO C 128 -12.20 11.15 9.20
C PRO C 128 -12.66 12.55 9.62
N ASP C 129 -13.94 12.85 9.38
CA ASP C 129 -14.52 14.14 9.77
C ASP C 129 -14.65 14.24 11.27
N CYS C 130 -14.81 13.09 11.92
CA CYS C 130 -15.07 13.00 13.35
C CYS C 130 -14.55 11.65 13.87
N ILE C 131 -14.52 11.50 15.20
CA ILE C 131 -14.20 10.22 15.83
C ILE C 131 -15.13 9.92 16.98
N GLU C 132 -15.62 8.69 17.05
CA GLU C 132 -16.39 8.23 18.19
C GLU C 132 -15.48 7.33 19.03
N LEU C 133 -15.23 7.74 20.26
CA LEU C 133 -14.38 6.98 21.18
C LEU C 133 -15.24 6.22 22.18
N LEU C 134 -15.05 4.90 22.23
CA LEU C 134 -15.76 4.07 23.20
C LEU C 134 -14.79 3.28 24.07
N PRO C 135 -15.09 3.14 25.38
CA PRO C 135 -16.21 3.71 26.15
C PRO C 135 -16.09 5.21 26.33
N GLY C 136 -17.17 5.85 26.76
CA GLY C 136 -17.18 7.30 26.92
C GLY C 136 -16.98 7.75 28.35
N ILE C 137 -16.49 6.86 29.21
CA ILE C 137 -16.33 7.20 30.62
C ILE C 137 -14.87 7.25 31.11
N ILE C 138 -13.94 7.43 30.18
CA ILE C 138 -12.55 7.77 30.55
C ILE C 138 -12.13 9.08 29.90
N PRO C 139 -12.47 10.21 30.55
CA PRO C 139 -12.27 11.55 29.98
C PRO C 139 -10.80 11.92 29.78
N GLU C 140 -9.92 11.26 30.53
CA GLU C 140 -8.48 11.44 30.43
C GLU C 140 -7.94 11.01 29.05
N GLN C 141 -8.46 9.89 28.54
CA GLN C 141 -8.04 9.38 27.23
C GLN C 141 -8.64 10.18 26.07
N VAL C 142 -9.82 10.75 26.30
CA VAL C 142 -10.46 11.67 25.34
C VAL C 142 -9.65 12.96 25.24
N GLN C 143 -9.16 13.43 26.39
CA GLN C 143 -8.32 14.63 26.46
C GLN C 143 -7.01 14.48 25.68
N LYS C 144 -6.38 13.30 25.76
CA LYS C 144 -5.17 13.01 24.99
C LYS C 144 -5.43 13.02 23.49
N MET C 145 -6.51 12.36 23.08
CA MET C 145 -6.84 12.21 21.67
C MET C 145 -7.20 13.52 20.98
N THR C 146 -7.95 14.37 21.69
CA THR C 146 -8.36 15.69 21.20
C THR C 146 -7.18 16.65 21.08
N GLN C 147 -6.10 16.34 21.80
CA GLN C 147 -4.85 17.10 21.72
C GLN C 147 -3.75 16.31 21.00
N LYS C 148 -4.16 15.31 20.23
CA LYS C 148 -3.27 14.58 19.32
C LYS C 148 -3.53 15.02 17.89
N LEU C 149 -4.80 15.35 17.60
CA LEU C 149 -5.19 15.97 16.34
C LEU C 149 -6.42 16.86 16.56
N HIS C 150 -6.71 17.73 15.60
CA HIS C 150 -7.83 18.68 15.73
C HIS C 150 -9.11 18.17 15.07
N ILE C 151 -9.29 16.85 15.05
CA ILE C 151 -10.54 16.22 14.62
C ILE C 151 -11.45 16.10 15.85
N PRO C 152 -12.70 16.60 15.75
CA PRO C 152 -13.65 16.54 16.87
C PRO C 152 -13.94 15.10 17.29
N VAL C 153 -14.02 14.86 18.59
CA VAL C 153 -14.43 13.54 19.07
C VAL C 153 -15.80 13.54 19.74
N ILE C 154 -16.61 12.54 19.40
CA ILE C 154 -17.76 12.14 20.18
C ILE C 154 -17.24 11.06 21.12
N ALA C 155 -17.87 10.91 22.27
CA ALA C 155 -17.56 9.81 23.17
C ALA C 155 -18.84 9.08 23.55
N GLY C 156 -18.85 7.77 23.37
CA GLY C 156 -20.05 6.98 23.64
C GLY C 156 -19.81 5.68 24.39
N GLY C 157 -20.87 5.13 24.95
CA GLY C 157 -20.80 3.84 25.62
C GLY C 157 -20.55 3.95 27.10
N LEU C 158 -21.35 3.20 27.86
CA LEU C 158 -21.27 3.10 29.33
C LEU C 158 -21.63 4.36 30.12
N ILE C 159 -22.11 5.39 29.43
CA ILE C 159 -22.54 6.64 30.07
C ILE C 159 -23.84 6.41 30.86
N GLU C 160 -23.82 6.77 32.14
CA GLU C 160 -24.95 6.57 33.04
C GLU C 160 -25.49 7.86 33.65
N THR C 161 -24.58 8.75 34.06
CA THR C 161 -24.96 9.99 34.77
C THR C 161 -24.76 11.25 33.93
N SER C 162 -25.44 12.32 34.31
CA SER C 162 -25.25 13.64 33.70
C SER C 162 -23.88 14.25 34.01
N GLU C 163 -23.30 13.84 35.15
CA GLU C 163 -21.97 14.26 35.55
C GLU C 163 -20.90 13.74 34.59
N GLN C 164 -21.08 12.49 34.15
CA GLN C 164 -20.18 11.85 33.18
C GLN C 164 -20.24 12.53 31.82
N VAL C 165 -21.43 13.03 31.46
CA VAL C 165 -21.64 13.76 30.20
C VAL C 165 -20.83 15.05 30.23
N ASN C 166 -20.97 15.79 31.33
CA ASN C 166 -20.25 17.05 31.54
C ASN C 166 -18.74 16.88 31.66
N GLN C 167 -18.31 15.77 32.27
CA GLN C 167 -16.89 15.47 32.44
C GLN C 167 -16.16 15.30 31.11
N VAL C 168 -16.72 14.49 30.21
CA VAL C 168 -16.07 14.19 28.93
C VAL C 168 -16.16 15.35 27.92
N ILE C 169 -17.26 16.11 27.98
CA ILE C 169 -17.41 17.30 27.15
C ILE C 169 -16.38 18.37 27.53
N ALA C 170 -16.26 18.64 28.83
CA ALA C 170 -15.22 19.52 29.37
C ALA C 170 -13.81 18.98 29.14
N SER C 171 -13.72 17.67 28.92
CA SER C 171 -12.46 17.04 28.52
C SER C 171 -12.26 17.01 27.00
N GLY C 172 -13.09 17.74 26.27
CA GLY C 172 -12.87 17.98 24.84
C GLY C 172 -13.80 17.30 23.86
N ALA C 173 -14.75 16.51 24.35
CA ALA C 173 -15.70 15.85 23.47
C ALA C 173 -16.78 16.82 23.02
N ILE C 174 -17.03 16.85 21.71
CA ILE C 174 -18.06 17.73 21.13
C ILE C 174 -19.47 17.27 21.51
N ALA C 175 -19.64 15.96 21.65
CA ALA C 175 -20.94 15.36 21.93
C ALA C 175 -20.81 14.00 22.60
N VAL C 176 -21.94 13.47 23.06
CA VAL C 176 -21.99 12.16 23.71
C VAL C 176 -23.07 11.29 23.06
N THR C 177 -22.70 10.09 22.60
CA THR C 177 -23.69 9.13 22.09
C THR C 177 -24.09 8.13 23.16
N THR C 178 -25.38 7.92 23.29
CA THR C 178 -25.88 7.02 24.34
C THR C 178 -27.20 6.34 23.98
N SER C 179 -27.34 5.10 24.42
CA SER C 179 -28.61 4.39 24.26
C SER C 179 -29.33 4.37 25.61
N ASN C 180 -28.67 4.92 26.63
CA ASN C 180 -29.27 5.06 27.96
C ASN C 180 -30.43 6.05 27.93
N LYS C 181 -31.62 5.51 28.13
CA LYS C 181 -32.89 6.20 28.03
C LYS C 181 -33.07 7.22 29.16
N HIS C 182 -32.45 6.92 30.31
CA HIS C 182 -32.48 7.76 31.51
C HIS C 182 -32.03 9.20 31.28
N LEU C 183 -31.01 9.39 30.45
CA LEU C 183 -30.54 10.73 30.12
C LEU C 183 -30.80 11.12 28.67
N TRP C 184 -32.02 10.89 28.21
CA TRP C 184 -32.48 11.41 26.92
C TRP C 184 -33.33 12.67 27.11
N GLU C 185 -33.72 12.94 28.36
CA GLU C 185 -34.44 14.18 28.69
C GLU C 185 -33.75 14.92 29.83
N LEU D 3 -10.62 -24.91 43.58
CA LEU D 3 -9.27 -24.36 43.26
C LEU D 3 -9.30 -22.84 43.09
N GLU D 4 -8.56 -22.14 43.94
CA GLU D 4 -8.27 -20.73 43.71
C GLU D 4 -7.30 -20.62 42.54
N LEU D 5 -7.51 -19.60 41.72
CA LEU D 5 -6.84 -19.49 40.41
C LEU D 5 -5.32 -19.34 40.46
N PRO D 6 -4.61 -20.20 39.68
CA PRO D 6 -3.18 -20.34 39.48
C PRO D 6 -2.30 -19.11 39.75
N PHE D 7 -2.71 -17.94 39.25
CA PHE D 7 -1.90 -16.73 39.42
C PHE D 7 -2.09 -16.08 40.80
N SER D 8 -1.58 -16.75 41.83
CA SER D 8 -1.95 -16.42 43.20
C SER D 8 -1.25 -15.14 43.66
N ASN D 9 0.07 -15.10 43.52
CA ASN D 9 0.89 -14.11 44.22
C ASN D 9 1.25 -12.93 43.32
N GLN D 10 0.71 -12.94 42.10
CA GLN D 10 1.26 -12.13 41.02
C GLN D 10 0.30 -11.01 40.63
N SER D 11 0.72 -9.77 40.88
CA SER D 11 -0.13 -8.62 40.62
C SER D 11 -0.19 -8.35 39.12
N ILE D 12 0.98 -8.35 38.47
CA ILE D 12 1.12 -8.01 37.07
C ILE D 12 1.42 -9.25 36.21
N ILE D 13 0.50 -9.55 35.29
CA ILE D 13 0.74 -10.53 34.24
C ILE D 13 1.17 -9.77 32.98
N PRO D 14 2.45 -9.88 32.60
CA PRO D 14 2.93 -9.17 31.41
C PRO D 14 2.42 -9.77 30.10
N ALA D 15 2.10 -8.90 29.14
CA ALA D 15 1.56 -9.31 27.84
C ALA D 15 2.55 -9.03 26.73
N ALA D 16 2.79 -10.02 25.89
CA ALA D 16 3.82 -9.96 24.85
C ALA D 16 3.23 -9.89 23.46
N HIS D 17 3.83 -9.05 22.61
CA HIS D 17 3.37 -8.88 21.23
C HIS D 17 4.23 -9.63 20.21
N ASN D 18 5.48 -9.90 20.59
CA ASN D 18 6.46 -10.49 19.67
C ASN D 18 7.52 -11.37 20.35
N GLN D 19 8.49 -11.82 19.54
CA GLN D 19 9.65 -12.59 19.99
C GLN D 19 10.50 -11.82 20.99
N LYS D 20 10.85 -10.58 20.62
CA LYS D 20 11.64 -9.67 21.45
C LYS D 20 10.99 -9.42 22.80
N ASP D 21 9.67 -9.26 22.78
CA ASP D 21 8.89 -9.00 24.00
C ASP D 21 8.88 -10.18 24.96
N MET D 22 8.90 -11.39 24.43
CA MET D 22 8.91 -12.59 25.27
C MET D 22 10.27 -12.83 25.93
N GLU D 23 11.32 -12.29 25.31
CA GLU D 23 12.67 -12.35 25.86
C GLU D 23 12.83 -11.51 27.11
N LYS D 24 12.29 -10.30 27.09
CA LYS D 24 12.37 -9.37 28.23
C LYS D 24 11.70 -9.96 29.48
N ILE D 25 10.56 -10.62 29.27
CA ILE D 25 9.80 -11.24 30.37
C ILE D 25 10.28 -12.66 30.71
N LEU D 26 11.13 -13.22 29.86
CA LEU D 26 11.81 -14.48 30.16
C LEU D 26 12.90 -14.28 31.22
N GLU D 27 13.35 -13.04 31.37
CA GLU D 27 14.35 -12.67 32.37
C GLU D 27 13.71 -12.28 33.71
N LEU D 28 12.40 -12.03 33.66
CA LEU D 28 11.63 -11.54 34.81
C LEU D 28 11.25 -12.61 35.85
N ASP D 29 11.07 -12.15 37.09
CA ASP D 29 10.74 -12.99 38.23
C ASP D 29 9.33 -13.58 38.18
N LEU D 30 8.41 -12.86 37.53
CA LEU D 30 7.00 -13.23 37.44
C LEU D 30 6.78 -14.55 36.67
N THR D 31 5.74 -15.30 37.05
CA THR D 31 5.51 -16.66 36.54
C THR D 31 4.62 -16.75 35.28
N TYR D 32 3.44 -16.14 35.33
CA TYR D 32 2.49 -16.16 34.19
C TYR D 32 2.70 -15.04 33.19
N MET D 33 2.38 -15.30 31.93
CA MET D 33 2.53 -14.33 30.85
C MET D 33 1.41 -14.48 29.83
N VAL D 34 1.08 -13.37 29.16
CA VAL D 34 0.06 -13.39 28.10
C VAL D 34 0.71 -13.29 26.72
N MET D 35 0.33 -14.21 25.83
CA MET D 35 0.87 -14.22 24.47
C MET D 35 -0.20 -13.84 23.46
N LEU D 36 0.08 -12.80 22.67
CA LEU D 36 -0.98 -11.95 22.12
C LEU D 36 -1.16 -12.21 20.63
N GLU D 37 -0.31 -11.60 19.81
CA GLU D 37 -0.25 -11.92 18.39
C GLU D 37 0.80 -13.00 18.11
N THR D 38 0.35 -14.09 17.49
CA THR D 38 1.27 -15.16 17.09
C THR D 38 0.93 -15.66 15.68
N HIS D 39 1.94 -16.21 15.01
CA HIS D 39 1.73 -16.88 13.74
C HIS D 39 1.67 -18.36 14.04
N VAL D 40 0.78 -19.07 13.36
CA VAL D 40 0.51 -20.49 13.63
C VAL D 40 1.71 -21.44 13.38
N ALA D 41 2.60 -21.05 12.45
CA ALA D 41 3.75 -21.87 12.08
C ALA D 41 4.80 -21.89 13.17
N GLN D 42 5.03 -20.73 13.77
CA GLN D 42 6.00 -20.57 14.87
C GLN D 42 5.43 -20.96 16.22
N LEU D 43 4.11 -21.14 16.28
CA LEU D 43 3.36 -21.23 17.54
C LEU D 43 3.76 -22.36 18.51
N LYS D 44 3.88 -23.60 18.01
CA LYS D 44 4.36 -24.73 18.83
C LYS D 44 5.72 -24.45 19.47
N ALA D 45 6.65 -23.91 18.67
CA ALA D 45 7.99 -23.58 19.12
C ALA D 45 7.98 -22.56 20.25
N LEU D 46 7.32 -21.41 20.02
CA LEU D 46 7.29 -20.31 20.98
C LEU D 46 6.72 -20.70 22.35
N VAL D 47 5.64 -21.48 22.35
CA VAL D 47 4.98 -21.94 23.57
C VAL D 47 5.90 -22.89 24.34
N LYS D 48 6.40 -23.91 23.63
CA LYS D 48 7.33 -24.89 24.19
C LYS D 48 8.63 -24.26 24.70
N TYR D 49 9.10 -23.21 24.02
CA TYR D 49 10.30 -22.47 24.42
C TYR D 49 10.08 -21.66 25.70
N ALA D 50 8.95 -20.97 25.78
CA ALA D 50 8.62 -20.14 26.95
C ALA D 50 8.35 -20.96 28.20
N GLN D 51 7.84 -22.18 28.02
CA GLN D 51 7.63 -23.11 29.12
C GLN D 51 8.97 -23.71 29.61
N ALA D 52 9.92 -23.86 28.68
CA ALA D 52 11.28 -24.28 29.01
C ALA D 52 12.10 -23.16 29.68
N GLY D 53 11.59 -21.93 29.61
CA GLY D 53 12.13 -20.81 30.36
C GLY D 53 11.45 -20.66 31.71
N GLY D 54 10.60 -21.63 32.04
CA GLY D 54 9.92 -21.68 33.34
C GLY D 54 8.80 -20.67 33.47
N LYS D 55 8.16 -20.37 32.34
CA LYS D 55 7.03 -19.45 32.31
C LYS D 55 5.77 -20.18 31.90
N LYS D 56 4.66 -19.83 32.54
CA LYS D 56 3.37 -20.43 32.22
C LYS D 56 2.57 -19.52 31.30
N VAL D 57 2.23 -20.04 30.12
CA VAL D 57 1.73 -19.24 29.00
C VAL D 57 0.21 -19.22 28.86
N LEU D 58 -0.38 -18.04 28.99
CA LEU D 58 -1.77 -17.81 28.63
C LEU D 58 -1.79 -17.34 27.19
N LEU D 59 -2.56 -18.02 26.34
CA LEU D 59 -2.47 -17.82 24.90
C LEU D 59 -3.74 -17.26 24.28
N HIS D 60 -3.58 -16.18 23.52
CA HIS D 60 -4.69 -15.59 22.79
C HIS D 60 -5.11 -16.41 21.58
N ALA D 61 -6.23 -17.10 21.74
CA ALA D 61 -6.78 -18.00 20.75
C ALA D 61 -7.41 -17.26 19.58
N ASP D 62 -7.53 -15.95 19.70
CA ASP D 62 -8.19 -15.12 18.69
C ASP D 62 -7.19 -14.41 17.78
N LEU D 63 -5.91 -14.48 18.15
CA LEU D 63 -4.88 -13.68 17.50
C LEU D 63 -3.78 -14.51 16.83
N VAL D 64 -4.07 -15.79 16.62
CA VAL D 64 -3.15 -16.72 15.97
C VAL D 64 -3.37 -16.67 14.46
N ASN D 65 -2.47 -15.99 13.76
CA ASN D 65 -2.60 -15.79 12.33
C ASN D 65 -2.50 -17.10 11.58
N GLY D 66 -3.42 -17.30 10.63
CA GLY D 66 -3.45 -18.52 9.84
C GLY D 66 -4.43 -19.53 10.37
N LEU D 67 -4.76 -19.38 11.66
CA LEU D 67 -5.64 -20.33 12.35
C LEU D 67 -6.95 -19.67 12.76
N LYS D 68 -8.05 -20.39 12.58
CA LYS D 68 -9.38 -19.94 13.01
C LYS D 68 -9.55 -20.00 14.54
N ASN D 69 -10.77 -19.78 15.03
CA ASN D 69 -11.09 -20.02 16.44
C ASN D 69 -12.22 -21.03 16.63
N ASP D 70 -12.50 -21.78 15.56
CA ASP D 70 -13.32 -22.99 15.54
C ASP D 70 -13.01 -23.95 16.66
N ASP D 71 -13.97 -24.83 16.96
CA ASP D 71 -13.72 -25.96 17.84
C ASP D 71 -12.54 -26.80 17.32
N TYR D 72 -12.51 -26.99 15.99
CA TYR D 72 -11.40 -27.64 15.31
C TYR D 72 -10.06 -26.99 15.63
N ALA D 73 -10.04 -25.67 15.68
CA ALA D 73 -8.83 -24.93 15.98
C ALA D 73 -8.49 -24.99 17.48
N ILE D 74 -9.52 -25.03 18.31
CA ILE D 74 -9.34 -25.13 19.77
C ILE D 74 -8.89 -26.56 20.16
N ASP D 75 -9.32 -27.57 19.40
CA ASP D 75 -8.78 -28.93 19.54
C ASP D 75 -7.26 -28.89 19.35
N PHE D 76 -6.83 -28.21 18.29
CA PHE D 76 -5.42 -28.07 17.91
C PHE D 76 -4.58 -27.35 18.96
N LEU D 77 -5.14 -26.32 19.58
CA LEU D 77 -4.41 -25.56 20.59
C LEU D 77 -4.25 -26.37 21.87
N CYS D 78 -5.22 -27.23 22.14
CA CYS D 78 -5.23 -28.04 23.35
C CYS D 78 -4.38 -29.29 23.23
N THR D 79 -4.53 -30.04 22.14
CA THR D 79 -3.80 -31.30 21.97
C THR D 79 -2.41 -31.12 21.37
N GLU D 80 -2.22 -30.11 20.53
CA GLU D 80 -0.94 -29.99 19.80
C GLU D 80 -0.05 -28.80 20.17
N ILE D 81 -0.62 -27.76 20.78
CA ILE D 81 0.17 -26.59 21.14
C ILE D 81 0.34 -26.52 22.65
N CYS D 82 -0.71 -26.92 23.36
CA CYS D 82 -0.73 -27.00 24.83
C CYS D 82 -0.13 -25.80 25.56
N PRO D 83 -0.81 -24.64 25.53
CA PRO D 83 -0.37 -23.61 26.47
C PRO D 83 -0.84 -23.95 27.87
N ASP D 84 -0.70 -23.01 28.80
CA ASP D 84 -1.16 -23.26 30.15
C ASP D 84 -2.62 -22.85 30.32
N GLY D 85 -3.06 -21.94 29.46
CA GLY D 85 -4.43 -21.48 29.40
C GLY D 85 -4.71 -20.76 28.10
N ILE D 86 -5.99 -20.68 27.71
CA ILE D 86 -6.36 -19.92 26.52
C ILE D 86 -7.30 -18.77 26.84
N ILE D 87 -7.10 -17.68 26.11
CA ILE D 87 -7.94 -16.49 26.22
C ILE D 87 -8.72 -16.37 24.93
N SER D 88 -10.04 -16.22 25.05
CA SER D 88 -10.88 -15.98 23.89
C SER D 88 -12.08 -15.10 24.18
N THR D 89 -12.56 -14.47 23.12
CA THR D 89 -13.72 -13.61 23.17
C THR D 89 -14.93 -14.43 22.71
N ARG D 90 -14.66 -15.62 22.18
CA ARG D 90 -15.67 -16.50 21.59
C ARG D 90 -16.16 -17.50 22.63
N GLY D 91 -17.49 -17.60 22.76
CA GLY D 91 -18.12 -18.46 23.77
C GLY D 91 -17.83 -19.94 23.60
N ASN D 92 -17.86 -20.41 22.35
CA ASN D 92 -17.62 -21.81 22.01
C ASN D 92 -16.18 -22.25 22.28
N ALA D 93 -15.24 -21.32 22.13
CA ALA D 93 -13.84 -21.57 22.40
C ALA D 93 -13.58 -21.82 23.90
N ILE D 94 -14.33 -21.12 24.75
CA ILE D 94 -14.21 -21.27 26.20
C ILE D 94 -14.69 -22.66 26.63
N MET D 95 -15.83 -23.07 26.09
CA MET D 95 -16.45 -24.33 26.44
C MET D 95 -15.66 -25.52 25.93
N LYS D 96 -15.07 -25.37 24.74
CA LYS D 96 -14.24 -26.42 24.16
C LYS D 96 -12.98 -26.64 24.99
N ALA D 97 -12.39 -25.53 25.43
CA ALA D 97 -11.18 -25.56 26.24
C ALA D 97 -11.45 -26.18 27.62
N LYS D 98 -12.62 -25.90 28.17
CA LYS D 98 -13.06 -26.46 29.45
C LYS D 98 -13.20 -27.97 29.41
N GLN D 99 -13.65 -28.49 28.27
CA GLN D 99 -13.71 -29.94 28.02
C GLN D 99 -12.31 -30.55 28.08
N HIS D 100 -11.34 -29.83 27.51
CA HIS D 100 -9.96 -30.30 27.43
C HIS D 100 -9.16 -30.04 28.71
N LYS D 101 -9.83 -29.61 29.78
CA LYS D 101 -9.22 -29.28 31.08
C LYS D 101 -8.30 -28.04 31.07
N MET D 102 -8.40 -27.22 30.01
CA MET D 102 -7.67 -25.95 29.87
C MET D 102 -8.22 -24.82 30.73
N LEU D 103 -7.31 -23.99 31.24
CA LEU D 103 -7.67 -22.74 31.90
C LEU D 103 -8.28 -21.80 30.83
N ALA D 104 -9.60 -21.68 30.85
CA ALA D 104 -10.29 -20.92 29.81
C ALA D 104 -10.73 -19.54 30.29
N ILE D 105 -10.02 -18.52 29.81
CA ILE D 105 -10.27 -17.13 30.23
C ILE D 105 -11.10 -16.39 29.18
N GLN D 106 -12.27 -15.89 29.59
CA GLN D 106 -13.13 -15.18 28.64
C GLN D 106 -12.83 -13.69 28.57
N ARG D 107 -12.58 -13.23 27.35
CA ARG D 107 -12.28 -11.82 27.12
C ARG D 107 -13.54 -11.01 26.85
N LEU D 108 -13.65 -9.87 27.49
CA LEU D 108 -14.77 -8.96 27.32
C LEU D 108 -14.27 -7.55 27.11
N PHE D 109 -14.83 -6.87 26.12
CA PHE D 109 -14.53 -5.47 25.87
C PHE D 109 -15.65 -4.61 26.42
N MET D 110 -15.34 -3.77 27.42
CA MET D 110 -16.30 -2.77 27.94
C MET D 110 -16.53 -1.59 26.96
N ILE D 111 -17.13 -1.89 25.82
CA ILE D 111 -17.41 -0.89 24.78
C ILE D 111 -18.62 -0.04 25.19
N ASP D 112 -19.78 -0.68 25.30
CA ASP D 112 -21.02 -0.02 25.68
C ASP D 112 -21.82 -0.93 26.61
N SER D 113 -22.96 -0.44 27.08
CA SER D 113 -23.84 -1.19 27.99
C SER D 113 -24.42 -2.44 27.33
N SER D 114 -24.63 -2.36 26.02
CA SER D 114 -25.07 -3.48 25.20
C SER D 114 -24.06 -4.62 25.20
N ALA D 115 -22.78 -4.28 25.19
CA ALA D 115 -21.69 -5.25 25.23
C ALA D 115 -21.53 -5.83 26.63
N TYR D 116 -21.90 -5.05 27.63
CA TYR D 116 -21.92 -5.51 29.02
C TYR D 116 -23.02 -6.55 29.22
N ASN D 117 -24.20 -6.29 28.63
CA ASN D 117 -25.35 -7.20 28.73
C ASN D 117 -25.13 -8.51 27.99
N LYS D 118 -24.72 -8.40 26.73
CA LYS D 118 -24.45 -9.56 25.88
C LYS D 118 -23.27 -10.37 26.42
N GLY D 119 -22.41 -9.69 27.17
CA GLY D 119 -21.27 -10.31 27.82
C GLY D 119 -21.66 -11.16 29.01
N VAL D 120 -22.38 -10.56 29.97
CA VAL D 120 -22.76 -11.27 31.20
C VAL D 120 -23.74 -12.44 30.94
N ALA D 121 -24.51 -12.35 29.86
CA ALA D 121 -25.35 -13.45 29.42
C ALA D 121 -24.50 -14.58 28.88
N LEU D 122 -23.44 -14.22 28.16
CA LEU D 122 -22.51 -15.21 27.61
C LEU D 122 -21.67 -15.81 28.72
N ILE D 123 -21.20 -14.97 29.64
CA ILE D 123 -20.43 -15.40 30.80
C ILE D 123 -21.19 -16.46 31.60
N GLN D 124 -22.45 -16.17 31.92
CA GLN D 124 -23.32 -17.11 32.63
C GLN D 124 -23.59 -18.38 31.82
N LYS D 125 -23.69 -18.23 30.50
CA LYS D 125 -23.83 -19.36 29.60
C LYS D 125 -22.58 -20.27 29.61
N VAL D 126 -21.39 -19.72 29.42
CA VAL D 126 -20.21 -20.59 29.24
C VAL D 126 -19.40 -20.88 30.52
N GLN D 127 -19.53 -19.99 31.51
CA GLN D 127 -18.86 -20.07 32.81
C GLN D 127 -17.35 -20.35 32.74
N PRO D 128 -16.56 -19.30 32.42
CA PRO D 128 -15.12 -19.45 32.28
C PRO D 128 -14.43 -19.51 33.64
N ASP D 129 -13.18 -19.97 33.62
CA ASP D 129 -12.36 -20.06 34.83
C ASP D 129 -11.94 -18.68 35.31
N CYS D 130 -11.77 -17.77 34.36
CA CYS D 130 -11.42 -16.38 34.65
C CYS D 130 -12.02 -15.48 33.58
N ILE D 131 -12.20 -14.19 33.89
CA ILE D 131 -12.69 -13.23 32.90
C ILE D 131 -11.79 -12.01 32.75
N GLU D 132 -11.47 -11.68 31.50
CA GLU D 132 -10.63 -10.52 31.20
C GLU D 132 -11.46 -9.31 30.76
N LEU D 133 -11.46 -8.27 31.58
CA LEU D 133 -12.12 -7.03 31.23
C LEU D 133 -11.13 -6.02 30.68
N LEU D 134 -11.46 -5.48 29.51
CA LEU D 134 -10.68 -4.38 28.91
C LEU D 134 -11.57 -3.17 28.65
N PRO D 135 -11.05 -1.94 28.91
CA PRO D 135 -9.75 -1.61 29.50
C PRO D 135 -9.75 -1.74 31.02
N GLY D 136 -8.57 -1.62 31.63
CA GLY D 136 -8.42 -1.80 33.07
C GLY D 136 -8.53 -0.50 33.84
N ILE D 137 -8.77 0.60 33.13
CA ILE D 137 -8.81 1.93 33.72
C ILE D 137 -10.23 2.38 34.09
N ILE D 138 -11.18 1.43 34.06
CA ILE D 138 -12.51 1.68 34.61
C ILE D 138 -12.75 0.70 35.77
N PRO D 139 -12.30 1.07 36.98
CA PRO D 139 -12.44 0.18 38.12
C PRO D 139 -13.87 0.10 38.64
N GLU D 140 -14.71 1.03 38.22
CA GLU D 140 -16.12 1.07 38.64
C GLU D 140 -16.93 -0.05 37.98
N GLN D 141 -16.57 -0.38 36.75
CA GLN D 141 -17.18 -1.49 36.02
C GLN D 141 -16.67 -2.84 36.52
N VAL D 142 -15.42 -2.83 36.98
CA VAL D 142 -14.78 -4.04 37.50
C VAL D 142 -15.36 -4.40 38.85
N GLN D 143 -15.68 -3.38 39.65
CA GLN D 143 -16.34 -3.58 40.95
C GLN D 143 -17.75 -4.11 40.78
N LYS D 144 -18.45 -3.63 39.75
CA LYS D 144 -19.81 -4.06 39.40
C LYS D 144 -19.86 -5.55 39.02
N MET D 145 -18.88 -5.97 38.23
CA MET D 145 -18.81 -7.34 37.72
C MET D 145 -18.34 -8.39 38.72
N THR D 146 -17.43 -8.01 39.61
CA THR D 146 -16.90 -8.93 40.63
C THR D 146 -17.96 -9.28 41.67
N GLN D 147 -18.84 -8.33 41.94
CA GLN D 147 -19.95 -8.52 42.86
C GLN D 147 -21.19 -9.06 42.16
N LYS D 148 -21.18 -9.03 40.82
CA LYS D 148 -22.23 -9.65 40.02
C LYS D 148 -22.19 -11.17 40.04
N LEU D 149 -21.01 -11.74 39.82
CA LEU D 149 -20.93 -13.16 39.44
C LEU D 149 -19.96 -14.08 40.18
N HIS D 150 -19.14 -13.53 41.09
CA HIS D 150 -18.19 -14.32 41.90
C HIS D 150 -17.14 -15.14 41.11
N ILE D 151 -16.98 -14.82 39.82
CA ILE D 151 -15.94 -15.43 38.98
C ILE D 151 -14.77 -14.46 38.95
N PRO D 152 -13.53 -14.97 39.16
CA PRO D 152 -12.32 -14.12 39.20
C PRO D 152 -12.14 -13.29 37.93
N VAL D 153 -11.82 -12.00 38.08
CA VAL D 153 -11.58 -11.14 36.91
C VAL D 153 -10.15 -10.61 36.81
N ILE D 154 -9.70 -10.44 35.57
CA ILE D 154 -8.45 -9.76 35.27
C ILE D 154 -8.80 -8.47 34.55
N ALA D 155 -8.14 -7.38 34.92
CA ALA D 155 -8.28 -6.15 34.18
C ALA D 155 -7.07 -6.00 33.26
N GLY D 156 -7.33 -5.68 32.00
CA GLY D 156 -6.27 -5.51 31.02
C GLY D 156 -6.51 -4.29 30.17
N GLY D 157 -5.46 -3.73 29.59
CA GLY D 157 -5.61 -2.63 28.64
C GLY D 157 -5.47 -1.24 29.21
N LEU D 158 -4.51 -0.51 28.63
CA LEU D 158 -4.24 0.92 28.90
C LEU D 158 -3.77 1.23 30.34
N ILE D 159 -3.35 0.22 31.07
CA ILE D 159 -2.80 0.42 32.42
C ILE D 159 -1.37 0.94 32.33
N GLU D 160 -1.13 2.11 32.91
CA GLU D 160 0.16 2.81 32.79
C GLU D 160 0.86 3.10 34.12
N THR D 161 0.07 3.38 35.17
CA THR D 161 0.60 3.70 36.49
C THR D 161 0.28 2.60 37.51
N SER D 162 1.03 2.57 38.61
CA SER D 162 0.79 1.65 39.73
C SER D 162 -0.47 2.03 40.49
N GLU D 163 -0.81 3.32 40.44
CA GLU D 163 -2.06 3.86 40.98
C GLU D 163 -3.26 3.20 40.30
N GLN D 164 -3.12 2.94 39.01
CA GLN D 164 -4.14 2.25 38.23
C GLN D 164 -4.22 0.77 38.58
N VAL D 165 -3.06 0.12 38.76
CA VAL D 165 -2.99 -1.29 39.13
C VAL D 165 -3.71 -1.49 40.46
N ASN D 166 -3.37 -0.65 41.43
CA ASN D 166 -4.01 -0.67 42.75
C ASN D 166 -5.48 -0.32 42.74
N GLN D 167 -5.88 0.65 41.91
CA GLN D 167 -7.29 1.06 41.79
C GLN D 167 -8.23 -0.07 41.43
N VAL D 168 -7.77 -0.92 40.52
CA VAL D 168 -8.60 -1.96 39.96
C VAL D 168 -8.49 -3.29 40.74
N ILE D 169 -7.32 -3.52 41.35
CA ILE D 169 -7.15 -4.65 42.29
C ILE D 169 -7.94 -4.38 43.57
N ALA D 170 -7.98 -3.12 44.01
CA ALA D 170 -8.88 -2.69 45.09
C ALA D 170 -10.36 -2.74 44.69
N SER D 171 -10.62 -2.80 43.39
CA SER D 171 -11.97 -2.94 42.87
C SER D 171 -12.40 -4.39 42.70
N GLY D 172 -11.46 -5.32 42.85
CA GLY D 172 -11.79 -6.74 42.86
C GLY D 172 -11.08 -7.62 41.84
N ALA D 173 -10.31 -7.01 40.95
CA ALA D 173 -9.51 -7.76 40.00
C ALA D 173 -8.41 -8.48 40.75
N ILE D 174 -8.21 -9.76 40.44
CA ILE D 174 -7.21 -10.56 41.15
C ILE D 174 -5.81 -10.33 40.59
N ALA D 175 -5.76 -9.82 39.36
CA ALA D 175 -4.50 -9.51 38.66
C ALA D 175 -4.74 -8.52 37.52
N VAL D 176 -3.65 -8.10 36.90
CA VAL D 176 -3.69 -7.13 35.82
C VAL D 176 -2.81 -7.61 34.67
N THR D 177 -3.38 -7.70 33.48
CA THR D 177 -2.58 -7.93 32.28
C THR D 177 -2.21 -6.60 31.66
N THR D 178 -0.92 -6.41 31.43
CA THR D 178 -0.46 -5.18 30.77
C THR D 178 0.77 -5.47 29.90
N SER D 179 0.88 -4.76 28.79
CA SER D 179 2.04 -4.90 27.93
C SER D 179 2.98 -3.71 28.13
N ASN D 180 2.61 -2.82 29.05
CA ASN D 180 3.43 -1.66 29.38
C ASN D 180 4.67 -2.06 30.17
N LYS D 181 5.82 -1.87 29.50
CA LYS D 181 7.13 -2.32 29.94
C LYS D 181 7.60 -1.66 31.24
N HIS D 182 7.16 -0.42 31.45
CA HIS D 182 7.48 0.36 32.64
C HIS D 182 7.09 -0.38 33.92
N LEU D 183 5.82 -0.74 34.06
CA LEU D 183 5.39 -1.53 35.22
C LEU D 183 5.46 -3.03 35.00
N TRP D 184 6.67 -3.51 34.72
CA TRP D 184 6.95 -4.95 34.64
C TRP D 184 7.91 -5.39 35.73
N GLU D 185 8.80 -4.50 36.13
CA GLU D 185 9.77 -4.78 37.20
C GLU D 185 9.52 -3.89 38.40
N LEU E 3 13.00 -31.18 -15.84
CA LEU E 3 12.10 -32.07 -15.04
C LEU E 3 10.62 -31.85 -15.34
N GLU E 4 9.84 -32.91 -15.21
CA GLU E 4 8.39 -32.83 -15.22
C GLU E 4 7.85 -33.01 -13.79
N LEU E 5 6.59 -33.44 -13.70
CA LEU E 5 5.95 -33.72 -12.42
C LEU E 5 6.31 -35.13 -11.98
N PRO E 6 6.50 -35.34 -10.66
CA PRO E 6 7.06 -36.62 -10.19
C PRO E 6 6.08 -37.80 -10.16
N PHE E 7 4.86 -37.61 -10.70
CA PHE E 7 3.88 -38.70 -10.81
C PHE E 7 4.39 -39.78 -11.76
N SER E 8 5.01 -39.32 -12.86
CA SER E 8 5.59 -40.17 -13.91
C SER E 8 4.65 -41.27 -14.38
N ASN E 9 3.60 -40.84 -15.09
CA ASN E 9 2.47 -41.68 -15.51
C ASN E 9 1.97 -42.72 -14.49
N GLN E 10 1.58 -42.20 -13.33
CA GLN E 10 0.66 -42.89 -12.46
C GLN E 10 -0.71 -42.51 -13.00
N SER E 11 -1.47 -43.52 -13.45
CA SER E 11 -2.73 -43.31 -14.18
C SER E 11 -3.82 -42.67 -13.32
N ILE E 12 -3.96 -43.18 -12.10
CA ILE E 12 -5.00 -42.77 -11.19
C ILE E 12 -4.38 -42.30 -9.88
N ILE E 13 -4.71 -41.08 -9.48
CA ILE E 13 -4.36 -40.57 -8.16
C ILE E 13 -5.61 -40.65 -7.29
N PRO E 14 -5.62 -41.57 -6.32
CA PRO E 14 -6.78 -41.77 -5.45
C PRO E 14 -6.97 -40.64 -4.45
N ALA E 15 -8.23 -40.24 -4.23
CA ALA E 15 -8.56 -39.12 -3.35
C ALA E 15 -9.31 -39.57 -2.09
N ALA E 16 -8.74 -39.26 -0.93
CA ALA E 16 -9.26 -39.72 0.36
C ALA E 16 -10.14 -38.69 1.06
N HIS E 17 -11.37 -39.07 1.37
CA HIS E 17 -12.27 -38.21 2.14
C HIS E 17 -12.06 -38.37 3.64
N ASN E 18 -11.73 -39.58 4.08
CA ASN E 18 -11.64 -39.91 5.52
C ASN E 18 -10.31 -40.55 5.90
N GLN E 19 -10.21 -40.85 7.19
CA GLN E 19 -9.18 -41.72 7.75
C GLN E 19 -9.27 -43.10 7.11
N LYS E 20 -10.50 -43.58 6.95
CA LYS E 20 -10.79 -44.91 6.40
C LYS E 20 -10.31 -45.05 4.96
N ASP E 21 -10.54 -44.00 4.16
CA ASP E 21 -10.15 -43.98 2.75
C ASP E 21 -8.64 -43.95 2.56
N MET E 22 -7.92 -43.31 3.48
CA MET E 22 -6.47 -43.24 3.38
C MET E 22 -5.79 -44.52 3.88
N GLU E 23 -6.46 -45.23 4.80
CA GLU E 23 -6.00 -46.55 5.26
C GLU E 23 -6.24 -47.59 4.17
N LYS E 24 -7.31 -47.38 3.40
CA LYS E 24 -7.64 -48.17 2.22
C LYS E 24 -6.54 -48.07 1.15
N ILE E 25 -6.16 -46.85 0.80
CA ILE E 25 -5.17 -46.63 -0.26
C ILE E 25 -3.72 -46.81 0.19
N LEU E 26 -3.53 -47.03 1.48
CA LEU E 26 -2.21 -47.24 2.06
C LEU E 26 -1.62 -48.57 1.62
N GLU E 27 -2.49 -49.56 1.44
CA GLU E 27 -2.09 -50.90 1.01
C GLU E 27 -2.05 -51.03 -0.51
N LEU E 28 -2.56 -50.02 -1.20
CA LEU E 28 -2.55 -49.98 -2.66
C LEU E 28 -1.16 -49.73 -3.22
N ASP E 29 -0.98 -50.09 -4.49
CA ASP E 29 0.28 -49.98 -5.21
C ASP E 29 0.64 -48.56 -5.63
N LEU E 30 -0.39 -47.72 -5.81
CA LEU E 30 -0.25 -46.34 -6.30
C LEU E 30 0.51 -45.46 -5.30
N THR E 31 1.38 -44.59 -5.82
CA THR E 31 2.32 -43.84 -4.96
C THR E 31 1.90 -42.42 -4.50
N TYR E 32 1.25 -41.65 -5.37
CA TYR E 32 0.75 -40.32 -5.01
C TYR E 32 -0.73 -40.38 -4.61
N MET E 33 -1.11 -39.62 -3.59
CA MET E 33 -2.49 -39.59 -3.12
C MET E 33 -2.99 -38.17 -2.81
N VAL E 34 -4.30 -37.98 -2.93
CA VAL E 34 -4.92 -36.69 -2.60
C VAL E 34 -5.72 -36.76 -1.31
N MET E 35 -5.38 -35.89 -0.37
CA MET E 35 -6.16 -35.77 0.87
C MET E 35 -7.14 -34.59 0.78
N LEU E 36 -8.42 -34.89 0.93
CA LEU E 36 -9.48 -33.91 0.68
C LEU E 36 -9.84 -33.17 1.95
N GLU E 37 -10.64 -33.80 2.80
CA GLU E 37 -11.08 -33.20 4.06
C GLU E 37 -10.18 -33.64 5.21
N THR E 38 -9.81 -32.69 6.06
CA THR E 38 -8.89 -32.96 7.16
C THR E 38 -9.28 -32.08 8.35
N HIS E 39 -8.92 -32.50 9.56
CA HIS E 39 -9.04 -31.67 10.74
C HIS E 39 -7.65 -31.19 11.12
N VAL E 40 -7.51 -29.91 11.47
CA VAL E 40 -6.19 -29.33 11.71
C VAL E 40 -5.45 -29.95 12.90
N ALA E 41 -6.21 -30.42 13.89
CA ALA E 41 -5.65 -31.08 15.08
C ALA E 41 -5.05 -32.44 14.73
N GLN E 42 -5.63 -33.10 13.72
CA GLN E 42 -5.15 -34.40 13.25
C GLN E 42 -4.19 -34.34 12.06
N LEU E 43 -4.11 -33.16 11.44
CA LEU E 43 -3.49 -33.01 10.11
C LEU E 43 -2.07 -33.58 9.95
N LYS E 44 -1.13 -33.11 10.76
CA LYS E 44 0.27 -33.59 10.75
C LYS E 44 0.36 -35.09 10.91
N ALA E 45 -0.40 -35.63 11.87
CA ALA E 45 -0.42 -37.07 12.12
C ALA E 45 -0.83 -37.85 10.88
N LEU E 46 -1.89 -37.42 10.20
CA LEU E 46 -2.38 -38.08 8.99
C LEU E 46 -1.39 -38.01 7.84
N VAL E 47 -0.75 -36.86 7.65
CA VAL E 47 0.21 -36.68 6.57
C VAL E 47 1.45 -37.55 6.77
N LYS E 48 2.09 -37.38 7.93
CA LYS E 48 3.33 -38.07 8.27
C LYS E 48 3.19 -39.60 8.40
N TYR E 49 1.98 -40.08 8.67
CA TYR E 49 1.68 -41.50 8.67
C TYR E 49 1.73 -42.08 7.26
N ALA E 50 1.01 -41.45 6.33
CA ALA E 50 0.97 -41.85 4.93
C ALA E 50 2.35 -41.79 4.27
N GLN E 51 3.19 -40.87 4.74
CA GLN E 51 4.52 -40.68 4.21
C GLN E 51 5.48 -41.76 4.71
N ALA E 52 5.28 -42.18 5.96
CA ALA E 52 6.00 -43.31 6.53
C ALA E 52 5.58 -44.61 5.83
N GLY E 53 4.31 -44.67 5.44
CA GLY E 53 3.80 -45.78 4.64
C GLY E 53 4.20 -45.70 3.18
N GLY E 54 5.16 -44.83 2.86
CA GLY E 54 5.77 -44.76 1.54
C GLY E 54 5.03 -43.92 0.51
N LYS E 55 3.89 -43.35 0.91
CA LYS E 55 3.08 -42.56 0.00
C LYS E 55 3.50 -41.09 -0.01
N LYS E 56 3.00 -40.35 -1.01
CA LYS E 56 3.26 -38.93 -1.13
C LYS E 56 1.91 -38.21 -1.22
N VAL E 57 1.75 -37.18 -0.40
CA VAL E 57 0.45 -36.56 -0.18
C VAL E 57 0.30 -35.23 -0.88
N LEU E 58 -0.73 -35.12 -1.70
CA LEU E 58 -1.15 -33.83 -2.26
C LEU E 58 -2.34 -33.38 -1.44
N LEU E 59 -2.12 -32.38 -0.59
CA LEU E 59 -3.12 -31.93 0.39
C LEU E 59 -3.91 -30.68 -0.03
N HIS E 60 -5.23 -30.79 0.05
CA HIS E 60 -6.14 -29.65 -0.14
C HIS E 60 -6.03 -28.65 0.98
N ALA E 61 -5.42 -27.51 0.68
CA ALA E 61 -5.27 -26.42 1.63
C ALA E 61 -6.61 -25.75 1.95
N ASP E 62 -7.58 -25.90 1.07
CA ASP E 62 -8.90 -25.33 1.22
C ASP E 62 -9.84 -26.13 2.15
N LEU E 63 -9.47 -27.38 2.47
CA LEU E 63 -10.41 -28.26 3.18
C LEU E 63 -9.90 -28.72 4.56
N VAL E 64 -9.02 -27.94 5.15
CA VAL E 64 -8.49 -28.19 6.49
C VAL E 64 -9.32 -27.44 7.54
N ASN E 65 -10.23 -28.15 8.22
CA ASN E 65 -11.10 -27.55 9.22
C ASN E 65 -10.27 -27.02 10.39
N GLY E 66 -10.43 -25.73 10.67
CA GLY E 66 -9.69 -25.07 11.76
C GLY E 66 -8.61 -24.15 11.22
N LEU E 67 -8.18 -24.42 9.99
CA LEU E 67 -7.08 -23.68 9.42
C LEU E 67 -7.52 -22.90 8.17
N LYS E 68 -7.07 -21.65 8.08
CA LYS E 68 -7.34 -20.80 6.92
C LYS E 68 -6.52 -21.24 5.69
N ASN E 69 -6.52 -20.40 4.66
CA ASN E 69 -5.57 -20.55 3.56
C ASN E 69 -4.87 -19.23 3.25
N ASP E 70 -4.79 -18.42 4.31
CA ASP E 70 -3.85 -17.32 4.48
C ASP E 70 -2.45 -17.74 4.08
N ASP E 71 -1.61 -16.75 3.78
CA ASP E 71 -0.19 -17.01 3.58
C ASP E 71 0.44 -17.68 4.81
N TYR E 72 0.04 -17.24 6.01
CA TYR E 72 0.46 -17.85 7.29
C TYR E 72 0.11 -19.33 7.39
N ALA E 73 -1.10 -19.67 6.96
CA ALA E 73 -1.59 -21.05 6.94
C ALA E 73 -0.80 -21.89 5.96
N ILE E 74 -0.45 -21.30 4.82
CA ILE E 74 0.38 -21.97 3.81
C ILE E 74 1.84 -22.11 4.29
N ASP E 75 2.35 -21.09 5.01
CA ASP E 75 3.67 -21.18 5.68
C ASP E 75 3.70 -22.37 6.63
N PHE E 76 2.61 -22.54 7.35
CA PHE E 76 2.40 -23.62 8.30
C PHE E 76 2.45 -24.97 7.61
N LEU E 77 1.77 -25.07 6.47
CA LEU E 77 1.73 -26.32 5.71
C LEU E 77 3.08 -26.67 5.12
N CYS E 78 3.90 -25.67 4.85
CA CYS E 78 5.17 -25.86 4.16
C CYS E 78 6.37 -26.04 5.09
N THR E 79 6.26 -25.50 6.30
CA THR E 79 7.36 -25.56 7.26
C THR E 79 7.07 -26.42 8.48
N GLU E 80 5.83 -26.87 8.63
CA GLU E 80 5.48 -27.71 9.79
C GLU E 80 4.73 -29.00 9.48
N ILE E 81 3.91 -29.01 8.43
CA ILE E 81 3.14 -30.21 8.07
C ILE E 81 3.81 -30.98 6.93
N CYS E 82 4.29 -30.23 5.94
CA CYS E 82 5.09 -30.75 4.83
C CYS E 82 4.48 -31.93 4.07
N PRO E 83 3.38 -31.70 3.32
CA PRO E 83 2.99 -32.75 2.40
C PRO E 83 3.95 -32.79 1.21
N ASP E 84 3.50 -33.32 0.08
CA ASP E 84 4.36 -33.41 -1.08
C ASP E 84 3.84 -32.50 -2.17
N GLY E 85 2.67 -31.93 -1.91
CA GLY E 85 2.00 -31.06 -2.84
C GLY E 85 0.79 -30.40 -2.21
N ILE E 86 0.42 -29.26 -2.78
CA ILE E 86 -0.70 -28.48 -2.30
C ILE E 86 -1.68 -28.24 -3.45
N ILE E 87 -2.92 -28.66 -3.23
CA ILE E 87 -4.01 -28.28 -4.12
C ILE E 87 -4.83 -27.16 -3.47
N SER E 88 -4.88 -26.02 -4.15
CA SER E 88 -5.76 -24.93 -3.71
C SER E 88 -6.45 -24.31 -4.91
N THR E 89 -7.56 -23.65 -4.62
CA THR E 89 -8.30 -22.89 -5.63
C THR E 89 -7.82 -21.43 -5.61
N ARG E 90 -7.13 -21.08 -4.53
CA ARG E 90 -6.77 -19.70 -4.22
C ARG E 90 -5.36 -19.41 -4.75
N GLY E 91 -5.23 -18.35 -5.55
CA GLY E 91 -3.98 -18.02 -6.22
C GLY E 91 -2.83 -17.56 -5.34
N ASN E 92 -3.17 -16.98 -4.19
CA ASN E 92 -2.15 -16.52 -3.26
C ASN E 92 -1.56 -17.67 -2.45
N ALA E 93 -2.30 -18.77 -2.36
CA ALA E 93 -1.83 -20.00 -1.74
C ALA E 93 -0.82 -20.70 -2.63
N ILE E 94 -1.13 -20.71 -3.93
CA ILE E 94 -0.25 -21.29 -4.96
C ILE E 94 1.06 -20.53 -4.99
N MET E 95 0.95 -19.22 -4.90
CA MET E 95 2.11 -18.35 -4.93
C MET E 95 2.98 -18.35 -3.70
N LYS E 96 2.41 -18.74 -2.55
CA LYS E 96 3.18 -18.92 -1.31
C LYS E 96 3.80 -20.31 -1.25
N ALA E 97 3.15 -21.29 -1.89
CA ALA E 97 3.69 -22.64 -1.97
C ALA E 97 4.96 -22.69 -2.82
N LYS E 98 4.96 -21.98 -3.95
CA LYS E 98 6.14 -21.86 -4.81
C LYS E 98 7.32 -21.16 -4.11
N GLN E 99 7.02 -20.16 -3.27
CA GLN E 99 8.05 -19.50 -2.47
C GLN E 99 8.75 -20.47 -1.51
N HIS E 100 8.01 -21.46 -1.02
CA HIS E 100 8.56 -22.51 -0.16
C HIS E 100 9.02 -23.74 -0.95
N LYS E 101 9.16 -23.57 -2.27
CA LYS E 101 9.56 -24.63 -3.21
C LYS E 101 8.66 -25.89 -3.13
N MET E 102 7.35 -25.67 -3.01
CA MET E 102 6.37 -26.76 -2.93
C MET E 102 5.71 -27.03 -4.28
N LEU E 103 5.20 -28.25 -4.44
CA LEU E 103 4.42 -28.63 -5.61
C LEU E 103 3.08 -27.94 -5.45
N ALA E 104 2.84 -26.94 -6.28
CA ALA E 104 1.63 -26.15 -6.20
C ALA E 104 0.73 -26.45 -7.38
N ILE E 105 -0.33 -27.21 -7.11
CA ILE E 105 -1.36 -27.51 -8.11
C ILE E 105 -2.63 -26.66 -7.91
N GLN E 106 -3.03 -25.95 -8.96
CA GLN E 106 -4.19 -25.09 -8.89
C GLN E 106 -5.46 -25.79 -9.33
N ARG E 107 -6.49 -25.69 -8.49
CA ARG E 107 -7.79 -26.31 -8.76
C ARG E 107 -8.68 -25.33 -9.51
N LEU E 108 -9.49 -25.86 -10.42
CA LEU E 108 -10.34 -25.03 -11.26
C LEU E 108 -11.63 -25.75 -11.67
N PHE E 109 -12.75 -25.06 -11.53
CA PHE E 109 -14.05 -25.60 -11.89
C PHE E 109 -14.55 -25.02 -13.21
N MET E 110 -14.63 -25.87 -14.23
CA MET E 110 -15.23 -25.50 -15.49
C MET E 110 -16.73 -25.34 -15.25
N ILE E 111 -17.16 -24.10 -15.09
CA ILE E 111 -18.55 -23.79 -14.78
C ILE E 111 -19.19 -23.03 -15.94
N ASP E 112 -18.60 -21.89 -16.29
CA ASP E 112 -19.02 -21.11 -17.45
C ASP E 112 -17.83 -20.38 -18.04
N SER E 113 -18.08 -19.49 -19.00
CA SER E 113 -17.01 -18.71 -19.63
C SER E 113 -16.38 -17.70 -18.67
N SER E 114 -17.18 -17.22 -17.72
CA SER E 114 -16.73 -16.28 -16.68
C SER E 114 -15.77 -16.92 -15.68
N ALA E 115 -15.97 -18.22 -15.41
CA ALA E 115 -15.04 -18.97 -14.57
C ALA E 115 -13.79 -19.35 -15.36
N TYR E 116 -13.97 -19.63 -16.65
CA TYR E 116 -12.87 -19.99 -17.53
C TYR E 116 -11.92 -18.81 -17.74
N ASN E 117 -12.46 -17.66 -18.13
CA ASN E 117 -11.68 -16.45 -18.40
C ASN E 117 -10.92 -15.94 -17.18
N LYS E 118 -11.55 -16.01 -16.00
CA LYS E 118 -10.87 -15.65 -14.76
C LYS E 118 -9.90 -16.75 -14.32
N GLY E 119 -10.23 -18.00 -14.65
CA GLY E 119 -9.35 -19.13 -14.40
C GLY E 119 -8.06 -19.04 -15.21
N VAL E 120 -8.19 -18.75 -16.50
CA VAL E 120 -7.01 -18.64 -17.36
C VAL E 120 -6.19 -17.38 -17.06
N ALA E 121 -6.84 -16.35 -16.53
CA ALA E 121 -6.15 -15.15 -16.06
C ALA E 121 -5.41 -15.46 -14.76
N LEU E 122 -6.03 -16.25 -13.90
CA LEU E 122 -5.42 -16.62 -12.62
C LEU E 122 -4.19 -17.50 -12.83
N ILE E 123 -4.31 -18.45 -13.76
CA ILE E 123 -3.21 -19.34 -14.13
C ILE E 123 -2.06 -18.56 -14.76
N GLN E 124 -2.40 -17.64 -15.66
CA GLN E 124 -1.47 -16.67 -16.25
C GLN E 124 -0.66 -16.00 -15.13
N LYS E 125 -1.38 -15.52 -14.11
CA LYS E 125 -0.81 -14.72 -13.03
C LYS E 125 0.05 -15.52 -12.02
N VAL E 126 -0.33 -16.76 -11.72
CA VAL E 126 0.36 -17.51 -10.65
C VAL E 126 1.32 -18.60 -11.12
N GLN E 127 1.22 -18.97 -12.40
CA GLN E 127 2.02 -20.05 -13.01
C GLN E 127 2.21 -21.26 -12.09
N PRO E 128 1.16 -22.06 -11.90
CA PRO E 128 1.26 -23.19 -10.99
C PRO E 128 2.00 -24.34 -11.67
N ASP E 129 2.46 -25.31 -10.88
CA ASP E 129 3.22 -26.46 -11.41
C ASP E 129 2.34 -27.36 -12.27
N CYS E 130 1.04 -27.31 -11.99
CA CYS E 130 0.06 -28.22 -12.54
C CYS E 130 -1.33 -27.63 -12.27
N ILE E 131 -2.34 -28.04 -13.02
CA ILE E 131 -3.73 -27.65 -12.71
C ILE E 131 -4.70 -28.80 -12.59
N GLU E 132 -5.62 -28.71 -11.64
CA GLU E 132 -6.69 -29.70 -11.52
C GLU E 132 -7.98 -29.13 -12.09
N LEU E 133 -8.42 -29.68 -13.22
CA LEU E 133 -9.67 -29.30 -13.85
C LEU E 133 -10.83 -30.20 -13.43
N LEU E 134 -11.96 -29.59 -13.14
CA LEU E 134 -13.18 -30.32 -12.76
C LEU E 134 -14.39 -29.73 -13.50
N PRO E 135 -15.31 -30.60 -13.98
CA PRO E 135 -15.25 -32.06 -13.96
C PRO E 135 -14.25 -32.58 -14.99
N GLY E 136 -13.86 -33.84 -14.85
CA GLY E 136 -12.88 -34.43 -15.76
C GLY E 136 -13.49 -35.28 -16.86
N ILE E 137 -14.70 -34.92 -17.28
CA ILE E 137 -15.40 -35.69 -18.31
C ILE E 137 -15.73 -34.87 -19.58
N ILE E 138 -15.28 -33.63 -19.64
CA ILE E 138 -15.33 -32.86 -20.88
C ILE E 138 -13.92 -32.76 -21.44
N PRO E 139 -13.55 -33.72 -22.31
CA PRO E 139 -12.16 -33.88 -22.72
C PRO E 139 -11.70 -32.81 -23.71
N GLU E 140 -12.64 -32.22 -24.44
CA GLU E 140 -12.32 -31.19 -25.42
C GLU E 140 -11.77 -29.93 -24.75
N GLN E 141 -12.35 -29.58 -23.61
CA GLN E 141 -11.93 -28.42 -22.83
C GLN E 141 -10.56 -28.64 -22.19
N VAL E 142 -10.27 -29.89 -21.87
CA VAL E 142 -8.97 -30.33 -21.34
C VAL E 142 -7.87 -30.14 -22.40
N GLN E 143 -8.21 -30.47 -23.64
CA GLN E 143 -7.32 -30.24 -24.78
C GLN E 143 -7.10 -28.76 -25.06
N LYS E 144 -8.17 -27.97 -24.94
CA LYS E 144 -8.11 -26.51 -25.06
C LYS E 144 -7.15 -25.92 -24.04
N MET E 145 -7.25 -26.42 -22.80
CA MET E 145 -6.42 -25.92 -21.70
C MET E 145 -4.94 -26.30 -21.79
N THR E 146 -4.65 -27.52 -22.23
CA THR E 146 -3.27 -27.94 -22.47
C THR E 146 -2.64 -27.25 -23.68
N GLN E 147 -3.49 -26.73 -24.58
CA GLN E 147 -3.01 -25.97 -25.74
C GLN E 147 -3.12 -24.45 -25.58
N LYS E 148 -3.80 -23.99 -24.52
CA LYS E 148 -3.81 -22.56 -24.18
C LYS E 148 -2.48 -22.14 -23.57
N LEU E 149 -2.03 -22.89 -22.56
CA LEU E 149 -0.67 -22.76 -22.06
C LEU E 149 -0.10 -24.15 -21.81
N HIS E 150 1.24 -24.25 -21.78
CA HIS E 150 1.90 -25.54 -21.62
C HIS E 150 2.11 -25.89 -20.13
N ILE E 151 1.00 -26.12 -19.45
CA ILE E 151 0.99 -26.55 -18.05
C ILE E 151 0.23 -27.88 -17.99
N PRO E 152 0.83 -28.91 -17.35
CA PRO E 152 0.16 -30.21 -17.26
C PRO E 152 -1.12 -30.13 -16.43
N VAL E 153 -2.19 -30.76 -16.90
CA VAL E 153 -3.43 -30.76 -16.14
C VAL E 153 -3.78 -32.12 -15.55
N ILE E 154 -4.42 -32.09 -14.39
CA ILE E 154 -5.09 -33.26 -13.85
C ILE E 154 -6.58 -33.04 -14.06
N ALA E 155 -7.28 -34.10 -14.43
CA ALA E 155 -8.73 -34.07 -14.48
C ALA E 155 -9.28 -34.82 -13.28
N GLY E 156 -10.38 -34.31 -12.74
CA GLY E 156 -11.02 -34.91 -11.59
C GLY E 156 -12.51 -34.65 -11.60
N GLY E 157 -13.25 -35.48 -10.88
CA GLY E 157 -14.69 -35.33 -10.78
C GLY E 157 -15.50 -36.00 -11.88
N LEU E 158 -16.58 -36.66 -11.45
CA LEU E 158 -17.55 -37.36 -12.30
C LEU E 158 -16.99 -38.49 -13.18
N ILE E 159 -15.86 -39.07 -12.79
CA ILE E 159 -15.26 -40.17 -13.56
C ILE E 159 -15.68 -41.52 -12.98
N GLU E 160 -16.30 -42.32 -13.83
CA GLU E 160 -16.83 -43.62 -13.42
C GLU E 160 -16.21 -44.79 -14.20
N THR E 161 -16.10 -44.64 -15.52
CA THR E 161 -15.58 -45.70 -16.37
C THR E 161 -14.18 -45.40 -16.90
N SER E 162 -13.47 -46.45 -17.30
CA SER E 162 -12.10 -46.33 -17.80
C SER E 162 -12.02 -45.68 -19.18
N GLU E 163 -13.14 -45.70 -19.91
CA GLU E 163 -13.25 -44.99 -21.19
C GLU E 163 -13.06 -43.50 -20.93
N GLN E 164 -13.79 -42.99 -19.93
CA GLN E 164 -13.65 -41.61 -19.48
C GLN E 164 -12.24 -41.30 -19.01
N VAL E 165 -11.64 -42.22 -18.26
CA VAL E 165 -10.25 -42.09 -17.78
C VAL E 165 -9.28 -41.94 -18.95
N ASN E 166 -9.41 -42.82 -19.94
CA ASN E 166 -8.49 -42.83 -21.08
C ASN E 166 -8.75 -41.71 -22.10
N GLN E 167 -10.00 -41.27 -22.20
CA GLN E 167 -10.38 -40.19 -23.13
C GLN E 167 -9.70 -38.88 -22.78
N VAL E 168 -9.80 -38.51 -21.50
CA VAL E 168 -9.19 -37.29 -21.00
C VAL E 168 -7.65 -37.37 -20.96
N ILE E 169 -7.13 -38.57 -20.75
CA ILE E 169 -5.68 -38.83 -20.79
C ILE E 169 -5.14 -38.68 -22.22
N ALA E 170 -5.94 -39.12 -23.20
CA ALA E 170 -5.61 -38.92 -24.61
C ALA E 170 -5.84 -37.46 -25.04
N SER E 171 -6.70 -36.76 -24.30
CA SER E 171 -6.98 -35.35 -24.57
C SER E 171 -5.93 -34.40 -24.01
N GLY E 172 -5.19 -34.84 -22.99
CA GLY E 172 -4.10 -34.05 -22.45
C GLY E 172 -3.73 -34.29 -21.01
N ALA E 173 -4.66 -34.84 -20.23
CA ALA E 173 -4.49 -34.96 -18.78
C ALA E 173 -3.41 -35.98 -18.40
N ILE E 174 -2.39 -35.50 -17.69
CA ILE E 174 -1.24 -36.31 -17.30
C ILE E 174 -1.63 -37.41 -16.30
N ALA E 175 -2.60 -37.11 -15.43
CA ALA E 175 -3.18 -38.11 -14.52
C ALA E 175 -4.67 -37.82 -14.29
N VAL E 176 -5.31 -38.66 -13.48
CA VAL E 176 -6.71 -38.49 -13.13
C VAL E 176 -6.86 -38.58 -11.60
N THR E 177 -7.50 -37.58 -11.00
CA THR E 177 -7.86 -37.65 -9.59
C THR E 177 -9.27 -38.20 -9.44
N THR E 178 -9.44 -39.16 -8.53
CA THR E 178 -10.74 -39.77 -8.31
C THR E 178 -10.95 -40.31 -6.90
N SER E 179 -12.21 -40.33 -6.50
CA SER E 179 -12.65 -40.87 -5.22
C SER E 179 -13.48 -42.11 -5.49
N ASN E 180 -13.68 -42.38 -6.78
CA ASN E 180 -14.48 -43.51 -7.22
C ASN E 180 -13.71 -44.83 -7.05
N LYS E 181 -13.92 -45.47 -5.91
CA LYS E 181 -13.23 -46.70 -5.46
C LYS E 181 -13.10 -47.86 -6.46
N HIS E 182 -14.00 -47.91 -7.44
CA HIS E 182 -14.01 -48.92 -8.48
C HIS E 182 -12.89 -48.73 -9.51
N LEU E 183 -12.32 -47.54 -9.56
CA LEU E 183 -11.24 -47.22 -10.49
C LEU E 183 -9.88 -47.15 -9.80
N TRP E 184 -9.82 -47.62 -8.56
CA TRP E 184 -8.56 -47.58 -7.79
C TRP E 184 -7.68 -48.79 -8.07
N GLU E 185 -8.30 -49.90 -8.44
CA GLU E 185 -7.60 -51.14 -8.77
C GLU E 185 -7.99 -51.64 -10.17
N GLY E 186 -8.39 -50.70 -11.03
CA GLY E 186 -8.87 -51.02 -12.38
C GLY E 186 -7.79 -51.02 -13.44
N HIS E 187 -6.97 -49.97 -13.46
CA HIS E 187 -5.90 -49.84 -14.45
C HIS E 187 -4.67 -50.68 -14.08
N LEU F 3 -47.76 -26.79 -11.80
CA LEU F 3 -47.78 -25.72 -12.84
C LEU F 3 -46.42 -25.58 -13.54
N GLU F 4 -46.46 -25.39 -14.85
CA GLU F 4 -45.24 -25.28 -15.67
C GLU F 4 -44.56 -23.93 -15.51
N LEU F 5 -43.27 -23.90 -15.84
CA LEU F 5 -42.43 -22.72 -15.62
C LEU F 5 -42.61 -21.63 -16.68
N PRO F 6 -42.75 -20.37 -16.22
CA PRO F 6 -42.88 -19.09 -16.95
C PRO F 6 -42.23 -18.97 -18.35
N PHE F 7 -41.01 -19.47 -18.51
CA PHE F 7 -40.33 -19.44 -19.81
C PHE F 7 -40.72 -20.64 -20.67
N SER F 8 -41.99 -20.65 -21.10
CA SER F 8 -42.52 -21.65 -22.00
C SER F 8 -42.02 -21.35 -23.41
N ASN F 9 -41.52 -22.40 -24.08
CA ASN F 9 -40.92 -22.32 -25.42
C ASN F 9 -39.81 -21.27 -25.57
N GLN F 10 -38.97 -21.15 -24.54
CA GLN F 10 -37.79 -20.31 -24.60
C GLN F 10 -36.54 -21.18 -24.50
N SER F 11 -35.83 -21.28 -25.62
CA SER F 11 -34.64 -22.11 -25.73
C SER F 11 -33.43 -21.42 -25.10
N ILE F 12 -33.30 -20.12 -25.38
CA ILE F 12 -32.15 -19.32 -24.95
C ILE F 12 -32.59 -18.25 -23.94
N ILE F 13 -31.99 -18.31 -22.75
CA ILE F 13 -32.11 -17.24 -21.75
C ILE F 13 -30.75 -16.53 -21.69
N PRO F 14 -30.65 -15.34 -22.29
CA PRO F 14 -29.37 -14.63 -22.34
C PRO F 14 -28.92 -14.12 -20.97
N ALA F 15 -27.64 -14.35 -20.66
CA ALA F 15 -27.06 -13.95 -19.37
C ALA F 15 -26.24 -12.67 -19.52
N ALA F 16 -26.59 -11.65 -18.74
CA ALA F 16 -25.92 -10.35 -18.80
C ALA F 16 -24.82 -10.23 -17.75
N HIS F 17 -23.61 -9.99 -18.21
CA HIS F 17 -22.49 -9.66 -17.33
C HIS F 17 -22.49 -8.17 -17.01
N ASN F 18 -22.63 -7.35 -18.06
CA ASN F 18 -22.51 -5.90 -17.97
C ASN F 18 -23.86 -5.18 -18.04
N GLN F 19 -23.81 -3.86 -17.87
CA GLN F 19 -24.93 -2.97 -18.15
C GLN F 19 -25.06 -2.82 -19.68
N LYS F 20 -23.93 -2.90 -20.37
CA LYS F 20 -23.87 -2.88 -21.84
C LYS F 20 -24.24 -4.25 -22.43
N ASP F 21 -24.14 -5.31 -21.64
CA ASP F 21 -24.58 -6.64 -22.05
C ASP F 21 -26.08 -6.77 -22.05
N MET F 22 -26.74 -6.22 -21.02
CA MET F 22 -28.19 -6.24 -20.93
C MET F 22 -28.80 -5.23 -21.91
N GLU F 23 -27.98 -4.27 -22.35
CA GLU F 23 -28.33 -3.29 -23.37
C GLU F 23 -28.47 -3.96 -24.73
N LYS F 24 -27.60 -4.94 -25.00
CA LYS F 24 -27.68 -5.77 -26.21
C LYS F 24 -28.86 -6.73 -26.14
N ILE F 25 -29.14 -7.22 -24.93
CA ILE F 25 -30.24 -8.15 -24.64
C ILE F 25 -31.61 -7.47 -24.76
N LEU F 26 -31.67 -6.19 -24.38
CA LEU F 26 -32.91 -5.42 -24.39
C LEU F 26 -33.45 -5.12 -25.80
N GLU F 27 -32.58 -5.20 -26.80
CA GLU F 27 -32.97 -5.04 -28.21
C GLU F 27 -33.20 -6.38 -28.93
N LEU F 28 -33.66 -7.38 -28.19
CA LEU F 28 -33.94 -8.71 -28.74
C LEU F 28 -35.37 -9.15 -28.49
N ASP F 29 -35.86 -10.08 -29.32
CA ASP F 29 -37.18 -10.67 -29.12
C ASP F 29 -37.08 -11.88 -28.19
N LEU F 30 -36.30 -11.71 -27.13
CA LEU F 30 -36.09 -12.72 -26.11
C LEU F 30 -36.56 -12.14 -24.78
N THR F 31 -37.62 -12.73 -24.23
CA THR F 31 -38.30 -12.21 -23.03
C THR F 31 -37.52 -12.38 -21.71
N TYR F 32 -37.33 -13.62 -21.27
CA TYR F 32 -36.62 -13.89 -20.00
C TYR F 32 -35.10 -13.79 -20.11
N MET F 33 -34.50 -13.02 -19.19
CA MET F 33 -33.06 -12.80 -19.19
C MET F 33 -32.44 -13.15 -17.83
N VAL F 34 -31.13 -13.38 -17.83
CA VAL F 34 -30.38 -13.62 -16.60
C VAL F 34 -29.47 -12.43 -16.27
N MET F 35 -29.56 -11.97 -15.03
CA MET F 35 -28.62 -10.96 -14.52
C MET F 35 -27.67 -11.58 -13.49
N LEU F 36 -26.39 -11.25 -13.60
CA LEU F 36 -25.33 -12.15 -13.16
C LEU F 36 -24.46 -11.49 -12.10
N GLU F 37 -23.54 -10.63 -12.54
CA GLU F 37 -22.73 -9.85 -11.62
C GLU F 37 -23.24 -8.41 -11.52
N THR F 38 -23.70 -8.03 -10.32
CA THR F 38 -24.32 -6.73 -10.12
C THR F 38 -23.74 -6.00 -8.91
N HIS F 39 -24.16 -4.75 -8.73
CA HIS F 39 -23.78 -3.94 -7.57
C HIS F 39 -25.04 -3.49 -6.85
N VAL F 40 -25.07 -3.67 -5.53
CA VAL F 40 -26.25 -3.34 -4.71
C VAL F 40 -26.72 -1.87 -4.83
N ALA F 41 -25.77 -0.96 -5.10
CA ALA F 41 -26.05 0.47 -5.26
C ALA F 41 -26.91 0.79 -6.48
N GLN F 42 -26.83 -0.07 -7.49
CA GLN F 42 -27.51 0.13 -8.77
C GLN F 42 -28.61 -0.90 -9.02
N LEU F 43 -28.90 -1.74 -8.03
CA LEU F 43 -29.73 -2.94 -8.25
C LEU F 43 -31.19 -2.68 -8.61
N LYS F 44 -31.92 -2.05 -7.70
CA LYS F 44 -33.33 -1.67 -7.87
C LYS F 44 -33.60 -0.93 -9.19
N ALA F 45 -32.72 0.03 -9.52
CA ALA F 45 -32.85 0.85 -10.73
C ALA F 45 -32.54 0.09 -12.03
N LEU F 46 -31.73 -0.96 -11.94
CA LEU F 46 -31.40 -1.77 -13.12
C LEU F 46 -32.39 -2.89 -13.37
N VAL F 47 -33.01 -3.39 -12.31
CA VAL F 47 -34.09 -4.37 -12.43
C VAL F 47 -35.34 -3.69 -13.02
N LYS F 48 -35.63 -2.48 -12.51
CA LYS F 48 -36.68 -1.59 -13.02
C LYS F 48 -36.45 -1.22 -14.51
N TYR F 49 -35.20 -0.96 -14.88
CA TYR F 49 -34.86 -0.59 -16.27
C TYR F 49 -35.11 -1.72 -17.25
N ALA F 50 -34.79 -2.95 -16.84
CA ALA F 50 -34.98 -4.13 -17.68
C ALA F 50 -36.44 -4.57 -17.74
N GLN F 51 -37.21 -4.26 -16.69
CA GLN F 51 -38.65 -4.57 -16.66
C GLN F 51 -39.47 -3.52 -17.41
N ALA F 52 -38.91 -2.32 -17.53
CA ALA F 52 -39.50 -1.24 -18.34
C ALA F 52 -39.41 -1.53 -19.83
N GLY F 53 -38.39 -2.29 -20.21
CA GLY F 53 -38.21 -2.73 -21.60
C GLY F 53 -39.00 -3.98 -21.96
N GLY F 54 -39.88 -4.42 -21.04
CA GLY F 54 -40.76 -5.55 -21.27
C GLY F 54 -40.20 -6.91 -20.87
N LYS F 55 -38.93 -6.93 -20.44
CA LYS F 55 -38.23 -8.17 -20.14
C LYS F 55 -38.39 -8.57 -18.67
N LYS F 56 -38.12 -9.83 -18.36
CA LYS F 56 -38.28 -10.35 -17.01
C LYS F 56 -36.97 -10.94 -16.47
N VAL F 57 -36.61 -10.53 -15.25
CA VAL F 57 -35.24 -10.67 -14.71
C VAL F 57 -35.02 -11.88 -13.79
N LEU F 58 -34.07 -12.72 -14.16
CA LEU F 58 -33.61 -13.80 -13.28
C LEU F 58 -32.29 -13.37 -12.64
N LEU F 59 -32.34 -13.12 -11.32
CA LEU F 59 -31.24 -12.48 -10.59
C LEU F 59 -30.38 -13.44 -9.80
N HIS F 60 -29.07 -13.32 -9.95
CA HIS F 60 -28.13 -14.07 -9.13
C HIS F 60 -27.93 -13.48 -7.73
N ALA F 61 -28.39 -14.22 -6.72
CA ALA F 61 -28.41 -13.75 -5.34
C ALA F 61 -27.06 -13.88 -4.63
N ASP F 62 -26.07 -14.40 -5.33
CA ASP F 62 -24.73 -14.61 -4.76
C ASP F 62 -23.71 -13.69 -5.38
N LEU F 63 -24.10 -12.98 -6.43
CA LEU F 63 -23.19 -12.13 -7.19
C LEU F 63 -23.63 -10.68 -7.15
N VAL F 64 -24.20 -10.25 -6.02
CA VAL F 64 -24.58 -8.85 -5.80
C VAL F 64 -23.57 -8.18 -4.87
N ASN F 65 -22.55 -7.58 -5.46
CA ASN F 65 -21.46 -6.96 -4.73
C ASN F 65 -21.96 -5.90 -3.74
N GLY F 66 -21.52 -6.02 -2.49
CA GLY F 66 -21.96 -5.16 -1.40
C GLY F 66 -22.97 -5.85 -0.50
N LEU F 67 -23.67 -6.84 -1.06
CA LEU F 67 -24.72 -7.55 -0.34
C LEU F 67 -24.33 -8.99 -0.03
N LYS F 68 -24.77 -9.49 1.12
CA LYS F 68 -24.59 -10.90 1.51
C LYS F 68 -25.65 -11.78 0.81
N ASN F 69 -25.80 -13.01 1.29
CA ASN F 69 -26.95 -13.87 0.93
C ASN F 69 -27.60 -14.49 2.17
N ASP F 70 -27.63 -13.71 3.25
CA ASP F 70 -28.37 -14.01 4.47
C ASP F 70 -29.88 -14.11 4.20
N ASP F 71 -30.65 -14.44 5.22
CA ASP F 71 -32.10 -14.31 5.16
C ASP F 71 -32.45 -12.83 4.94
N TYR F 72 -31.72 -11.97 5.63
CA TYR F 72 -31.84 -10.53 5.55
C TYR F 72 -31.60 -9.99 4.13
N ALA F 73 -30.62 -10.56 3.45
CA ALA F 73 -30.29 -10.13 2.09
C ALA F 73 -31.28 -10.63 1.03
N ILE F 74 -31.97 -11.73 1.33
CA ILE F 74 -33.01 -12.23 0.44
C ILE F 74 -34.32 -11.48 0.69
N ASP F 75 -34.66 -11.26 1.96
CA ASP F 75 -35.75 -10.35 2.37
C ASP F 75 -35.72 -9.04 1.58
N PHE F 76 -34.53 -8.45 1.49
CA PHE F 76 -34.22 -7.27 0.70
C PHE F 76 -34.55 -7.43 -0.78
N LEU F 77 -34.13 -8.57 -1.37
CA LEU F 77 -34.39 -8.84 -2.79
C LEU F 77 -35.88 -9.00 -3.07
N CYS F 78 -36.57 -9.68 -2.17
CA CYS F 78 -37.99 -9.99 -2.33
C CYS F 78 -38.89 -8.77 -2.17
N THR F 79 -38.62 -7.96 -1.14
CA THR F 79 -39.47 -6.82 -0.83
C THR F 79 -39.04 -5.55 -1.56
N GLU F 80 -37.74 -5.26 -1.58
CA GLU F 80 -37.27 -3.96 -2.05
C GLU F 80 -36.65 -3.93 -3.46
N ILE F 81 -36.27 -5.07 -4.01
CA ILE F 81 -35.70 -5.09 -5.37
C ILE F 81 -36.65 -5.70 -6.40
N CYS F 82 -37.23 -6.86 -6.06
CA CYS F 82 -38.20 -7.59 -6.88
C CYS F 82 -37.76 -7.87 -8.31
N PRO F 83 -36.92 -8.91 -8.53
CA PRO F 83 -36.78 -9.45 -9.87
C PRO F 83 -37.95 -10.40 -10.22
N ASP F 84 -37.84 -11.12 -11.32
CA ASP F 84 -38.87 -12.12 -11.69
C ASP F 84 -38.39 -13.53 -11.36
N GLY F 85 -37.42 -13.61 -10.45
CA GLY F 85 -36.82 -14.87 -10.02
C GLY F 85 -35.43 -14.69 -9.47
N ILE F 86 -35.12 -15.46 -8.42
CA ILE F 86 -33.76 -15.48 -7.90
C ILE F 86 -33.04 -16.81 -8.15
N ILE F 87 -31.80 -16.71 -8.62
CA ILE F 87 -30.89 -17.85 -8.75
C ILE F 87 -29.98 -17.82 -7.53
N SER F 88 -29.84 -18.98 -6.88
CA SER F 88 -28.97 -19.10 -5.69
C SER F 88 -28.38 -20.49 -5.49
N THR F 89 -27.21 -20.52 -4.86
CA THR F 89 -26.55 -21.75 -4.41
C THR F 89 -27.04 -22.14 -3.02
N ARG F 90 -27.11 -21.16 -2.12
CA ARG F 90 -27.41 -21.39 -0.72
C ARG F 90 -28.84 -21.83 -0.57
N GLY F 91 -29.04 -22.95 0.12
CA GLY F 91 -30.36 -23.56 0.24
C GLY F 91 -31.36 -22.75 1.04
N ASN F 92 -30.87 -21.96 2.00
CA ASN F 92 -31.73 -21.14 2.85
C ASN F 92 -32.25 -19.91 2.10
N ALA F 93 -31.52 -19.53 1.06
CA ALA F 93 -31.94 -18.46 0.16
C ALA F 93 -33.12 -18.89 -0.71
N ILE F 94 -33.12 -20.17 -1.10
CA ILE F 94 -34.20 -20.75 -1.90
C ILE F 94 -35.49 -20.90 -1.07
N MET F 95 -35.35 -21.24 0.21
CA MET F 95 -36.47 -21.28 1.16
C MET F 95 -37.12 -19.91 1.37
N LYS F 96 -36.30 -18.90 1.62
CA LYS F 96 -36.80 -17.57 1.95
C LYS F 96 -37.50 -16.95 0.75
N ALA F 97 -37.02 -17.28 -0.45
CA ALA F 97 -37.60 -16.79 -1.69
C ALA F 97 -38.99 -17.37 -1.92
N LYS F 98 -39.12 -18.67 -1.66
CA LYS F 98 -40.39 -19.38 -1.76
C LYS F 98 -41.40 -18.87 -0.75
N GLN F 99 -40.90 -18.42 0.41
CA GLN F 99 -41.73 -17.82 1.44
C GLN F 99 -42.27 -16.44 1.07
N HIS F 100 -41.66 -15.81 0.06
CA HIS F 100 -42.18 -14.58 -0.54
C HIS F 100 -42.67 -14.81 -1.97
N LYS F 101 -43.00 -16.07 -2.28
CA LYS F 101 -43.48 -16.53 -3.60
C LYS F 101 -42.58 -16.13 -4.79
N MET F 102 -41.28 -16.30 -4.61
CA MET F 102 -40.32 -15.98 -5.67
C MET F 102 -39.95 -17.21 -6.47
N LEU F 103 -39.70 -17.00 -7.77
CA LEU F 103 -39.15 -18.07 -8.62
C LEU F 103 -37.73 -18.39 -8.11
N ALA F 104 -37.67 -19.42 -7.27
CA ALA F 104 -36.44 -19.80 -6.57
C ALA F 104 -35.70 -20.90 -7.32
N ILE F 105 -34.97 -20.50 -8.36
CA ILE F 105 -34.19 -21.45 -9.17
C ILE F 105 -32.83 -21.76 -8.53
N GLN F 106 -32.58 -23.03 -8.25
CA GLN F 106 -31.34 -23.43 -7.58
C GLN F 106 -30.18 -23.82 -8.49
N ARG F 107 -29.06 -23.15 -8.28
CA ARG F 107 -27.85 -23.37 -9.05
C ARG F 107 -27.14 -24.59 -8.52
N LEU F 108 -26.60 -25.38 -9.44
CA LEU F 108 -25.79 -26.51 -9.05
C LEU F 108 -24.65 -26.71 -10.04
N PHE F 109 -23.45 -26.87 -9.51
CA PHE F 109 -22.28 -27.12 -10.34
C PHE F 109 -21.95 -28.61 -10.34
N MET F 110 -21.78 -29.15 -11.52
CA MET F 110 -21.34 -30.53 -11.71
C MET F 110 -19.82 -30.63 -11.56
N ILE F 111 -19.37 -30.62 -10.30
CA ILE F 111 -17.95 -30.61 -9.99
C ILE F 111 -17.42 -32.03 -9.88
N ASP F 112 -17.77 -32.67 -8.76
CA ASP F 112 -17.37 -34.06 -8.47
C ASP F 112 -18.53 -34.86 -7.88
N SER F 113 -18.22 -36.06 -7.36
CA SER F 113 -19.21 -36.94 -6.74
C SER F 113 -19.77 -36.35 -5.45
N SER F 114 -18.91 -35.67 -4.69
CA SER F 114 -19.30 -35.03 -3.42
C SER F 114 -20.26 -33.85 -3.63
N ALA F 115 -20.08 -33.12 -4.72
CA ALA F 115 -20.94 -31.99 -5.08
C ALA F 115 -22.28 -32.44 -5.64
N TYR F 116 -22.29 -33.53 -6.41
CA TYR F 116 -23.52 -34.08 -6.97
C TYR F 116 -24.42 -34.63 -5.86
N ASN F 117 -23.82 -35.38 -4.93
CA ASN F 117 -24.57 -36.06 -3.87
C ASN F 117 -25.19 -35.12 -2.86
N LYS F 118 -24.46 -34.08 -2.48
CA LYS F 118 -24.93 -33.09 -1.53
C LYS F 118 -25.95 -32.17 -2.20
N GLY F 119 -25.77 -31.96 -3.50
CA GLY F 119 -26.67 -31.18 -4.33
C GLY F 119 -28.07 -31.75 -4.45
N VAL F 120 -28.18 -33.04 -4.78
CA VAL F 120 -29.48 -33.71 -4.83
C VAL F 120 -30.13 -33.83 -3.44
N ALA F 121 -29.30 -34.01 -2.40
CA ALA F 121 -29.78 -34.00 -1.02
C ALA F 121 -30.42 -32.65 -0.66
N LEU F 122 -29.75 -31.56 -1.06
CA LEU F 122 -30.23 -30.18 -0.84
C LEU F 122 -31.47 -29.85 -1.66
N ILE F 123 -31.51 -30.34 -2.91
CA ILE F 123 -32.68 -30.19 -3.79
C ILE F 123 -33.93 -30.80 -3.15
N GLN F 124 -33.77 -32.00 -2.58
CA GLN F 124 -34.84 -32.70 -1.86
C GLN F 124 -35.32 -31.93 -0.62
N LYS F 125 -34.38 -31.26 0.04
CA LYS F 125 -34.68 -30.49 1.26
C LYS F 125 -35.50 -29.21 1.00
N VAL F 126 -35.11 -28.44 -0.01
CA VAL F 126 -35.65 -27.09 -0.20
C VAL F 126 -36.70 -26.97 -1.31
N GLN F 127 -36.78 -27.99 -2.16
CA GLN F 127 -37.70 -28.05 -3.29
C GLN F 127 -37.72 -26.78 -4.17
N PRO F 128 -36.66 -26.58 -5.00
CA PRO F 128 -36.66 -25.42 -5.87
C PRO F 128 -37.68 -25.53 -7.01
N ASP F 129 -38.12 -24.38 -7.52
CA ASP F 129 -39.03 -24.34 -8.66
C ASP F 129 -38.33 -24.76 -9.94
N CYS F 130 -37.00 -24.63 -9.94
CA CYS F 130 -36.18 -24.90 -11.11
C CYS F 130 -34.74 -25.17 -10.69
N ILE F 131 -33.99 -25.86 -11.54
CA ILE F 131 -32.58 -26.14 -11.23
C ILE F 131 -31.63 -25.85 -12.38
N GLU F 132 -30.81 -24.82 -12.19
CA GLU F 132 -29.78 -24.50 -13.17
C GLU F 132 -28.56 -25.39 -12.96
N LEU F 133 -28.15 -26.06 -14.02
CA LEU F 133 -27.01 -26.97 -13.99
C LEU F 133 -25.82 -26.44 -14.78
N LEU F 134 -24.63 -26.62 -14.22
CA LEU F 134 -23.41 -26.08 -14.81
C LEU F 134 -22.25 -27.09 -14.74
N PRO F 135 -21.46 -27.21 -15.83
CA PRO F 135 -21.63 -26.54 -17.12
C PRO F 135 -22.81 -27.09 -17.94
N GLY F 136 -23.10 -26.43 -19.06
CA GLY F 136 -24.23 -26.80 -19.90
C GLY F 136 -23.86 -27.60 -21.14
N ILE F 137 -22.66 -28.17 -21.13
CA ILE F 137 -22.17 -28.97 -22.24
C ILE F 137 -21.84 -30.40 -21.81
N ILE F 138 -22.51 -30.84 -20.75
CA ILE F 138 -22.54 -32.25 -20.38
C ILE F 138 -23.98 -32.74 -20.46
N PRO F 139 -24.41 -33.21 -21.65
CA PRO F 139 -25.77 -33.66 -21.90
C PRO F 139 -26.11 -34.95 -21.14
N GLU F 140 -25.10 -35.76 -20.83
CA GLU F 140 -25.28 -37.04 -20.15
C GLU F 140 -25.75 -36.87 -18.70
N GLN F 141 -25.24 -35.84 -18.04
CA GLN F 141 -25.59 -35.57 -16.65
C GLN F 141 -26.92 -34.83 -16.53
N VAL F 142 -27.25 -34.05 -17.57
CA VAL F 142 -28.53 -33.34 -17.67
C VAL F 142 -29.69 -34.33 -17.83
N GLN F 143 -29.44 -35.42 -18.56
CA GLN F 143 -30.41 -36.51 -18.69
C GLN F 143 -30.55 -37.32 -17.40
N LYS F 144 -29.42 -37.59 -16.75
CA LYS F 144 -29.39 -38.36 -15.48
C LYS F 144 -30.16 -37.69 -14.35
N MET F 145 -30.18 -36.36 -14.36
CA MET F 145 -30.85 -35.56 -13.34
C MET F 145 -32.31 -35.27 -13.62
N THR F 146 -32.69 -35.15 -14.89
CA THR F 146 -34.08 -34.94 -15.28
C THR F 146 -34.96 -36.16 -15.02
N GLN F 147 -34.31 -37.31 -14.88
CA GLN F 147 -34.98 -38.56 -14.55
C GLN F 147 -35.06 -38.81 -13.06
N LYS F 148 -34.10 -38.29 -12.29
CA LYS F 148 -34.07 -38.44 -10.84
C LYS F 148 -35.22 -37.72 -10.15
N LEU F 149 -35.53 -36.51 -10.61
CA LEU F 149 -36.67 -35.76 -10.11
C LEU F 149 -37.36 -35.00 -11.25
N HIS F 150 -38.58 -34.54 -11.00
CA HIS F 150 -39.42 -33.99 -12.06
C HIS F 150 -39.38 -32.45 -12.13
N ILE F 151 -38.54 -31.84 -11.29
CA ILE F 151 -38.27 -30.40 -11.29
C ILE F 151 -37.44 -30.02 -12.53
N PRO F 152 -37.93 -29.07 -13.34
CA PRO F 152 -37.30 -28.64 -14.62
C PRO F 152 -35.85 -28.21 -14.47
N VAL F 153 -35.00 -28.51 -15.45
CA VAL F 153 -33.60 -28.11 -15.39
C VAL F 153 -33.16 -27.12 -16.49
N ILE F 154 -32.20 -26.27 -16.12
CA ILE F 154 -31.56 -25.34 -17.06
C ILE F 154 -30.10 -25.77 -17.23
N ALA F 155 -29.62 -25.70 -18.46
CA ALA F 155 -28.20 -25.89 -18.73
C ALA F 155 -27.58 -24.51 -18.83
N GLY F 156 -26.43 -24.34 -18.19
CA GLY F 156 -25.73 -23.06 -18.25
C GLY F 156 -24.22 -23.23 -18.26
N GLY F 157 -23.56 -22.47 -19.12
CA GLY F 157 -22.11 -22.47 -19.14
C GLY F 157 -21.44 -23.20 -20.29
N LEU F 158 -20.53 -22.48 -20.95
CA LEU F 158 -19.66 -22.98 -22.03
C LEU F 158 -20.38 -23.40 -23.32
N ILE F 159 -21.68 -23.15 -23.40
CA ILE F 159 -22.44 -23.45 -24.60
C ILE F 159 -22.16 -22.40 -25.67
N GLU F 160 -21.38 -22.81 -26.67
CA GLU F 160 -20.90 -21.91 -27.72
C GLU F 160 -21.61 -22.11 -29.04
N THR F 161 -21.87 -23.37 -29.39
CA THR F 161 -22.51 -23.71 -30.67
C THR F 161 -23.99 -24.07 -30.48
N SER F 162 -24.76 -23.95 -31.56
CA SER F 162 -26.15 -24.39 -31.58
C SER F 162 -26.26 -25.92 -31.51
N GLU F 163 -25.17 -26.60 -31.87
CA GLU F 163 -25.05 -28.05 -31.72
C GLU F 163 -25.01 -28.45 -30.25
N GLN F 164 -24.31 -27.65 -29.45
CA GLN F 164 -24.27 -27.81 -27.99
C GLN F 164 -25.62 -27.45 -27.36
N VAL F 165 -26.26 -26.41 -27.89
CA VAL F 165 -27.62 -26.02 -27.48
C VAL F 165 -28.58 -27.17 -27.73
N ASN F 166 -28.48 -27.75 -28.92
CA ASN F 166 -29.35 -28.84 -29.36
C ASN F 166 -29.20 -30.14 -28.55
N GLN F 167 -27.97 -30.59 -28.37
CA GLN F 167 -27.68 -31.86 -27.69
C GLN F 167 -28.27 -31.90 -26.29
N VAL F 168 -27.99 -30.84 -25.53
CA VAL F 168 -28.39 -30.71 -24.12
C VAL F 168 -29.90 -30.46 -23.92
N ILE F 169 -30.55 -29.85 -24.91
CA ILE F 169 -32.00 -29.62 -24.86
C ILE F 169 -32.75 -30.93 -25.14
N ALA F 170 -32.13 -31.77 -25.97
CA ALA F 170 -32.65 -33.10 -26.25
C ALA F 170 -32.51 -34.02 -25.04
N SER F 171 -31.60 -33.67 -24.13
CA SER F 171 -31.37 -34.45 -22.92
C SER F 171 -32.38 -34.18 -21.82
N GLY F 172 -33.15 -33.10 -21.97
CA GLY F 172 -34.22 -32.79 -21.04
C GLY F 172 -34.12 -31.40 -20.45
N ALA F 173 -33.22 -30.57 -20.97
CA ALA F 173 -33.08 -29.20 -20.50
C ALA F 173 -34.25 -28.35 -21.01
N ILE F 174 -34.99 -27.76 -20.08
CA ILE F 174 -36.19 -26.97 -20.41
C ILE F 174 -35.85 -25.61 -21.06
N ALA F 175 -34.60 -25.18 -20.87
CA ALA F 175 -34.04 -23.98 -21.48
C ALA F 175 -32.51 -24.01 -21.32
N VAL F 176 -31.85 -23.05 -21.95
CA VAL F 176 -30.39 -22.91 -21.86
C VAL F 176 -30.03 -21.47 -21.47
N THR F 177 -29.22 -21.31 -20.43
CA THR F 177 -28.64 -20.01 -20.09
C THR F 177 -27.24 -19.88 -20.69
N THR F 178 -27.00 -18.78 -21.39
CA THR F 178 -25.71 -18.53 -22.02
C THR F 178 -25.39 -17.04 -22.11
N SER F 179 -24.11 -16.71 -22.13
CA SER F 179 -23.68 -15.35 -22.41
C SER F 179 -22.92 -15.26 -23.73
N ASN F 180 -23.00 -16.34 -24.53
CA ASN F 180 -22.44 -16.34 -25.88
C ASN F 180 -23.30 -15.47 -26.79
N LYS F 181 -22.67 -14.39 -27.27
CA LYS F 181 -23.35 -13.29 -27.94
C LYS F 181 -23.88 -13.61 -29.34
N HIS F 182 -23.13 -14.39 -30.11
CA HIS F 182 -23.46 -14.63 -31.51
C HIS F 182 -24.22 -15.93 -31.68
N LEU F 183 -24.97 -16.31 -30.65
CA LEU F 183 -26.03 -17.31 -30.80
C LEU F 183 -27.31 -16.86 -30.10
N TRP F 184 -27.53 -15.56 -30.06
CA TRP F 184 -28.50 -14.97 -29.13
C TRP F 184 -29.83 -14.72 -29.82
N GLU F 185 -29.80 -13.96 -30.91
CA GLU F 185 -31.01 -13.65 -31.67
C GLU F 185 -31.70 -14.91 -32.15
N GLY F 186 -31.03 -15.65 -33.03
CA GLY F 186 -31.40 -17.01 -33.33
C GLY F 186 -31.86 -17.78 -32.10
N LEU G 3 49.31 17.35 1.13
CA LEU G 3 48.46 16.35 1.77
C LEU G 3 47.05 16.88 1.97
N GLU G 4 46.07 15.98 2.01
CA GLU G 4 44.67 16.36 2.05
C GLU G 4 44.05 16.04 3.40
N LEU G 5 43.55 14.82 3.54
CA LEU G 5 42.68 14.47 4.67
C LEU G 5 42.69 12.96 4.93
N PRO G 6 42.94 12.58 6.17
CA PRO G 6 42.97 11.17 6.56
C PRO G 6 41.92 10.25 5.95
N PHE G 7 40.65 10.67 5.92
CA PHE G 7 39.58 9.84 5.35
C PHE G 7 39.61 9.75 3.81
N SER G 8 40.50 8.88 3.34
CA SER G 8 40.56 8.47 1.94
C SER G 8 39.99 7.05 1.89
N ASN G 9 39.18 6.79 0.86
CA ASN G 9 38.43 5.55 0.71
C ASN G 9 37.62 5.14 1.95
N GLN G 10 36.96 6.13 2.54
CA GLN G 10 35.97 5.92 3.58
C GLN G 10 34.85 6.92 3.33
N SER G 11 33.92 6.50 2.48
CA SER G 11 32.78 7.32 2.06
C SER G 11 31.85 7.66 3.23
N ILE G 12 31.66 6.68 4.10
CA ILE G 12 30.77 6.81 5.24
C ILE G 12 31.57 6.85 6.54
N ILE G 13 31.35 7.91 7.31
CA ILE G 13 31.87 8.01 8.67
C ILE G 13 30.69 7.88 9.63
N PRO G 14 30.58 6.73 10.32
CA PRO G 14 29.47 6.49 11.25
C PRO G 14 29.51 7.41 12.48
N ALA G 15 28.34 7.93 12.85
CA ALA G 15 28.18 8.75 14.03
C ALA G 15 27.48 7.96 15.13
N ALA G 16 28.07 7.96 16.32
CA ALA G 16 27.55 7.19 17.46
C ALA G 16 26.75 8.05 18.42
N HIS G 17 25.67 7.50 18.96
CA HIS G 17 24.85 8.17 19.95
C HIS G 17 25.05 7.57 21.34
N ASN G 18 24.89 6.25 21.44
CA ASN G 18 24.93 5.54 22.71
C ASN G 18 26.30 4.95 23.03
N GLN G 19 26.41 4.35 24.21
CA GLN G 19 27.57 3.56 24.61
C GLN G 19 27.57 2.24 23.83
N LYS G 20 26.36 1.70 23.60
CA LYS G 20 26.19 0.46 22.84
C LYS G 20 26.28 0.68 21.32
N ASP G 21 26.17 1.94 20.88
CA ASP G 21 26.28 2.29 19.47
C ASP G 21 27.69 2.11 18.94
N MET G 22 28.67 2.44 19.78
CA MET G 22 30.08 2.31 19.39
C MET G 22 30.55 0.84 19.41
N GLU G 23 29.78 -0.02 20.09
CA GLU G 23 29.99 -1.46 20.05
C GLU G 23 29.72 -2.02 18.67
N LYS G 24 28.69 -1.48 18.01
CA LYS G 24 28.33 -1.90 16.65
C LYS G 24 29.39 -1.53 15.63
N ILE G 25 29.97 -0.34 15.78
CA ILE G 25 30.97 0.16 14.82
C ILE G 25 32.42 -0.15 15.21
N LEU G 26 32.58 -0.90 16.30
CA LEU G 26 33.90 -1.39 16.71
C LEU G 26 34.17 -2.72 15.99
N GLU G 27 33.10 -3.35 15.53
CA GLU G 27 33.17 -4.59 14.75
C GLU G 27 33.16 -4.34 13.24
N LEU G 28 33.10 -3.07 12.84
CA LEU G 28 33.05 -2.71 11.42
C LEU G 28 34.42 -2.37 10.80
N ASP G 29 34.49 -2.49 9.48
CA ASP G 29 35.73 -2.32 8.73
C ASP G 29 36.17 -0.86 8.62
N LEU G 30 35.25 0.07 8.90
CA LEU G 30 35.50 1.51 8.84
C LEU G 30 36.41 1.94 9.99
N THR G 31 37.34 2.86 9.70
CA THR G 31 38.34 3.27 10.70
C THR G 31 38.03 4.58 11.44
N TYR G 32 37.36 5.53 10.78
CA TYR G 32 36.99 6.80 11.40
C TYR G 32 35.54 6.84 11.87
N MET G 33 35.35 7.25 13.12
CA MET G 33 34.01 7.39 13.69
C MET G 33 33.77 8.78 14.29
N VAL G 34 32.50 9.17 14.36
CA VAL G 34 32.12 10.41 15.03
C VAL G 34 31.36 10.13 16.32
N MET G 35 31.64 10.93 17.35
CA MET G 35 31.06 10.70 18.67
C MET G 35 30.31 11.94 19.15
N LEU G 36 29.01 11.78 19.40
CA LEU G 36 28.07 12.89 19.37
C LEU G 36 27.73 13.37 20.77
N GLU G 37 26.83 12.64 21.43
CA GLU G 37 26.46 12.95 22.81
C GLU G 37 27.26 12.12 23.80
N THR G 38 28.05 12.80 24.63
CA THR G 38 28.85 12.11 25.66
C THR G 38 28.64 12.67 27.08
N HIS G 39 29.38 12.09 28.04
CA HIS G 39 29.36 12.49 29.45
C HIS G 39 30.82 12.68 29.85
N VAL G 40 31.15 13.84 30.44
CA VAL G 40 32.53 14.21 30.76
C VAL G 40 33.22 13.23 31.72
N ALA G 41 32.42 12.62 32.61
CA ALA G 41 32.90 11.64 33.59
C ALA G 41 33.36 10.33 32.94
N GLN G 42 32.75 9.99 31.81
CA GLN G 42 33.08 8.75 31.12
C GLN G 42 34.04 9.00 29.96
N LEU G 43 34.13 10.25 29.53
CA LEU G 43 34.64 10.58 28.21
C LEU G 43 35.99 9.90 27.96
N LYS G 44 36.91 10.08 28.89
CA LYS G 44 38.30 9.71 28.66
C LYS G 44 38.44 8.23 28.34
N ALA G 45 37.64 7.40 29.01
CA ALA G 45 37.67 5.96 28.80
C ALA G 45 37.04 5.59 27.46
N LEU G 46 35.92 6.22 27.14
CA LEU G 46 35.18 5.92 25.89
C LEU G 46 35.99 6.26 24.65
N VAL G 47 36.71 7.37 24.71
CA VAL G 47 37.62 7.76 23.64
C VAL G 47 38.77 6.74 23.56
N LYS G 48 39.34 6.40 24.71
CA LYS G 48 40.43 5.43 24.81
C LYS G 48 40.01 4.05 24.34
N TYR G 49 38.79 3.65 24.69
CA TYR G 49 38.25 2.32 24.36
C TYR G 49 38.07 2.10 22.85
N ALA G 50 37.66 3.14 22.13
CA ALA G 50 37.54 3.08 20.67
C ALA G 50 38.92 3.05 20.01
N GLN G 51 39.86 3.78 20.59
CA GLN G 51 41.23 3.83 20.09
C GLN G 51 42.02 2.55 20.38
N ALA G 52 41.71 1.91 21.51
CA ALA G 52 42.26 0.60 21.87
C ALA G 52 41.68 -0.50 20.97
N GLY G 53 40.44 -0.30 20.54
CA GLY G 53 39.77 -1.19 19.59
C GLY G 53 40.18 -0.97 18.15
N GLY G 54 40.97 0.08 17.91
CA GLY G 54 41.58 0.34 16.60
C GLY G 54 40.81 1.30 15.72
N LYS G 55 40.05 2.21 16.33
CA LYS G 55 39.30 3.22 15.60
C LYS G 55 39.75 4.63 15.95
N LYS G 56 39.50 5.58 15.05
CA LYS G 56 39.91 6.97 15.25
C LYS G 56 38.70 7.90 15.41
N VAL G 57 38.70 8.69 16.49
CA VAL G 57 37.50 9.38 16.96
C VAL G 57 37.47 10.86 16.57
N LEU G 58 36.39 11.27 15.91
CA LEU G 58 36.10 12.69 15.73
C LEU G 58 35.02 13.13 16.74
N LEU G 59 35.47 13.76 17.82
CA LEU G 59 34.59 14.11 18.94
C LEU G 59 33.77 15.37 18.69
N HIS G 60 32.57 15.43 19.25
CA HIS G 60 31.78 16.65 19.28
C HIS G 60 32.05 17.46 20.54
N ALA G 61 32.69 18.60 20.36
CA ALA G 61 33.07 19.45 21.46
C ALA G 61 31.89 20.20 22.06
N ASP G 62 30.78 20.28 21.31
CA ASP G 62 29.59 20.97 21.76
C ASP G 62 28.60 20.08 22.52
N LEU G 63 28.90 18.78 22.57
CA LEU G 63 27.98 17.81 23.17
C LEU G 63 28.60 16.97 24.30
N VAL G 64 29.58 17.55 25.00
CA VAL G 64 30.12 16.92 26.19
C VAL G 64 29.39 17.44 27.44
N ASN G 65 28.46 16.64 27.94
CA ASN G 65 27.66 17.01 29.11
C ASN G 65 28.51 17.23 30.35
N GLY G 66 28.31 18.39 30.98
CA GLY G 66 29.13 18.80 32.11
C GLY G 66 30.41 19.51 31.70
N LEU G 67 30.56 19.78 30.40
CA LEU G 67 31.72 20.51 29.89
C LEU G 67 31.32 21.60 28.89
N LYS G 68 31.93 22.78 29.05
CA LYS G 68 31.73 23.90 28.13
C LYS G 68 32.47 23.63 26.80
N ASN G 69 32.39 24.57 25.88
CA ASN G 69 33.25 24.54 24.68
C ASN G 69 34.23 25.72 24.62
N ASP G 70 34.49 26.29 25.81
CA ASP G 70 35.53 27.29 26.05
C ASP G 70 36.89 26.85 25.53
N ASP G 71 37.79 27.82 25.38
CA ASP G 71 39.20 27.54 25.14
C ASP G 71 39.75 26.61 26.21
N TYR G 72 39.37 26.87 27.46
CA TYR G 72 39.73 26.03 28.62
C TYR G 72 39.28 24.59 28.46
N ALA G 73 38.13 24.40 27.82
CA ALA G 73 37.59 23.07 27.60
C ALA G 73 38.29 22.39 26.43
N ILE G 74 38.56 23.16 25.37
CA ILE G 74 39.27 22.63 24.20
C ILE G 74 40.71 22.22 24.56
N ASP G 75 41.36 23.01 25.39
CA ASP G 75 42.67 22.66 25.94
C ASP G 75 42.64 21.26 26.56
N PHE G 76 41.66 21.05 27.45
CA PHE G 76 41.39 19.78 28.12
C PHE G 76 41.14 18.64 27.16
N LEU G 77 40.39 18.91 26.09
CA LEU G 77 40.08 17.90 25.08
C LEU G 77 41.34 17.42 24.38
N CYS G 78 42.29 18.33 24.18
CA CYS G 78 43.49 18.04 23.41
C CYS G 78 44.66 17.46 24.21
N THR G 79 44.74 17.79 25.51
CA THR G 79 45.84 17.31 26.34
C THR G 79 45.47 16.08 27.18
N GLU G 80 44.24 16.04 27.70
CA GLU G 80 43.82 14.94 28.56
C GLU G 80 43.00 13.87 27.85
N ILE G 81 42.12 14.27 26.93
CA ILE G 81 41.26 13.30 26.25
C ILE G 81 41.85 12.82 24.92
N CYS G 82 42.34 13.77 24.12
CA CYS G 82 42.94 13.52 22.79
C CYS G 82 42.14 12.59 21.88
N PRO G 83 41.08 13.11 21.23
CA PRO G 83 40.50 12.33 20.14
C PRO G 83 41.40 12.39 18.90
N ASP G 84 40.83 12.27 17.72
CA ASP G 84 41.64 12.35 16.50
C ASP G 84 41.07 13.47 15.63
N GLY G 85 40.42 14.42 16.31
CA GLY G 85 39.74 15.53 15.67
C GLY G 85 38.57 16.01 16.51
N ILE G 86 38.30 17.31 16.46
CA ILE G 86 37.12 17.84 17.13
C ILE G 86 36.13 18.44 16.13
N ILE G 87 34.85 18.27 16.41
CA ILE G 87 33.80 18.87 15.62
C ILE G 87 33.08 19.88 16.48
N SER G 88 33.07 21.13 16.03
CA SER G 88 32.42 22.22 16.76
C SER G 88 31.78 23.25 15.84
N THR G 89 30.72 23.87 16.34
CA THR G 89 30.00 24.91 15.63
C THR G 89 30.66 26.29 15.86
N ARG G 90 31.52 26.34 16.86
CA ARG G 90 32.01 27.60 17.42
C ARG G 90 33.40 27.90 16.87
N GLY G 91 33.57 29.15 16.43
CA GLY G 91 34.81 29.60 15.79
C GLY G 91 36.04 29.54 16.68
N ASN G 92 35.87 29.93 17.94
CA ASN G 92 36.96 29.93 18.92
C ASN G 92 37.51 28.53 19.20
N ALA G 93 36.62 27.54 19.15
CA ALA G 93 36.97 26.15 19.40
C ALA G 93 37.80 25.57 18.27
N ILE G 94 37.52 26.02 17.05
CA ILE G 94 38.29 25.66 15.86
C ILE G 94 39.69 26.27 15.97
N MET G 95 39.73 27.55 16.34
CA MET G 95 40.98 28.29 16.51
C MET G 95 41.90 27.65 17.56
N LYS G 96 41.31 27.25 18.67
CA LYS G 96 42.07 26.69 19.79
C LYS G 96 42.55 25.27 19.51
N ALA G 97 41.80 24.53 18.69
CA ALA G 97 42.17 23.18 18.30
C ALA G 97 43.39 23.20 17.39
N LYS G 98 43.40 24.13 16.44
CA LYS G 98 44.50 24.29 15.49
C LYS G 98 45.83 24.54 16.16
N GLN G 99 45.81 25.32 17.24
CA GLN G 99 46.99 25.58 18.08
C GLN G 99 47.57 24.31 18.71
N HIS G 100 46.69 23.36 19.02
CA HIS G 100 47.11 22.08 19.57
C HIS G 100 47.43 21.07 18.47
N LYS G 101 47.48 21.56 17.23
CA LYS G 101 47.69 20.75 16.01
C LYS G 101 46.57 19.73 15.74
N MET G 102 45.43 19.91 16.41
CA MET G 102 44.28 19.04 16.26
C MET G 102 43.52 19.29 14.97
N LEU G 103 42.97 18.21 14.43
CA LEU G 103 42.06 18.28 13.30
C LEU G 103 40.83 19.05 13.77
N ALA G 104 40.52 20.13 13.06
CA ALA G 104 39.39 20.96 13.39
C ALA G 104 38.32 20.91 12.29
N ILE G 105 37.19 20.28 12.60
CA ILE G 105 36.06 20.23 11.70
C ILE G 105 35.00 21.21 12.17
N GLN G 106 34.66 22.18 11.32
CA GLN G 106 33.68 23.20 11.67
C GLN G 106 32.29 22.82 11.19
N ARG G 107 31.36 22.79 12.13
CA ARG G 107 30.00 22.41 11.82
C ARG G 107 29.17 23.62 11.42
N LEU G 108 28.38 23.44 10.38
CA LEU G 108 27.54 24.51 9.87
C LEU G 108 26.14 23.97 9.51
N PHE G 109 25.10 24.70 9.91
CA PHE G 109 23.73 24.30 9.61
C PHE G 109 23.12 25.17 8.52
N MET G 110 22.64 24.52 7.46
CA MET G 110 21.98 25.21 6.36
C MET G 110 20.55 25.58 6.76
N ILE G 111 20.42 26.68 7.49
CA ILE G 111 19.13 27.10 8.04
C ILE G 111 18.47 28.13 7.14
N ASP G 112 18.97 29.36 7.17
CA ASP G 112 18.53 30.41 6.26
C ASP G 112 19.75 31.12 5.67
N SER G 113 19.52 32.22 4.95
CA SER G 113 20.60 32.93 4.27
C SER G 113 21.45 33.72 5.26
N SER G 114 20.85 34.12 6.38
CA SER G 114 21.56 34.76 7.48
C SER G 114 22.55 33.77 8.11
N ALA G 115 22.11 32.52 8.26
CA ALA G 115 22.96 31.44 8.76
C ALA G 115 24.09 31.09 7.80
N TYR G 116 23.85 31.37 6.51
CA TYR G 116 24.84 31.11 5.48
C TYR G 116 25.93 32.18 5.48
N ASN G 117 25.53 33.45 5.53
CA ASN G 117 26.44 34.58 5.43
C ASN G 117 27.30 34.81 6.67
N LYS G 118 26.73 34.52 7.83
CA LYS G 118 27.48 34.53 9.09
C LYS G 118 28.36 33.30 9.13
N GLY G 119 27.83 32.19 8.63
CA GLY G 119 28.55 30.92 8.55
C GLY G 119 29.80 31.01 7.72
N VAL G 120 29.68 31.51 6.48
CA VAL G 120 30.83 31.62 5.57
C VAL G 120 31.92 32.55 6.09
N ALA G 121 31.49 33.67 6.69
CA ALA G 121 32.41 34.67 7.26
C ALA G 121 33.19 34.11 8.44
N LEU G 122 32.54 33.21 9.18
CA LEU G 122 33.14 32.52 10.30
C LEU G 122 34.14 31.47 9.82
N ILE G 123 33.81 30.76 8.74
CA ILE G 123 34.73 29.82 8.08
C ILE G 123 35.96 30.60 7.60
N GLN G 124 35.70 31.73 6.94
CA GLN G 124 36.73 32.65 6.45
C GLN G 124 37.68 33.11 7.55
N LYS G 125 37.13 33.47 8.70
CA LYS G 125 37.93 33.98 9.82
C LYS G 125 38.82 32.90 10.44
N VAL G 126 38.24 31.75 10.76
CA VAL G 126 38.93 30.75 11.60
C VAL G 126 39.67 29.65 10.85
N GLN G 127 39.42 29.55 9.54
CA GLN G 127 40.10 28.61 8.63
C GLN G 127 40.15 27.16 9.13
N PRO G 128 39.01 26.45 9.09
CA PRO G 128 39.01 25.07 9.57
C PRO G 128 39.75 24.11 8.65
N ASP G 129 40.15 22.96 9.18
CA ASP G 129 40.81 21.91 8.39
C ASP G 129 39.80 21.21 7.48
N CYS G 130 38.52 21.30 7.85
CA CYS G 130 37.44 20.57 7.22
C CYS G 130 36.11 21.18 7.68
N ILE G 131 35.05 20.98 6.91
CA ILE G 131 33.76 21.61 7.22
C ILE G 131 32.54 20.68 7.10
N GLU G 132 31.95 20.32 8.23
CA GLU G 132 30.76 19.46 8.25
C GLU G 132 29.50 20.27 8.02
N LEU G 133 28.85 20.03 6.88
CA LEU G 133 27.65 20.76 6.49
C LEU G 133 26.43 19.89 6.71
N LEU G 134 25.45 20.44 7.44
CA LEU G 134 24.21 19.72 7.74
C LEU G 134 23.00 20.56 7.36
N PRO G 135 21.93 19.92 6.81
CA PRO G 135 21.80 18.51 6.45
C PRO G 135 22.52 18.15 5.15
N GLY G 136 22.78 16.86 4.98
CA GLY G 136 23.53 16.37 3.83
C GLY G 136 22.67 15.85 2.69
N ILE G 137 21.41 16.27 2.65
CA ILE G 137 20.50 15.86 1.58
C ILE G 137 20.07 17.03 0.68
N ILE G 138 20.92 18.05 0.62
CA ILE G 138 20.84 19.07 -0.44
C ILE G 138 22.20 19.13 -1.16
N PRO G 139 22.39 18.25 -2.17
CA PRO G 139 23.66 18.13 -2.91
C PRO G 139 24.12 19.40 -3.64
N GLU G 140 23.18 20.25 -4.04
CA GLU G 140 23.52 21.49 -4.74
C GLU G 140 24.21 22.50 -3.84
N GLN G 141 23.70 22.66 -2.62
CA GLN G 141 24.24 23.60 -1.63
C GLN G 141 25.64 23.21 -1.15
N VAL G 142 25.96 21.93 -1.28
CA VAL G 142 27.30 21.41 -1.00
C VAL G 142 28.27 21.88 -2.08
N GLN G 143 27.83 21.82 -3.33
CA GLN G 143 28.65 22.23 -4.46
C GLN G 143 28.87 23.75 -4.48
N LYS G 144 27.86 24.50 -4.05
CA LYS G 144 27.97 25.95 -3.85
C LYS G 144 29.09 26.30 -2.87
N MET G 145 29.23 25.50 -1.82
CA MET G 145 30.23 25.74 -0.78
C MET G 145 31.66 25.37 -1.15
N THR G 146 31.83 24.32 -1.95
CA THR G 146 33.17 23.93 -2.44
C THR G 146 33.72 24.88 -3.51
N GLN G 147 32.84 25.66 -4.13
CA GLN G 147 33.25 26.63 -5.13
C GLN G 147 33.43 28.04 -4.57
N LYS G 148 33.22 28.19 -3.28
CA LYS G 148 33.64 29.39 -2.57
C LYS G 148 35.05 29.23 -2.02
N LEU G 149 35.21 28.36 -1.03
CA LEU G 149 36.51 28.07 -0.46
C LEU G 149 36.91 26.61 -0.70
N HIS G 150 38.16 26.28 -0.40
CA HIS G 150 38.73 25.00 -0.80
C HIS G 150 38.68 23.99 0.34
N ILE G 151 38.12 24.41 1.47
CA ILE G 151 37.83 23.49 2.56
C ILE G 151 37.08 22.26 2.08
N PRO G 152 37.74 21.11 2.16
CA PRO G 152 37.04 19.82 2.09
C PRO G 152 35.74 19.84 2.89
N VAL G 153 34.63 19.48 2.23
CA VAL G 153 33.33 19.47 2.89
C VAL G 153 32.86 18.05 3.28
N ILE G 154 32.10 17.99 4.36
CA ILE G 154 31.44 16.76 4.80
C ILE G 154 29.95 17.01 4.84
N ALA G 155 29.20 16.23 4.06
CA ALA G 155 27.76 16.23 4.18
C ALA G 155 27.39 15.27 5.31
N GLY G 156 26.41 15.67 6.10
CA GLY G 156 25.93 14.86 7.20
C GLY G 156 24.49 15.19 7.54
N GLY G 157 23.79 14.26 8.16
CA GLY G 157 22.41 14.48 8.56
C GLY G 157 21.35 14.07 7.57
N LEU G 158 20.35 13.35 8.08
CA LEU G 158 19.13 12.95 7.35
C LEU G 158 19.31 11.98 6.18
N ILE G 159 20.49 11.37 6.08
CA ILE G 159 20.78 10.45 4.99
C ILE G 159 20.08 9.11 5.19
N GLU G 160 19.22 8.77 4.23
CA GLU G 160 18.48 7.50 4.27
C GLU G 160 18.95 6.49 3.23
N THR G 161 19.30 6.96 2.03
CA THR G 161 19.66 6.07 0.91
C THR G 161 21.11 6.24 0.43
N SER G 162 21.64 5.20 -0.21
CA SER G 162 22.97 5.24 -0.86
C SER G 162 22.98 6.10 -2.12
N GLU G 163 21.78 6.36 -2.66
CA GLU G 163 21.60 7.30 -3.77
C GLU G 163 21.88 8.73 -3.31
N GLN G 164 21.47 9.05 -2.08
CA GLN G 164 21.73 10.35 -1.45
C GLN G 164 23.21 10.52 -1.10
N VAL G 165 23.87 9.42 -0.75
CA VAL G 165 25.31 9.40 -0.49
C VAL G 165 26.07 9.70 -1.78
N ASN G 166 25.69 8.99 -2.84
CA ASN G 166 26.36 9.09 -4.15
C ASN G 166 26.20 10.46 -4.82
N GLN G 167 24.99 11.02 -4.73
CA GLN G 167 24.69 12.35 -5.27
C GLN G 167 25.56 13.42 -4.63
N VAL G 168 25.69 13.35 -3.31
CA VAL G 168 26.35 14.38 -2.52
C VAL G 168 27.89 14.26 -2.53
N ILE G 169 28.40 13.05 -2.77
CA ILE G 169 29.84 12.82 -2.89
C ILE G 169 30.33 13.30 -4.25
N ALA G 170 29.50 13.09 -5.28
CA ALA G 170 29.73 13.63 -6.61
C ALA G 170 29.59 15.15 -6.63
N SER G 171 28.94 15.69 -5.61
CA SER G 171 28.73 17.13 -5.46
C SER G 171 29.89 17.86 -4.77
N GLY G 172 30.91 17.11 -4.36
CA GLY G 172 32.13 17.70 -3.82
C GLY G 172 32.51 17.31 -2.39
N ALA G 173 31.68 16.46 -1.77
CA ALA G 173 31.96 15.98 -0.42
C ALA G 173 32.93 14.82 -0.45
N ILE G 174 33.97 14.88 0.37
CA ILE G 174 34.93 13.78 0.48
C ILE G 174 34.31 12.59 1.25
N ALA G 175 33.53 12.91 2.28
CA ALA G 175 32.88 11.87 3.07
C ALA G 175 31.44 12.21 3.44
N VAL G 176 30.79 11.27 4.09
CA VAL G 176 29.41 11.43 4.55
C VAL G 176 29.32 10.97 6.00
N THR G 177 28.76 11.81 6.86
CA THR G 177 28.46 11.40 8.22
C THR G 177 26.99 11.05 8.37
N THR G 178 26.73 9.93 9.04
CA THR G 178 25.36 9.53 9.35
C THR G 178 25.33 8.70 10.62
N SER G 179 24.20 8.73 11.32
CA SER G 179 23.98 7.85 12.46
C SER G 179 22.92 6.81 12.09
N ASN G 180 22.58 6.77 10.79
CA ASN G 180 21.68 5.75 10.27
C ASN G 180 22.39 4.41 10.18
N LYS G 181 21.77 3.41 10.76
CA LYS G 181 22.40 2.11 11.00
C LYS G 181 22.45 1.23 9.75
N HIS G 182 21.52 1.44 8.82
CA HIS G 182 21.44 0.63 7.60
C HIS G 182 22.69 0.80 6.73
N LEU G 183 22.95 2.03 6.31
CA LEU G 183 24.10 2.31 5.45
C LEU G 183 25.39 2.52 6.24
N TRP G 184 25.76 1.49 6.98
CA TRP G 184 27.05 1.40 7.66
C TRP G 184 27.84 0.20 7.14
N GLU G 185 27.12 -0.86 6.78
CA GLU G 185 27.70 -2.05 6.15
C GLU G 185 27.29 -2.09 4.68
N GLY G 186 26.46 -1.13 4.27
CA GLY G 186 25.94 -1.06 2.91
C GLY G 186 26.95 -0.61 1.87
N HIS G 187 27.49 0.60 2.06
CA HIS G 187 28.46 1.16 1.11
C HIS G 187 29.82 1.35 1.78
N LEU H 3 -12.18 27.18 12.63
CA LEU H 3 -11.42 28.18 11.82
C LEU H 3 -9.92 27.86 11.81
N GLU H 4 -9.34 27.83 10.62
CA GLU H 4 -7.93 27.52 10.43
C GLU H 4 -7.04 28.75 10.53
N LEU H 5 -5.77 28.63 10.12
CA LEU H 5 -4.76 29.68 10.32
C LEU H 5 -4.93 30.91 9.43
N PRO H 6 -4.81 32.12 10.03
CA PRO H 6 -5.01 33.45 9.44
C PRO H 6 -4.42 33.71 8.04
N PHE H 7 -3.28 33.12 7.72
CA PHE H 7 -2.71 33.29 6.38
C PHE H 7 -3.30 32.30 5.37
N SER H 8 -4.58 32.52 5.06
CA SER H 8 -5.25 31.88 3.94
C SER H 8 -5.05 32.75 2.71
N ASN H 9 -4.76 32.12 1.58
CA ASN H 9 -4.39 32.80 0.32
C ASN H 9 -3.25 33.83 0.44
N GLN H 10 -2.22 33.43 1.18
CA GLN H 10 -0.95 34.13 1.20
C GLN H 10 0.13 33.07 1.11
N SER H 11 0.75 32.97 -0.08
CA SER H 11 1.71 31.91 -0.38
C SER H 11 3.07 32.23 0.22
N ILE H 12 3.41 33.51 0.24
CA ILE H 12 4.71 33.96 0.70
C ILE H 12 4.55 34.94 1.86
N ILE H 13 5.31 34.71 2.92
CA ILE H 13 5.43 35.65 4.02
C ILE H 13 6.85 36.21 4.01
N PRO H 14 6.98 37.53 3.77
CA PRO H 14 8.28 38.20 3.81
C PRO H 14 8.84 38.33 5.22
N ALA H 15 10.17 38.22 5.34
CA ALA H 15 10.82 38.25 6.64
C ALA H 15 11.88 39.36 6.70
N ALA H 16 11.69 40.29 7.65
CA ALA H 16 12.58 41.43 7.82
C ALA H 16 13.78 41.09 8.71
N HIS H 17 14.97 41.43 8.23
CA HIS H 17 16.21 41.34 9.01
C HIS H 17 16.48 42.68 9.68
N ASN H 18 16.13 43.76 8.99
CA ASN H 18 16.54 45.12 9.36
C ASN H 18 15.39 46.01 9.76
N GLN H 19 15.75 47.23 10.15
CA GLN H 19 14.81 48.31 10.38
C GLN H 19 14.26 48.77 9.03
N LYS H 20 15.14 48.80 8.01
CA LYS H 20 14.77 49.21 6.66
C LYS H 20 14.02 48.13 5.89
N ASP H 21 14.22 46.87 6.26
CA ASP H 21 13.56 45.75 5.60
C ASP H 21 12.06 45.72 5.85
N MET H 22 11.63 46.30 6.98
CA MET H 22 10.21 46.42 7.26
C MET H 22 9.57 47.61 6.53
N GLU H 23 10.40 48.58 6.11
CA GLU H 23 9.91 49.72 5.33
C GLU H 23 9.60 49.27 3.91
N LYS H 24 10.44 48.36 3.40
CA LYS H 24 10.26 47.76 2.09
C LYS H 24 8.94 46.99 2.03
N ILE H 25 8.72 46.12 3.02
CA ILE H 25 7.54 45.25 3.05
C ILE H 25 6.27 45.96 3.50
N LEU H 26 6.39 47.24 3.83
CA LEU H 26 5.25 48.06 4.26
C LEU H 26 4.34 48.45 3.09
N GLU H 27 4.87 48.35 1.88
CA GLU H 27 4.11 48.68 0.67
C GLU H 27 3.92 47.44 -0.20
N LEU H 28 3.26 46.43 0.36
CA LEU H 28 2.98 45.19 -0.37
C LEU H 28 1.54 44.69 -0.22
N ASP H 29 1.10 43.91 -1.22
CA ASP H 29 -0.25 43.31 -1.27
C ASP H 29 -0.48 42.30 -0.14
N LEU H 30 0.60 41.70 0.35
CA LEU H 30 0.55 40.73 1.45
C LEU H 30 0.24 41.42 2.76
N THR H 31 -0.29 40.66 3.72
CA THR H 31 -0.72 41.21 5.01
C THR H 31 0.10 40.68 6.19
N TYR H 32 0.74 39.54 6.01
CA TYR H 32 1.51 38.91 7.08
C TYR H 32 3.02 38.94 6.86
N MET H 33 3.74 39.37 7.88
CA MET H 33 5.20 39.49 7.84
C MET H 33 5.87 38.84 9.06
N VAL H 34 7.14 38.49 8.90
CA VAL H 34 7.93 37.99 10.03
C VAL H 34 9.02 38.99 10.41
N MET H 35 9.22 39.17 11.71
CA MET H 35 10.33 39.96 12.21
C MET H 35 11.40 39.08 12.83
N LEU H 36 12.63 39.26 12.37
CA LEU H 36 13.70 38.30 12.65
C LEU H 36 14.60 38.79 13.78
N GLU H 37 15.39 39.81 13.50
CA GLU H 37 16.32 40.36 14.49
C GLU H 37 15.83 41.72 15.00
N THR H 38 15.74 41.85 16.32
CA THR H 38 15.19 43.05 16.93
C THR H 38 16.01 43.48 18.15
N HIS H 39 15.95 44.76 18.50
CA HIS H 39 16.50 45.28 19.75
C HIS H 39 15.34 45.64 20.67
N VAL H 40 15.38 45.13 21.90
CA VAL H 40 14.28 45.31 22.86
C VAL H 40 13.96 46.78 23.12
N ALA H 41 14.94 47.65 22.91
CA ALA H 41 14.80 49.09 23.10
C ALA H 41 13.90 49.73 22.05
N GLN H 42 13.77 49.08 20.89
CA GLN H 42 13.00 49.64 19.77
C GLN H 42 11.79 48.77 19.37
N LEU H 43 11.53 47.72 20.14
CA LEU H 43 10.55 46.70 19.75
C LEU H 43 9.11 47.20 19.66
N LYS H 44 8.64 47.87 20.71
CA LYS H 44 7.26 48.37 20.76
C LYS H 44 6.96 49.42 19.68
N ALA H 45 7.95 50.23 19.34
CA ALA H 45 7.81 51.25 18.30
C ALA H 45 7.71 50.63 16.90
N LEU H 46 8.51 49.59 16.64
CA LEU H 46 8.55 48.94 15.34
C LEU H 46 7.28 48.16 15.04
N VAL H 47 6.88 47.30 15.97
CA VAL H 47 5.67 46.47 15.83
C VAL H 47 4.41 47.32 15.59
N LYS H 48 4.25 48.35 16.41
CA LYS H 48 3.11 49.27 16.34
C LYS H 48 3.05 50.05 15.02
N TYR H 49 4.22 50.39 14.47
CA TYR H 49 4.34 51.07 13.18
C TYR H 49 4.01 50.15 12.02
N ALA H 50 4.39 48.88 12.15
CA ALA H 50 4.09 47.86 11.15
C ALA H 50 2.60 47.57 11.13
N GLN H 51 1.99 47.58 12.33
CA GLN H 51 0.56 47.37 12.48
C GLN H 51 -0.24 48.59 12.01
N ALA H 52 0.36 49.77 12.12
CA ALA H 52 -0.21 51.00 11.57
C ALA H 52 -0.29 50.94 10.06
N GLY H 53 0.74 50.37 9.43
CA GLY H 53 0.79 50.18 7.99
C GLY H 53 0.03 48.97 7.52
N GLY H 54 -0.95 48.54 8.31
CA GLY H 54 -1.88 47.46 7.96
C GLY H 54 -1.28 46.08 7.80
N LYS H 55 -0.28 45.77 8.64
CA LYS H 55 0.37 44.47 8.58
C LYS H 55 0.30 43.73 9.91
N LYS H 56 0.30 42.41 9.83
CA LYS H 56 0.25 41.58 11.01
C LYS H 56 1.59 40.84 11.19
N VAL H 57 2.14 40.91 12.40
CA VAL H 57 3.54 40.57 12.65
C VAL H 57 3.74 39.20 13.30
N LEU H 58 4.67 38.43 12.75
CA LEU H 58 5.11 37.18 13.35
C LEU H 58 6.52 37.33 13.93
N LEU H 59 6.57 37.88 15.14
CA LEU H 59 7.83 38.25 15.79
C LEU H 59 8.61 37.05 16.32
N HIS H 60 9.91 37.03 16.04
CA HIS H 60 10.81 36.05 16.67
C HIS H 60 11.04 36.33 18.14
N ALA H 61 10.70 35.35 18.97
CA ALA H 61 10.93 35.46 20.41
C ALA H 61 12.40 35.20 20.75
N ASP H 62 13.12 34.57 19.82
CA ASP H 62 14.48 34.13 20.07
C ASP H 62 15.55 35.09 19.57
N LEU H 63 15.14 36.09 18.78
CA LEU H 63 16.07 37.00 18.12
C LEU H 63 15.91 38.46 18.56
N VAL H 64 15.38 38.65 19.77
CA VAL H 64 15.30 39.98 20.38
C VAL H 64 16.56 40.22 21.20
N ASN H 65 17.35 41.20 20.78
CA ASN H 65 18.53 41.60 21.54
C ASN H 65 18.12 42.34 22.80
N GLY H 66 18.68 41.92 23.94
CA GLY H 66 18.37 42.53 25.23
C GLY H 66 17.37 41.74 26.06
N LEU H 67 16.59 40.90 25.38
CA LEU H 67 15.50 40.16 26.02
C LEU H 67 15.71 38.66 25.92
N LYS H 68 15.24 37.92 26.92
CA LYS H 68 15.31 36.47 26.90
C LYS H 68 14.15 35.84 26.10
N ASN H 69 13.99 34.52 26.21
CA ASN H 69 12.80 33.83 25.70
C ASN H 69 12.10 33.09 26.85
N ASP H 70 12.21 33.67 28.05
CA ASP H 70 11.58 33.20 29.27
C ASP H 70 10.07 33.33 29.22
N ASP H 71 9.41 32.73 30.21
CA ASP H 71 7.98 32.97 30.43
C ASP H 71 7.74 34.46 30.64
N TYR H 72 8.59 35.08 31.48
CA TYR H 72 8.53 36.53 31.75
C TYR H 72 8.70 37.34 30.47
N ALA H 73 9.62 36.91 29.60
CA ALA H 73 9.84 37.54 28.31
C ALA H 73 8.66 37.32 27.35
N ILE H 74 8.05 36.13 27.41
CA ILE H 74 6.89 35.83 26.58
C ILE H 74 5.68 36.63 27.06
N ASP H 75 5.45 36.63 28.38
CA ASP H 75 4.46 37.50 29.04
C ASP H 75 4.57 38.96 28.57
N PHE H 76 5.83 39.41 28.40
CA PHE H 76 6.12 40.76 27.94
C PHE H 76 5.69 40.96 26.49
N LEU H 77 6.06 40.01 25.63
CA LEU H 77 5.70 40.06 24.20
C LEU H 77 4.20 40.00 23.97
N CYS H 78 3.47 39.42 24.92
CA CYS H 78 2.02 39.25 24.80
C CYS H 78 1.18 40.37 25.40
N THR H 79 1.64 40.95 26.51
CA THR H 79 0.84 41.94 27.25
C THR H 79 1.28 43.39 27.04
N GLU H 80 2.37 43.60 26.30
CA GLU H 80 2.86 44.95 26.04
C GLU H 80 3.26 45.18 24.60
N ILE H 81 3.94 44.20 24.01
CA ILE H 81 4.44 44.33 22.64
C ILE H 81 3.31 44.05 21.65
N CYS H 82 2.66 42.90 21.83
CA CYS H 82 1.57 42.42 20.98
C CYS H 82 1.85 42.38 19.48
N PRO H 83 2.58 41.34 19.01
CA PRO H 83 2.45 41.02 17.60
C PRO H 83 1.26 40.09 17.40
N ASP H 84 1.04 39.67 16.17
CA ASP H 84 -0.10 38.85 15.84
C ASP H 84 0.31 37.39 15.80
N GLY H 85 1.51 37.14 16.29
CA GLY H 85 2.09 35.80 16.36
C GLY H 85 3.52 35.88 16.86
N ILE H 86 3.93 34.86 17.59
CA ILE H 86 5.34 34.74 17.96
C ILE H 86 5.93 33.43 17.45
N ILE H 87 7.24 33.47 17.17
CA ILE H 87 7.99 32.35 16.63
C ILE H 87 9.08 31.96 17.63
N SER H 88 9.21 30.67 17.92
CA SER H 88 10.24 30.19 18.84
C SER H 88 10.65 28.74 18.61
N THR H 89 11.86 28.42 19.04
CA THR H 89 12.41 27.08 19.01
C THR H 89 12.24 26.40 20.38
N ARG H 90 11.81 27.18 21.36
CA ARG H 90 11.73 26.72 22.74
C ARG H 90 10.34 26.18 23.03
N GLY H 91 10.29 24.99 23.62
CA GLY H 91 9.03 24.33 23.96
C GLY H 91 8.22 25.08 24.99
N ASN H 92 8.92 25.72 25.93
CA ASN H 92 8.28 26.48 27.01
C ASN H 92 7.64 27.78 26.56
N ALA H 93 8.23 28.40 25.53
CA ALA H 93 7.74 29.68 25.00
C ALA H 93 6.42 29.51 24.27
N ILE H 94 6.30 28.40 23.55
CA ILE H 94 5.10 28.04 22.80
C ILE H 94 3.90 27.89 23.72
N MET H 95 4.13 27.19 24.83
CA MET H 95 3.10 26.91 25.83
C MET H 95 2.60 28.19 26.48
N LYS H 96 3.50 29.13 26.74
CA LYS H 96 3.13 30.39 27.37
C LYS H 96 2.41 31.33 26.40
N ALA H 97 2.70 31.20 25.11
CA ALA H 97 2.00 31.98 24.10
C ALA H 97 0.54 31.51 23.95
N LYS H 98 0.32 30.22 24.15
CA LYS H 98 -1.00 29.62 24.02
C LYS H 98 -1.92 30.02 25.18
N GLN H 99 -1.33 30.25 26.35
CA GLN H 99 -2.04 30.77 27.51
C GLN H 99 -2.60 32.15 27.25
N HIS H 100 -1.81 32.98 26.56
CA HIS H 100 -2.21 34.33 26.21
C HIS H 100 -2.97 34.37 24.89
N LYS H 101 -3.32 33.19 24.38
CA LYS H 101 -4.09 33.00 23.14
C LYS H 101 -3.44 33.68 21.93
N MET H 102 -2.11 33.60 21.87
CA MET H 102 -1.32 34.08 20.73
C MET H 102 -1.17 32.99 19.70
N LEU H 103 -0.95 33.40 18.45
CA LEU H 103 -0.52 32.48 17.41
C LEU H 103 0.88 32.02 17.78
N ALA H 104 0.98 30.78 18.22
CA ALA H 104 2.26 30.18 18.58
C ALA H 104 2.77 29.27 17.47
N ILE H 105 3.59 29.84 16.59
CA ILE H 105 4.25 29.05 15.54
C ILE H 105 5.63 28.60 16.02
N GLN H 106 5.84 27.28 16.00
CA GLN H 106 7.08 26.68 16.50
C GLN H 106 8.09 26.54 15.38
N ARG H 107 9.36 26.76 15.71
CA ARG H 107 10.44 26.63 14.75
C ARG H 107 11.22 25.34 14.99
N LEU H 108 11.54 24.64 13.90
CA LEU H 108 12.34 23.43 13.98
C LEU H 108 13.34 23.37 12.83
N PHE H 109 14.58 23.01 13.15
CA PHE H 109 15.65 22.91 12.17
C PHE H 109 15.91 21.45 11.80
N MET H 110 15.67 21.10 10.54
CA MET H 110 15.99 19.77 10.03
C MET H 110 17.50 19.63 9.78
N ILE H 111 18.23 19.40 10.88
CA ILE H 111 19.68 19.21 10.84
C ILE H 111 19.96 17.72 10.58
N ASP H 112 19.38 16.87 11.43
CA ASP H 112 19.54 15.42 11.34
C ASP H 112 18.32 14.71 11.94
N SER H 113 18.34 13.38 11.93
CA SER H 113 17.25 12.57 12.48
C SER H 113 17.06 12.80 13.97
N SER H 114 18.17 12.98 14.68
CA SER H 114 18.18 13.25 16.12
C SER H 114 17.45 14.55 16.48
N ALA H 115 17.56 15.55 15.61
CA ALA H 115 16.83 16.80 15.78
C ALA H 115 15.37 16.62 15.37
N TYR H 116 15.13 15.75 14.40
CA TYR H 116 13.78 15.46 13.91
C TYR H 116 12.94 14.67 14.92
N ASN H 117 13.55 13.64 15.51
CA ASN H 117 12.89 12.76 16.49
C ASN H 117 12.52 13.48 17.78
N LYS H 118 13.49 14.22 18.33
CA LYS H 118 13.29 15.10 19.48
C LYS H 118 12.31 16.21 19.11
N GLY H 119 12.37 16.67 17.86
CA GLY H 119 11.53 17.74 17.36
C GLY H 119 10.06 17.37 17.41
N VAL H 120 9.72 16.25 16.78
CA VAL H 120 8.34 15.76 16.76
C VAL H 120 7.83 15.36 18.15
N ALA H 121 8.74 14.95 19.03
CA ALA H 121 8.42 14.63 20.42
C ALA H 121 8.00 15.89 21.19
N LEU H 122 8.74 16.97 20.99
CA LEU H 122 8.45 18.26 21.61
C LEU H 122 7.18 18.90 21.02
N ILE H 123 7.03 18.80 19.69
CA ILE H 123 5.82 19.24 18.96
C ILE H 123 4.57 18.51 19.47
N GLN H 124 4.68 17.17 19.60
CA GLN H 124 3.63 16.35 20.18
C GLN H 124 3.31 16.75 21.63
N LYS H 125 4.36 17.06 22.40
CA LYS H 125 4.21 17.47 23.80
C LYS H 125 3.55 18.84 23.95
N VAL H 126 4.03 19.85 23.23
CA VAL H 126 3.54 21.22 23.46
C VAL H 126 2.41 21.68 22.55
N GLN H 127 2.20 20.97 21.44
CA GLN H 127 1.11 21.23 20.47
C GLN H 127 0.98 22.69 20.01
N PRO H 128 1.83 23.12 19.07
CA PRO H 128 1.77 24.51 18.64
C PRO H 128 0.61 24.78 17.67
N ASP H 129 0.24 26.06 17.53
CA ASP H 129 -0.71 26.49 16.51
C ASP H 129 -0.18 26.28 15.09
N CYS H 130 1.14 26.18 14.94
CA CYS H 130 1.78 26.05 13.63
C CYS H 130 3.23 25.59 13.80
N ILE H 131 3.84 25.08 12.73
CA ILE H 131 5.26 24.64 12.77
C ILE H 131 6.11 25.04 11.56
N GLU H 132 6.97 26.04 11.74
CA GLU H 132 7.92 26.47 10.70
C GLU H 132 9.08 25.48 10.59
N LEU H 133 9.32 24.99 9.37
CA LEU H 133 10.43 24.10 9.10
C LEU H 133 11.54 24.76 8.30
N LEU H 134 12.77 24.59 8.78
CA LEU H 134 13.96 25.12 8.13
C LEU H 134 14.98 24.01 7.93
N PRO H 135 15.64 23.94 6.75
CA PRO H 135 15.51 24.81 5.57
C PRO H 135 14.25 24.51 4.76
N GLY H 136 14.01 25.28 3.72
CA GLY H 136 12.77 25.15 2.94
C GLY H 136 12.84 24.28 1.70
N ILE H 137 14.06 23.88 1.33
CA ILE H 137 14.31 23.22 0.05
C ILE H 137 14.39 21.69 0.15
N ILE H 138 13.84 21.14 1.22
CA ILE H 138 13.62 19.71 1.34
C ILE H 138 12.12 19.47 1.45
N PRO H 139 11.43 19.32 0.30
CA PRO H 139 9.98 19.12 0.29
C PRO H 139 9.56 17.75 0.81
N GLU H 140 10.47 16.78 0.73
CA GLU H 140 10.23 15.40 1.13
C GLU H 140 10.02 15.27 2.64
N GLN H 141 10.82 15.99 3.42
CA GLN H 141 10.68 16.03 4.88
C GLN H 141 9.49 16.88 5.33
N VAL H 142 9.06 17.80 4.47
CA VAL H 142 7.87 18.64 4.69
C VAL H 142 6.59 17.80 4.54
N GLN H 143 6.61 16.89 3.56
CA GLN H 143 5.49 15.98 3.33
C GLN H 143 5.42 14.89 4.41
N LYS H 144 6.58 14.55 5.00
CA LYS H 144 6.63 13.67 6.16
C LYS H 144 5.88 14.27 7.35
N MET H 145 6.17 15.55 7.62
CA MET H 145 5.67 16.21 8.83
C MET H 145 4.19 16.59 8.83
N THR H 146 3.65 16.96 7.67
CA THR H 146 2.21 17.23 7.56
C THR H 146 1.41 15.94 7.69
N GLN H 147 1.98 14.84 7.17
CA GLN H 147 1.34 13.52 7.21
C GLN H 147 1.64 12.74 8.50
N LYS H 148 2.69 13.13 9.23
CA LYS H 148 2.92 12.55 10.56
C LYS H 148 1.98 13.16 11.57
N LEU H 149 1.81 14.47 11.48
CA LEU H 149 0.95 15.21 12.38
C LEU H 149 0.30 16.34 11.60
N HIS H 150 -1.02 16.41 11.61
CA HIS H 150 -1.73 17.39 10.77
C HIS H 150 -1.85 18.79 11.38
N ILE H 151 -0.72 19.30 11.87
CA ILE H 151 -0.53 20.70 12.19
C ILE H 151 0.17 21.31 10.98
N PRO H 152 -0.39 22.40 10.41
CA PRO H 152 0.12 22.94 9.15
C PRO H 152 1.53 23.53 9.27
N VAL H 153 2.37 23.30 8.26
CA VAL H 153 3.75 23.78 8.29
C VAL H 153 3.96 25.06 7.48
N ILE H 154 5.06 25.73 7.79
CA ILE H 154 5.60 26.82 6.97
C ILE H 154 7.00 26.41 6.56
N ALA H 155 7.35 26.66 5.30
CA ALA H 155 8.70 26.37 4.82
C ALA H 155 9.53 27.64 4.88
N GLY H 156 10.73 27.54 5.44
CA GLY H 156 11.58 28.70 5.61
C GLY H 156 13.03 28.45 5.29
N GLY H 157 13.71 29.46 4.76
CA GLY H 157 15.17 29.40 4.64
C GLY H 157 15.69 28.75 3.38
N LEU H 158 16.62 29.45 2.72
CA LEU H 158 17.27 29.01 1.48
C LEU H 158 16.36 28.92 0.25
N ILE H 159 15.24 29.64 0.28
CA ILE H 159 14.37 29.71 -0.89
C ILE H 159 14.96 30.72 -1.89
N GLU H 160 15.25 30.24 -3.09
CA GLU H 160 15.89 31.06 -4.13
C GLU H 160 15.01 31.28 -5.37
N THR H 161 14.32 30.23 -5.81
CA THR H 161 13.51 30.30 -7.03
C THR H 161 12.02 30.09 -6.77
N SER H 162 11.21 30.42 -7.77
CA SER H 162 9.76 30.20 -7.75
C SER H 162 9.42 28.71 -7.81
N GLU H 163 10.34 27.92 -8.38
CA GLU H 163 10.24 26.46 -8.41
C GLU H 163 10.08 25.89 -7.00
N GLN H 164 11.07 26.20 -6.17
CA GLN H 164 11.19 25.69 -4.79
C GLN H 164 10.08 26.16 -3.85
N VAL H 165 9.37 27.23 -4.24
CA VAL H 165 8.17 27.65 -3.53
C VAL H 165 7.04 26.66 -3.81
N ASN H 166 6.93 26.23 -5.06
CA ASN H 166 5.82 25.40 -5.50
C ASN H 166 5.85 23.94 -5.03
N GLN H 167 7.03 23.30 -5.09
CA GLN H 167 7.17 21.88 -4.72
C GLN H 167 6.81 21.68 -3.26
N VAL H 168 7.32 22.57 -2.42
CA VAL H 168 7.12 22.51 -0.98
C VAL H 168 5.69 22.86 -0.58
N ILE H 169 5.03 23.75 -1.34
CA ILE H 169 3.63 24.10 -1.12
C ILE H 169 2.73 22.94 -1.54
N ALA H 170 3.10 22.27 -2.63
CA ALA H 170 2.42 21.05 -3.07
C ALA H 170 2.69 19.86 -2.14
N SER H 171 3.73 19.98 -1.31
CA SER H 171 4.06 18.94 -0.32
C SER H 171 3.38 19.16 1.04
N GLY H 172 2.49 20.16 1.11
CA GLY H 172 1.66 20.37 2.30
C GLY H 172 1.84 21.65 3.07
N ALA H 173 2.75 22.51 2.61
CA ALA H 173 3.03 23.78 3.28
C ALA H 173 1.97 24.83 2.98
N ILE H 174 1.51 25.49 4.03
CA ILE H 174 0.47 26.51 3.93
C ILE H 174 1.08 27.86 3.48
N ALA H 175 2.31 28.11 3.89
CA ALA H 175 3.01 29.34 3.51
C ALA H 175 4.51 29.10 3.40
N VAL H 176 5.21 30.06 2.79
CA VAL H 176 6.66 30.03 2.73
C VAL H 176 7.26 31.35 3.24
N THR H 177 7.95 31.26 4.36
CA THR H 177 8.73 32.39 4.88
C THR H 177 10.07 32.43 4.17
N THR H 178 10.44 33.65 3.76
CA THR H 178 11.69 33.88 3.04
C THR H 178 12.09 35.35 3.14
N SER H 179 13.39 35.59 3.19
CA SER H 179 13.93 36.94 3.23
C SER H 179 14.51 37.35 1.88
N ASN H 180 14.56 36.37 0.96
CA ASN H 180 14.96 36.59 -0.43
C ASN H 180 14.10 37.66 -1.06
N LYS H 181 14.74 38.76 -1.46
CA LYS H 181 14.08 40.05 -1.60
C LYS H 181 13.12 40.19 -2.79
N HIS H 182 13.61 39.98 -4.01
CA HIS H 182 12.80 40.31 -5.19
C HIS H 182 11.80 39.25 -5.64
N LEU H 183 11.61 38.21 -4.83
CA LEU H 183 10.43 37.35 -4.98
C LEU H 183 9.36 37.65 -3.93
N TRP H 184 9.37 38.89 -3.44
CA TRP H 184 8.25 39.43 -2.67
C TRP H 184 7.26 40.08 -3.62
N GLU H 185 7.79 40.66 -4.70
CA GLU H 185 7.01 41.31 -5.76
C GLU H 185 6.65 40.31 -6.87
N GLY H 186 7.33 39.16 -6.87
CA GLY H 186 7.18 38.17 -7.93
C GLY H 186 5.89 37.36 -7.95
N HIS H 187 5.36 37.07 -6.76
CA HIS H 187 4.15 36.23 -6.64
C HIS H 187 2.92 37.10 -6.38
#